data_2JKA
#
_entry.id   2JKA
#
_cell.length_a   75.629
_cell.length_b   111.554
_cell.length_c   102.442
_cell.angle_alpha   90.00
_cell.angle_beta   100.85
_cell.angle_gamma   90.00
#
_symmetry.space_group_name_H-M   'P 1 21 1'
#
loop_
_entity.id
_entity.type
_entity.pdbx_description
1 polymer 'ALPHA-GLUCOSIDASE (ALPHA-GLUCOSIDASE SUSB)'
2 non-polymer 'CALCIUM ION'
3 non-polymer 1,2-ETHANEDIOL
4 water water
#
_entity_poly.entity_id   1
_entity_poly.type   'polypeptide(L)'
_entity_poly.pdbx_seq_one_letter_code
;MGSSHHHHHHQQKLTSPDNNLVMTFQVDSKGAPTYELTYKNKVVIKPSTLGLELKKEDNTRTDFDWVDRRDLTKLDSKTN
LYDGFEVKDTQTATFDETWQPVWGEEKEIRNHYNELAVTLYQPMNDRSIVIRFRLFNDGLGFRYEFPQQKSLNYFVIKEE
HSQFGMNGDHIAFWIPGDYDTQEYDYTISRLSEIRGLMKEAITPNSSQTPFSQTGVQTALMMKTDDGLYINLHEAALVDY
SCMHLNLDDKNMVFESWLTPDAKGDKGYMQTPCNTPWRTIIVSDDARNILASRITLNLNEPCKIADAASWVKPVKYIGVW
WDMITGKGSWAYTDELTSVKLGETDYSKTKPNGKHSANTANVKRYIDFAAAHGFDAVLVEGWNEGWEDWFGNSKDYVFDF
VTPYPDFDVKEIHRYAARKGIKMMMHHETSASVRNYERHMDKAYQFMADNGYNSVKSGYVGNIIPRGEHHYGQWMNNHYL
YAVKKAADYKIMVNAHEATRPTGICRTYPNLIGNESARGTEYESFGGNKVYHTTILPFTRLVGGPMDYTPGIFETHCNKM
NPANNSQVRSTIARQLALYVTMYSPLQMAADIPENYERFMDAFQFIKDVALDWDETNYLEAEPGEYITIARKAKDTDDWY
VGCTAGENGHTSKLVFDFLTPGKQYIATVYADAKDADWKENPQAYTIKKGILTNKSKLNLHAANGGGYAISIKEVKDKSE
AKGLKRL
;
_entity_poly.pdbx_strand_id   A,B
#
loop_
_chem_comp.id
_chem_comp.type
_chem_comp.name
_chem_comp.formula
CA non-polymer 'CALCIUM ION' 'Ca 2'
EDO non-polymer 1,2-ETHANEDIOL 'C2 H6 O2'
#
# COMPACT_ATOMS: atom_id res chain seq x y z
N GLN A 11 26.77 3.73 38.17
CA GLN A 11 25.59 4.59 38.51
C GLN A 11 25.73 6.07 38.12
N GLN A 12 24.74 6.59 37.40
N GLN A 12 24.80 6.58 37.32
CA GLN A 12 24.77 7.97 36.94
CA GLN A 12 24.77 8.00 37.02
C GLN A 12 23.47 8.74 37.31
C GLN A 12 23.52 8.66 37.60
N LYS A 13 23.62 9.94 37.87
CA LYS A 13 22.48 10.72 38.39
C LYS A 13 22.22 11.94 37.53
N LEU A 14 20.94 12.26 37.34
CA LEU A 14 20.53 13.45 36.63
C LEU A 14 19.42 14.12 37.44
N THR A 15 19.47 15.44 37.56
CA THR A 15 18.45 16.15 38.33
CA THR A 15 18.51 16.21 38.37
C THR A 15 17.79 17.26 37.53
N SER A 16 16.53 17.53 37.84
CA SER A 16 15.79 18.60 37.16
C SER A 16 16.41 19.96 37.52
N PRO A 17 16.24 20.99 36.66
CA PRO A 17 16.79 22.30 37.02
C PRO A 17 16.37 22.72 38.45
N ASP A 18 15.13 22.46 38.83
CA ASP A 18 14.64 22.94 40.13
C ASP A 18 15.16 22.02 41.27
N ASN A 19 15.70 20.87 40.90
CA ASN A 19 16.24 19.95 41.89
C ASN A 19 15.20 19.01 42.50
N ASN A 20 13.94 19.24 42.14
CA ASN A 20 12.91 18.37 42.68
C ASN A 20 12.88 16.93 42.11
N LEU A 21 13.39 16.72 40.90
CA LEU A 21 13.33 15.37 40.34
C LEU A 21 14.73 14.82 40.22
N VAL A 22 14.88 13.52 40.41
CA VAL A 22 16.16 12.87 40.16
C VAL A 22 15.99 11.54 39.44
N MET A 23 16.70 11.38 38.32
CA MET A 23 16.69 10.15 37.56
C MET A 23 18.05 9.51 37.79
N THR A 24 18.05 8.29 38.31
CA THR A 24 19.28 7.52 38.43
C THR A 24 19.33 6.42 37.37
N PHE A 25 20.46 6.35 36.67
CA PHE A 25 20.72 5.34 35.63
C PHE A 25 21.87 4.42 36.00
N GLN A 26 21.73 3.15 35.68
CA GLN A 26 22.84 2.23 35.82
C GLN A 26 22.69 1.03 34.93
N VAL A 27 23.81 0.39 34.66
CA VAL A 27 23.81 -0.89 34.00
C VAL A 27 24.01 -1.92 35.11
N ASP A 28 23.17 -2.94 35.18
CA ASP A 28 23.33 -3.95 36.23
C ASP A 28 24.38 -4.97 35.88
N SER A 29 24.41 -6.04 36.65
CA SER A 29 25.43 -7.08 36.49
C SER A 29 25.31 -7.83 35.14
N LYS A 30 24.09 -8.06 34.66
CA LYS A 30 23.90 -8.65 33.32
C LYS A 30 24.01 -7.64 32.17
N GLY A 31 24.54 -6.45 32.47
CA GLY A 31 24.66 -5.37 31.50
C GLY A 31 23.35 -4.80 30.94
N ALA A 32 22.25 -4.97 31.67
CA ALA A 32 20.96 -4.37 31.31
C ALA A 32 20.88 -2.96 31.85
N PRO A 33 20.50 -2.01 30.98
CA PRO A 33 20.31 -0.61 31.40
C PRO A 33 19.03 -0.44 32.18
N THR A 34 19.13 0.24 33.31
CA THR A 34 18.03 0.45 34.25
CA THR A 34 17.95 0.51 34.12
C THR A 34 17.93 1.94 34.59
N TYR A 35 16.71 2.43 34.84
CA TYR A 35 16.57 3.81 35.29
C TYR A 35 15.54 3.84 36.42
N GLU A 36 15.52 4.90 37.20
CA GLU A 36 14.42 5.07 38.15
C GLU A 36 14.30 6.56 38.35
N LEU A 37 13.17 6.99 38.91
CA LEU A 37 12.89 8.43 39.04
C LEU A 37 12.14 8.76 40.34
N THR A 38 12.62 9.78 41.03
CA THR A 38 11.95 10.27 42.22
C THR A 38 11.54 11.74 42.02
N TYR A 39 10.54 12.14 42.79
CA TYR A 39 9.96 13.47 42.74
C TYR A 39 9.73 13.91 44.18
N LYS A 40 10.35 15.02 44.55
CA LYS A 40 10.28 15.51 45.93
CA LYS A 40 10.31 15.52 45.92
C LYS A 40 10.53 14.36 46.90
N ASN A 41 11.59 13.60 46.61
CA ASN A 41 11.94 12.40 47.39
C ASN A 41 10.91 11.29 47.44
N LYS A 42 9.90 11.34 46.58
CA LYS A 42 9.00 10.20 46.49
C LYS A 42 9.30 9.39 45.22
N VAL A 43 9.17 8.07 45.29
CA VAL A 43 9.48 7.23 44.12
C VAL A 43 8.34 7.38 43.11
N VAL A 44 8.69 7.67 41.86
CA VAL A 44 7.69 7.77 40.79
C VAL A 44 7.81 6.54 39.90
N ILE A 45 9.02 6.32 39.41
CA ILE A 45 9.36 5.09 38.68
C ILE A 45 10.36 4.24 39.51
N LYS A 46 9.99 3.02 39.85
CA LYS A 46 10.93 2.10 40.50
C LYS A 46 11.96 1.58 39.49
N PRO A 47 13.09 0.98 39.97
CA PRO A 47 14.05 0.49 38.96
C PRO A 47 13.36 -0.25 37.78
N SER A 48 13.67 0.17 36.55
CA SER A 48 12.95 -0.28 35.35
C SER A 48 13.93 -0.51 34.20
N THR A 49 13.81 -1.63 33.48
CA THR A 49 14.84 -1.85 32.47
CA THR A 49 14.69 -2.03 32.35
C THR A 49 14.46 -1.16 31.13
N LEU A 50 15.49 -0.95 30.31
CA LEU A 50 15.34 -0.35 28.98
C LEU A 50 16.05 -1.24 27.98
N GLY A 51 15.51 -1.37 26.78
CA GLY A 51 16.12 -2.24 25.79
C GLY A 51 15.12 -2.67 24.74
N LEU A 52 15.63 -3.35 23.71
CA LEU A 52 14.79 -3.88 22.65
CA LEU A 52 14.79 -3.89 22.67
C LEU A 52 15.24 -5.30 22.30
N GLU A 53 14.30 -6.12 21.82
CA GLU A 53 14.65 -7.36 21.14
C GLU A 53 14.42 -7.24 19.63
N LEU A 54 15.38 -7.71 18.86
CA LEU A 54 15.32 -7.58 17.41
C LEU A 54 14.84 -8.90 16.76
N LYS A 55 14.30 -8.81 15.56
CA LYS A 55 13.89 -10.00 14.84
C LYS A 55 15.16 -10.74 14.39
N LYS A 56 15.14 -12.07 14.48
CA LYS A 56 16.25 -12.87 13.95
C LYS A 56 16.39 -12.72 12.42
N GLU A 57 17.61 -12.56 11.91
CA GLU A 57 17.82 -12.49 10.43
C GLU A 57 17.45 -13.77 9.67
N LEU A 75 22.23 -15.70 13.35
CA LEU A 75 22.88 -15.50 14.65
C LEU A 75 21.88 -15.01 15.71
N ASP A 76 21.89 -15.72 16.83
CA ASP A 76 21.03 -15.48 17.98
C ASP A 76 21.40 -14.23 18.78
N SER A 77 22.70 -13.99 19.01
CA SER A 77 23.08 -12.88 19.90
C SER A 77 22.73 -11.50 19.33
N LYS A 78 22.68 -11.40 18.00
CA LYS A 78 22.23 -10.15 17.36
C LYS A 78 20.78 -9.77 17.72
N THR A 79 19.98 -10.74 18.15
CA THR A 79 18.60 -10.39 18.50
C THR A 79 18.50 -9.62 19.83
N ASN A 80 19.59 -9.66 20.58
CA ASN A 80 19.66 -9.06 21.90
C ASN A 80 20.14 -7.59 21.80
N LEU A 81 19.20 -6.64 21.94
CA LEU A 81 19.58 -5.25 22.14
C LEU A 81 19.07 -4.79 23.52
N TYR A 82 19.10 -5.68 24.50
CA TYR A 82 18.61 -5.35 25.84
C TYR A 82 19.57 -5.59 27.00
N ASP A 83 20.53 -6.49 26.85
CA ASP A 83 21.58 -6.52 27.88
C ASP A 83 22.97 -6.84 27.32
N GLY A 84 23.94 -7.01 28.22
CA GLY A 84 25.34 -7.23 27.81
C GLY A 84 25.98 -5.94 27.35
N PHE A 85 25.49 -4.82 27.87
CA PHE A 85 26.03 -3.51 27.53
C PHE A 85 27.05 -3.07 28.58
N GLU A 86 27.96 -2.19 28.17
CA GLU A 86 28.77 -1.44 29.13
C GLU A 86 28.76 0.04 28.72
N VAL A 87 28.78 0.91 29.71
CA VAL A 87 28.89 2.35 29.50
C VAL A 87 30.23 2.75 28.87
N LYS A 88 30.21 3.20 27.62
CA LYS A 88 31.44 3.59 26.96
C LYS A 88 31.69 5.09 27.09
N ASP A 89 30.62 5.86 27.21
CA ASP A 89 30.74 7.30 27.31
C ASP A 89 29.48 7.93 27.92
N THR A 90 29.65 9.08 28.57
CA THR A 90 28.48 9.90 28.95
C THR A 90 28.68 11.38 28.62
N GLN A 91 27.61 12.05 28.22
CA GLN A 91 27.68 13.49 28.03
C GLN A 91 26.48 14.10 28.68
N THR A 92 26.66 15.31 29.21
CA THR A 92 25.60 16.05 29.88
C THR A 92 25.48 17.42 29.20
N ALA A 93 24.34 18.06 29.36
CA ALA A 93 24.10 19.34 28.74
C ALA A 93 22.87 19.92 29.38
N THR A 94 22.73 21.25 29.24
CA THR A 94 21.56 21.96 29.71
C THR A 94 21.05 22.75 28.55
N PHE A 95 19.73 22.72 28.34
CA PHE A 95 19.08 23.48 27.30
C PHE A 95 18.07 24.41 27.95
N ASP A 96 18.00 25.66 27.48
CA ASP A 96 17.03 26.61 28.02
C ASP A 96 16.72 27.67 26.97
N GLU A 97 15.67 27.44 26.18
CA GLU A 97 15.31 28.36 25.11
C GLU A 97 13.80 28.39 24.99
N THR A 98 13.26 29.54 24.61
CA THR A 98 11.83 29.74 24.51
CA THR A 98 11.83 29.74 24.48
C THR A 98 11.45 29.79 23.02
N TRP A 99 10.28 29.25 22.67
CA TRP A 99 9.92 29.25 21.26
C TRP A 99 8.45 29.57 21.20
N GLN A 100 7.99 29.93 20.01
CA GLN A 100 6.58 30.26 19.82
C GLN A 100 5.88 29.35 18.85
N PRO A 101 4.81 28.70 19.31
CA PRO A 101 4.02 27.85 18.42
C PRO A 101 3.23 28.72 17.48
N VAL A 102 2.88 28.17 16.32
CA VAL A 102 2.07 28.92 15.40
C VAL A 102 0.69 29.15 16.03
N TRP A 103 0.19 28.17 16.77
CA TRP A 103 -1.08 28.31 17.48
C TRP A 103 -0.93 27.52 18.75
N GLY A 104 -1.60 27.92 19.83
CA GLY A 104 -1.44 27.19 21.08
C GLY A 104 -2.20 27.68 22.30
N GLU A 105 -1.87 27.13 23.46
CA GLU A 105 -2.51 27.56 24.70
C GLU A 105 -1.81 28.82 25.26
N GLU A 106 -0.62 29.13 24.75
CA GLU A 106 0.07 30.34 25.20
C GLU A 106 0.93 30.82 24.07
N LYS A 107 1.40 32.06 24.16
CA LYS A 107 2.18 32.64 23.08
C LYS A 107 3.57 32.03 22.94
N GLU A 108 4.17 31.73 24.09
CA GLU A 108 5.56 31.33 24.16
C GLU A 108 5.70 30.12 25.08
N ILE A 109 6.56 29.17 24.70
CA ILE A 109 6.77 27.96 25.48
C ILE A 109 8.25 27.88 25.83
N ARG A 110 8.56 27.66 27.11
CA ARG A 110 9.95 27.48 27.53
C ARG A 110 10.36 25.98 27.50
N ASN A 111 11.51 25.71 26.88
CA ASN A 111 12.03 24.34 26.74
C ASN A 111 13.31 24.28 27.59
N HIS A 112 13.19 23.82 28.83
CA HIS A 112 14.28 23.95 29.81
C HIS A 112 14.56 22.61 30.48
N TYR A 113 15.71 22.01 30.21
CA TYR A 113 15.98 20.68 30.74
C TYR A 113 17.48 20.45 31.01
N ASN A 114 17.75 19.48 31.88
CA ASN A 114 19.09 18.94 31.99
C ASN A 114 19.11 17.59 31.29
N GLU A 115 20.19 17.34 30.54
CA GLU A 115 20.32 16.13 29.71
C GLU A 115 21.48 15.25 30.13
N LEU A 116 21.23 13.94 30.07
CA LEU A 116 22.28 12.89 30.12
C LEU A 116 22.16 11.98 28.89
N ALA A 117 23.26 11.83 28.16
CA ALA A 117 23.35 10.89 27.06
C ALA A 117 24.37 9.83 27.46
N VAL A 118 23.98 8.57 27.32
CA VAL A 118 24.86 7.45 27.70
CA VAL A 118 24.80 7.43 27.72
C VAL A 118 25.05 6.57 26.48
N THR A 119 26.33 6.42 26.10
CA THR A 119 26.73 5.53 25.02
C THR A 119 26.98 4.13 25.62
N LEU A 120 26.24 3.15 25.12
CA LEU A 120 26.28 1.80 25.62
C LEU A 120 26.82 0.84 24.55
N TYR A 121 27.86 0.10 24.89
CA TYR A 121 28.51 -0.76 23.91
C TYR A 121 28.30 -2.22 24.29
N GLN A 122 28.05 -3.04 23.28
CA GLN A 122 27.70 -4.44 23.48
C GLN A 122 28.84 -5.28 22.85
N PRO A 123 29.80 -5.70 23.68
CA PRO A 123 30.94 -6.43 23.11
C PRO A 123 30.53 -7.65 22.24
N MET A 124 29.59 -8.48 22.70
CA MET A 124 29.25 -9.69 21.94
C MET A 124 28.77 -9.38 20.54
N ASN A 125 28.30 -8.15 20.30
CA ASN A 125 27.77 -7.80 18.97
C ASN A 125 28.56 -6.67 18.32
N ASP A 126 29.58 -6.21 19.02
CA ASP A 126 30.39 -5.14 18.51
C ASP A 126 29.54 -3.99 18.00
N ARG A 127 28.58 -3.55 18.81
CA ARG A 127 27.69 -2.44 18.37
C ARG A 127 27.26 -1.58 19.56
N SER A 128 26.82 -0.36 19.25
CA SER A 128 26.56 0.64 20.27
C SER A 128 25.22 1.30 20.03
N ILE A 129 24.55 1.65 21.13
CA ILE A 129 23.39 2.52 21.06
C ILE A 129 23.61 3.66 22.06
N VAL A 130 22.75 4.68 21.99
CA VAL A 130 22.74 5.75 22.97
C VAL A 130 21.33 5.81 23.58
N ILE A 131 21.25 5.96 24.90
CA ILE A 131 20.00 6.32 25.56
C ILE A 131 20.11 7.79 26.02
N ARG A 132 19.23 8.65 25.49
CA ARG A 132 19.24 10.07 25.87
C ARG A 132 18.09 10.36 26.86
N PHE A 133 18.42 11.01 27.98
CA PHE A 133 17.47 11.43 29.02
C PHE A 133 17.41 12.95 29.09
N ARG A 134 16.21 13.49 29.11
CA ARG A 134 16.02 14.92 29.32
C ARG A 134 15.09 15.05 30.52
N LEU A 135 15.55 15.76 31.54
CA LEU A 135 14.79 15.90 32.77
C LEU A 135 14.41 17.38 32.98
N PHE A 136 13.10 17.58 33.03
CA PHE A 136 12.42 18.86 33.20
C PHE A 136 11.89 18.95 34.63
N ASN A 137 11.45 20.14 35.04
CA ASN A 137 10.91 20.31 36.38
C ASN A 137 9.60 19.55 36.50
N ASP A 138 8.97 19.23 35.36
CA ASP A 138 7.71 18.50 35.44
C ASP A 138 7.77 17.07 34.84
N GLY A 139 8.98 16.58 34.55
CA GLY A 139 9.10 15.16 34.23
C GLY A 139 10.28 14.79 33.38
N LEU A 140 10.29 13.53 32.96
CA LEU A 140 11.42 12.93 32.25
C LEU A 140 11.01 12.42 30.87
N GLY A 141 11.88 12.65 29.90
CA GLY A 141 11.76 12.02 28.57
C GLY A 141 13.00 11.21 28.28
N PHE A 142 12.84 10.04 27.68
CA PHE A 142 14.00 9.25 27.27
C PHE A 142 13.72 8.65 25.90
N ARG A 143 14.79 8.41 25.13
CA ARG A 143 14.66 7.69 23.84
C ARG A 143 15.93 6.89 23.54
N TYR A 144 15.83 6.00 22.56
CA TYR A 144 17.00 5.26 22.13
C TYR A 144 17.47 5.80 20.80
N GLU A 145 18.79 5.84 20.63
CA GLU A 145 19.40 6.28 19.37
C GLU A 145 20.31 5.20 18.84
N PHE A 146 20.24 4.97 17.53
CA PHE A 146 20.98 3.88 16.89
C PHE A 146 21.89 4.49 15.83
N PRO A 147 23.14 4.80 16.19
CA PRO A 147 24.08 5.37 15.23
C PRO A 147 24.38 4.47 14.03
N GLN A 148 24.64 5.07 12.87
CA GLN A 148 25.17 4.35 11.75
C GLN A 148 26.55 3.78 12.15
N GLN A 149 26.80 2.53 11.81
CA GLN A 149 28.02 1.86 12.20
C GLN A 149 28.12 0.53 11.48
N LYS A 150 29.31 -0.04 11.54
CA LYS A 150 29.63 -1.24 10.80
C LYS A 150 28.63 -2.37 11.04
N SER A 151 28.16 -2.53 12.26
CA SER A 151 27.33 -3.69 12.61
C SER A 151 25.92 -3.41 13.13
N LEU A 152 25.38 -2.25 12.77
CA LEU A 152 23.97 -2.02 13.00
C LEU A 152 23.51 -1.11 11.90
N ASN A 153 22.80 -1.66 10.93
CA ASN A 153 22.32 -0.89 9.81
CA ASN A 153 22.31 -0.80 9.88
C ASN A 153 20.83 -1.06 9.56
N TYR A 154 20.49 -2.13 8.85
CA TYR A 154 19.07 -2.53 8.76
C TYR A 154 18.76 -3.50 9.87
N PHE A 155 17.65 -3.24 10.58
CA PHE A 155 17.18 -4.17 11.61
C PHE A 155 15.68 -4.04 11.80
N VAL A 156 15.08 -5.10 12.32
CA VAL A 156 13.65 -5.14 12.56
C VAL A 156 13.43 -5.36 14.05
N ILE A 157 12.56 -4.55 14.65
CA ILE A 157 12.23 -4.69 16.07
C ILE A 157 11.19 -5.78 16.31
N LYS A 158 11.52 -6.72 17.18
CA LYS A 158 10.55 -7.70 17.63
CA LYS A 158 10.54 -7.70 17.63
C LYS A 158 9.65 -7.14 18.74
N GLU A 159 10.29 -6.62 19.79
CA GLU A 159 9.58 -5.88 20.85
C GLU A 159 10.50 -4.85 21.45
N GLU A 160 9.92 -3.71 21.85
CA GLU A 160 10.62 -2.78 22.72
C GLU A 160 10.35 -3.22 24.16
N HIS A 161 11.36 -3.11 25.01
CA HIS A 161 11.21 -3.51 26.40
C HIS A 161 11.49 -2.30 27.31
N SER A 162 10.75 -1.20 27.10
CA SER A 162 10.86 -0.03 27.99
C SER A 162 9.85 -0.16 29.12
N GLN A 163 10.35 -0.23 30.36
CA GLN A 163 9.48 -0.39 31.51
C GLN A 163 9.22 0.91 32.26
N PHE A 164 8.11 0.90 32.97
CA PHE A 164 7.74 1.97 33.88
C PHE A 164 7.16 1.27 35.12
N GLY A 165 8.02 0.99 36.09
CA GLY A 165 7.58 0.31 37.32
C GLY A 165 6.95 1.29 38.28
N MET A 166 5.70 1.02 38.64
CA MET A 166 4.91 1.85 39.55
C MET A 166 5.19 1.52 41.01
N ASN A 167 5.03 2.53 41.86
CA ASN A 167 5.34 2.30 43.26
C ASN A 167 4.13 1.90 44.08
N GLY A 168 3.01 1.59 43.43
CA GLY A 168 1.78 1.30 44.15
C GLY A 168 0.66 1.00 43.18
N ASP A 169 -0.43 0.48 43.71
CA ASP A 169 -1.62 0.18 42.97
C ASP A 169 -2.46 1.47 42.76
N HIS A 170 -1.96 2.30 41.85
CA HIS A 170 -2.52 3.63 41.59
C HIS A 170 -3.91 3.60 41.03
N ILE A 171 -4.58 4.75 41.09
CA ILE A 171 -5.82 4.93 40.37
C ILE A 171 -5.41 5.29 38.94
N ALA A 172 -6.03 4.64 37.95
CA ALA A 172 -5.72 4.97 36.56
C ALA A 172 -6.97 5.40 35.80
N PHE A 173 -6.76 6.22 34.78
CA PHE A 173 -7.84 6.63 33.91
C PHE A 173 -7.43 6.12 32.54
N TRP A 174 -8.12 5.11 32.05
CA TRP A 174 -7.56 4.33 30.96
C TRP A 174 -8.60 3.88 29.95
N ILE A 175 -8.16 3.73 28.70
CA ILE A 175 -8.91 2.96 27.69
C ILE A 175 -8.17 1.69 27.22
N PRO A 176 -8.90 0.68 26.73
CA PRO A 176 -8.28 -0.57 26.29
C PRO A 176 -7.12 -0.36 25.26
N GLY A 177 -5.97 -1.01 25.48
CA GLY A 177 -4.93 -1.09 24.45
C GLY A 177 -5.54 -1.71 23.19
N ASP A 178 -5.30 -1.08 22.05
CA ASP A 178 -6.01 -1.51 20.84
C ASP A 178 -5.18 -0.97 19.67
N TYR A 179 -5.02 -1.78 18.62
CA TYR A 179 -4.19 -1.40 17.50
C TYR A 179 -4.98 -0.58 16.50
N ASP A 180 -6.30 -0.46 16.74
CA ASP A 180 -7.19 0.01 15.68
C ASP A 180 -8.14 1.12 16.03
N THR A 181 -8.55 1.23 17.30
CA THR A 181 -9.41 2.36 17.71
C THR A 181 -9.03 2.89 19.05
N GLN A 182 -9.39 4.16 19.28
CA GLN A 182 -9.30 4.74 20.62
C GLN A 182 -10.65 5.31 21.02
N GLU A 183 -11.70 4.90 20.29
CA GLU A 183 -13.03 5.51 20.48
C GLU A 183 -13.82 4.87 21.64
N TYR A 184 -13.12 4.60 22.73
CA TYR A 184 -13.68 4.00 23.92
C TYR A 184 -13.93 5.07 25.02
N ASP A 185 -14.95 4.82 25.86
CA ASP A 185 -15.12 5.58 27.08
C ASP A 185 -14.02 5.18 28.05
N TYR A 186 -13.61 6.13 28.88
CA TYR A 186 -12.59 5.86 29.91
C TYR A 186 -13.14 5.04 31.05
N THR A 187 -12.23 4.36 31.75
CA THR A 187 -12.58 3.67 32.97
C THR A 187 -11.68 4.25 34.04
N ILE A 188 -12.23 4.40 35.25
CA ILE A 188 -11.44 4.86 36.39
C ILE A 188 -11.36 3.71 37.40
N SER A 189 -10.15 3.23 37.64
CA SER A 189 -10.00 2.09 38.50
C SER A 189 -8.58 1.99 39.00
N ARG A 190 -8.41 1.12 39.97
CA ARG A 190 -7.11 0.73 40.45
C ARG A 190 -6.39 -0.07 39.35
N LEU A 191 -5.07 -0.12 39.43
CA LEU A 191 -4.31 -0.92 38.49
C LEU A 191 -4.66 -2.40 38.59
N SER A 192 -4.90 -2.87 39.81
CA SER A 192 -5.31 -4.25 40.08
C SER A 192 -6.73 -4.58 39.59
N GLU A 193 -7.50 -3.56 39.23
CA GLU A 193 -8.87 -3.76 38.78
C GLU A 193 -9.02 -3.77 37.25
N ILE A 194 -7.96 -3.41 36.55
CA ILE A 194 -8.03 -3.30 35.10
C ILE A 194 -8.41 -4.62 34.43
N ARG A 195 -7.71 -5.68 34.80
CA ARG A 195 -8.01 -7.02 34.28
C ARG A 195 -9.50 -7.40 34.33
N GLY A 196 -10.12 -7.25 35.50
CA GLY A 196 -11.53 -7.61 35.68
C GLY A 196 -12.46 -6.67 34.91
N LEU A 197 -11.98 -5.47 34.59
CA LEU A 197 -12.84 -4.52 33.89
C LEU A 197 -12.65 -4.47 32.36
N MET A 198 -11.57 -5.06 31.84
CA MET A 198 -11.25 -5.01 30.39
C MET A 198 -12.40 -5.51 29.51
N LYS A 199 -12.96 -6.66 29.86
CA LYS A 199 -14.09 -7.18 29.07
C LYS A 199 -15.23 -6.17 28.90
N GLU A 200 -15.70 -5.56 29.97
CA GLU A 200 -16.75 -4.57 29.77
C GLU A 200 -16.25 -3.25 29.16
N ALA A 201 -14.97 -2.92 29.35
CA ALA A 201 -14.43 -1.67 28.78
C ALA A 201 -14.31 -1.73 27.24
N ILE A 202 -14.20 -2.94 26.70
CA ILE A 202 -14.13 -3.08 25.26
C ILE A 202 -15.53 -3.18 24.63
N THR A 203 -16.05 -2.04 24.20
CA THR A 203 -17.33 -1.98 23.53
C THR A 203 -17.13 -2.13 22.01
N PRO A 204 -18.22 -2.40 21.26
CA PRO A 204 -18.09 -2.74 19.84
C PRO A 204 -17.63 -1.58 18.96
N ASN A 205 -16.79 -1.87 17.96
CA ASN A 205 -16.33 -0.83 17.05
C ASN A 205 -16.11 -1.44 15.67
N SER A 206 -16.17 -0.63 14.61
CA SER A 206 -15.98 -1.15 13.25
CA SER A 206 -15.97 -1.12 13.24
CA SER A 206 -15.98 -1.12 13.24
C SER A 206 -14.59 -1.73 13.01
N SER A 207 -13.60 -1.28 13.76
CA SER A 207 -12.23 -1.79 13.62
C SER A 207 -11.57 -1.71 14.97
N GLN A 208 -11.20 -2.85 15.53
CA GLN A 208 -10.66 -2.84 16.87
C GLN A 208 -9.85 -4.10 17.01
N THR A 209 -8.65 -3.97 17.56
CA THR A 209 -7.84 -5.15 17.89
C THR A 209 -7.18 -4.96 19.25
N PRO A 210 -7.89 -5.28 20.32
CA PRO A 210 -7.33 -5.29 21.65
C PRO A 210 -6.19 -6.31 21.72
N PHE A 211 -5.19 -6.11 22.58
CA PHE A 211 -4.09 -7.05 22.53
C PHE A 211 -3.84 -7.77 23.84
N SER A 212 -4.44 -7.31 24.94
CA SER A 212 -4.17 -7.87 26.25
C SER A 212 -5.28 -7.54 27.25
N GLN A 213 -5.57 -8.49 28.14
CA GLN A 213 -6.45 -8.24 29.27
C GLN A 213 -5.98 -7.14 30.24
N THR A 214 -4.70 -6.77 30.16
CA THR A 214 -4.21 -5.65 30.97
C THR A 214 -3.47 -4.65 30.08
N GLY A 215 -3.87 -4.59 28.80
CA GLY A 215 -3.25 -3.61 27.89
C GLY A 215 -4.03 -2.30 27.92
N VAL A 216 -3.33 -1.17 28.01
CA VAL A 216 -3.97 0.17 27.96
C VAL A 216 -3.25 1.10 26.96
N GLN A 217 -3.92 2.16 26.52
CA GLN A 217 -3.27 3.09 25.60
C GLN A 217 -2.61 4.24 26.34
N THR A 218 -1.77 4.98 25.63
CA THR A 218 -1.22 6.23 26.13
C THR A 218 -1.90 7.39 25.36
N ALA A 219 -1.88 8.60 25.91
CA ALA A 219 -1.36 8.86 27.27
C ALA A 219 -2.21 8.26 28.39
N LEU A 220 -1.55 7.70 29.41
CA LEU A 220 -2.21 7.07 30.54
C LEU A 220 -2.08 8.02 31.71
N MET A 221 -3.20 8.28 32.39
CA MET A 221 -3.17 9.24 33.51
C MET A 221 -3.34 8.45 34.81
N MET A 222 -2.55 8.78 35.83
CA MET A 222 -2.69 8.11 37.12
CA MET A 222 -2.67 8.12 37.12
C MET A 222 -2.65 9.09 38.30
N LYS A 223 -3.36 8.72 39.37
CA LYS A 223 -3.34 9.45 40.64
C LYS A 223 -2.89 8.48 41.75
N THR A 224 -1.79 8.81 42.44
CA THR A 224 -1.29 7.93 43.49
C THR A 224 -1.84 8.25 44.89
N ASP A 225 -1.83 7.25 45.76
CA ASP A 225 -2.29 7.41 47.14
C ASP A 225 -1.42 8.40 47.91
N ASP A 226 -0.18 8.62 47.48
CA ASP A 226 0.68 9.59 48.20
CA ASP A 226 0.73 9.56 48.15
C ASP A 226 0.68 10.96 47.54
N GLY A 227 -0.39 11.25 46.79
CA GLY A 227 -0.63 12.60 46.29
C GLY A 227 0.04 13.04 45.01
N LEU A 228 0.58 12.10 44.22
CA LEU A 228 1.17 12.48 42.95
C LEU A 228 0.20 12.25 41.77
N TYR A 229 0.50 12.93 40.67
CA TYR A 229 -0.20 12.72 39.43
C TYR A 229 0.86 12.31 38.43
N ILE A 230 0.63 11.17 37.76
CA ILE A 230 1.60 10.64 36.79
C ILE A 230 0.95 10.39 35.44
N ASN A 231 1.61 10.86 34.39
CA ASN A 231 1.17 10.64 33.03
C ASN A 231 2.25 9.91 32.23
N LEU A 232 1.89 8.85 31.53
CA LEU A 232 2.85 8.05 30.74
C LEU A 232 2.41 8.13 29.30
N HIS A 233 3.33 8.51 28.41
CA HIS A 233 3.01 8.85 27.02
C HIS A 233 4.28 8.77 26.16
N GLU A 234 4.19 9.13 24.89
CA GLU A 234 5.37 9.18 24.04
C GLU A 234 5.30 10.49 23.25
N ALA A 235 6.42 10.86 22.64
CA ALA A 235 6.50 12.10 21.87
C ALA A 235 7.30 11.90 20.60
N ALA A 236 6.87 12.56 19.51
CA ALA A 236 7.52 12.48 18.20
C ALA A 236 7.47 11.05 17.64
N LEU A 237 6.25 10.52 17.53
CA LEU A 237 6.03 9.17 16.96
C LEU A 237 6.20 9.24 15.45
N VAL A 238 7.46 9.13 14.96
CA VAL A 238 7.82 9.30 13.54
C VAL A 238 8.65 8.06 13.09
N ASP A 239 8.29 7.47 11.95
CA ASP A 239 9.05 6.34 11.36
C ASP A 239 9.16 5.22 12.36
N TYR A 240 8.06 4.89 13.02
CA TYR A 240 8.11 4.00 14.11
C TYR A 240 6.69 3.57 14.44
N SER A 241 6.55 2.44 15.12
CA SER A 241 5.22 1.95 15.50
C SER A 241 4.66 2.54 16.78
N CYS A 242 3.34 2.75 16.82
CA CYS A 242 2.67 3.29 18.03
C CYS A 242 2.87 2.44 19.30
N MET A 243 3.21 3.12 20.40
CA MET A 243 3.41 2.46 21.68
C MET A 243 2.13 2.44 22.49
N HIS A 244 1.73 1.24 22.88
CA HIS A 244 0.78 1.07 23.96
C HIS A 244 1.51 0.59 25.22
N LEU A 245 0.77 0.34 26.29
CA LEU A 245 1.37 -0.19 27.52
C LEU A 245 0.68 -1.44 27.97
N ASN A 246 1.47 -2.45 28.32
CA ASN A 246 0.94 -3.69 28.86
C ASN A 246 1.29 -3.73 30.32
N LEU A 247 0.27 -3.90 31.16
CA LEU A 247 0.46 -3.93 32.60
C LEU A 247 0.69 -5.35 33.09
N ASP A 248 1.79 -5.47 33.83
CA ASP A 248 2.06 -6.62 34.67
C ASP A 248 1.36 -6.30 35.99
N ASP A 249 0.17 -6.88 36.24
CA ASP A 249 -0.63 -6.42 37.37
C ASP A 249 -0.30 -7.13 38.68
N LYS A 250 0.68 -8.05 38.63
CA LYS A 250 1.23 -8.69 39.83
C LYS A 250 2.35 -7.84 40.42
N ASN A 251 3.08 -7.13 39.59
CA ASN A 251 4.22 -6.34 40.05
CA ASN A 251 4.12 -6.32 40.18
C ASN A 251 4.03 -4.83 39.80
N MET A 252 2.92 -4.49 39.16
CA MET A 252 2.60 -3.10 38.83
C MET A 252 3.70 -2.45 37.99
N VAL A 253 4.06 -3.12 36.90
CA VAL A 253 5.05 -2.60 35.98
C VAL A 253 4.37 -2.50 34.62
N PHE A 254 4.35 -1.31 34.04
CA PHE A 254 3.91 -1.15 32.66
C PHE A 254 5.10 -1.40 31.74
N GLU A 255 4.83 -1.94 30.55
CA GLU A 255 5.90 -2.09 29.58
C GLU A 255 5.43 -1.69 28.21
N SER A 256 6.33 -1.06 27.46
CA SER A 256 6.06 -0.69 26.08
C SER A 256 5.61 -1.92 25.28
N TRP A 257 4.48 -1.79 24.59
CA TRP A 257 3.93 -2.84 23.72
C TRP A 257 3.61 -2.16 22.38
N LEU A 258 4.46 -2.42 21.39
CA LEU A 258 4.31 -1.75 20.10
C LEU A 258 3.26 -2.44 19.21
N THR A 259 2.78 -1.72 18.20
CA THR A 259 1.75 -2.24 17.30
C THR A 259 2.40 -3.06 16.15
N PRO A 260 1.97 -4.29 15.98
CA PRO A 260 2.57 -5.17 14.97
C PRO A 260 2.09 -4.89 13.55
N ASP A 261 2.91 -5.26 12.58
CA ASP A 261 2.52 -5.17 11.20
C ASP A 261 1.76 -6.43 10.78
N ALA A 262 1.51 -6.58 9.48
CA ALA A 262 0.72 -7.72 9.03
C ALA A 262 1.42 -9.07 9.30
N LYS A 263 2.73 -9.06 9.52
CA LYS A 263 3.46 -10.32 9.85
C LYS A 263 3.83 -10.44 11.32
N GLY A 264 3.38 -9.49 12.14
CA GLY A 264 3.65 -9.59 13.56
C GLY A 264 4.89 -8.83 13.99
N ASP A 265 5.60 -8.21 13.04
CA ASP A 265 6.81 -7.46 13.39
C ASP A 265 6.48 -6.04 13.88
N LYS A 266 7.43 -5.40 14.56
CA LYS A 266 7.13 -4.13 15.22
C LYS A 266 8.10 -3.00 14.85
N GLY A 267 8.55 -2.96 13.59
CA GLY A 267 9.20 -1.78 13.04
C GLY A 267 10.45 -2.10 12.25
N TYR A 268 10.53 -1.54 11.04
CA TYR A 268 11.71 -1.68 10.17
C TYR A 268 12.54 -0.44 10.33
N MET A 269 13.76 -0.65 10.83
CA MET A 269 14.65 0.42 11.22
C MET A 269 15.91 0.47 10.33
N GLN A 270 16.43 1.67 10.11
CA GLN A 270 17.68 1.83 9.36
C GLN A 270 18.49 2.96 9.98
N THR A 271 19.69 2.62 10.47
CA THR A 271 20.55 3.63 11.09
C THR A 271 21.07 4.67 10.07
N PRO A 272 21.28 5.91 10.51
CA PRO A 272 21.03 6.36 11.88
C PRO A 272 19.55 6.63 12.14
N CYS A 273 19.06 6.19 13.28
CA CYS A 273 17.65 6.35 13.58
C CYS A 273 17.43 6.40 15.09
N ASN A 274 16.27 6.90 15.50
CA ASN A 274 15.93 7.09 16.91
C ASN A 274 14.56 6.47 17.19
N THR A 275 14.30 5.98 18.40
CA THR A 275 12.91 5.73 18.77
C THR A 275 12.18 7.07 19.08
N PRO A 276 10.82 7.06 19.15
CA PRO A 276 10.21 8.25 19.76
C PRO A 276 10.66 8.42 21.22
N TRP A 277 10.44 9.61 21.77
CA TRP A 277 10.62 9.77 23.23
C TRP A 277 9.55 9.01 24.03
N ARG A 278 9.91 8.57 25.24
CA ARG A 278 8.93 8.06 26.17
C ARG A 278 8.89 9.05 27.32
N THR A 279 7.70 9.37 27.82
CA THR A 279 7.64 10.48 28.77
C THR A 279 6.92 10.12 30.05
N ILE A 280 7.47 10.60 31.17
CA ILE A 280 6.82 10.48 32.48
C ILE A 280 6.61 11.93 32.97
N ILE A 281 5.33 12.36 32.98
CA ILE A 281 5.01 13.71 33.42
C ILE A 281 4.47 13.58 34.84
N VAL A 282 5.08 14.33 35.78
CA VAL A 282 4.72 14.15 37.18
C VAL A 282 4.70 15.47 37.98
N SER A 283 3.71 15.59 38.87
CA SER A 283 3.56 16.73 39.77
C SER A 283 2.71 16.31 40.95
N ASP A 284 2.81 17.06 42.06
CA ASP A 284 1.85 16.92 43.18
C ASP A 284 0.58 17.79 42.99
N ASP A 285 0.49 18.49 41.85
CA ASP A 285 -0.66 19.36 41.52
C ASP A 285 -1.19 18.94 40.16
N ALA A 286 -2.42 18.44 40.09
CA ALA A 286 -2.93 17.95 38.82
C ALA A 286 -2.94 19.02 37.74
N ARG A 287 -3.09 20.29 38.15
CA ARG A 287 -3.01 21.39 37.20
C ARG A 287 -1.71 21.45 36.44
N ASN A 288 -0.61 20.98 37.05
CA ASN A 288 0.67 21.09 36.35
C ASN A 288 0.87 20.00 35.27
N ILE A 289 0.02 18.97 35.28
CA ILE A 289 0.00 17.99 34.20
C ILE A 289 -0.52 18.69 32.95
N LEU A 290 -1.65 19.39 33.09
CA LEU A 290 -2.23 20.16 31.98
C LEU A 290 -1.23 21.20 31.45
N ALA A 291 -0.46 21.80 32.36
CA ALA A 291 0.48 22.88 32.00
C ALA A 291 1.77 22.39 31.36
N SER A 292 2.03 21.09 31.48
CA SER A 292 3.31 20.60 30.97
C SER A 292 3.38 20.75 29.46
N ARG A 293 4.54 21.16 28.96
CA ARG A 293 4.78 21.25 27.51
C ARG A 293 5.89 20.28 27.06
N ILE A 294 6.11 19.24 27.86
CA ILE A 294 7.15 18.26 27.59
C ILE A 294 6.98 17.63 26.22
N THR A 295 5.75 17.19 25.94
CA THR A 295 5.48 16.55 24.64
C THR A 295 5.88 17.42 23.45
N LEU A 296 5.37 18.66 23.42
CA LEU A 296 5.71 19.59 22.35
C LEU A 296 7.21 19.88 22.33
N ASN A 297 7.79 20.04 23.52
CA ASN A 297 9.23 20.40 23.63
C ASN A 297 10.16 19.35 23.05
N LEU A 298 9.76 18.10 23.15
CA LEU A 298 10.53 16.99 22.58
C LEU A 298 10.37 16.75 21.08
N ASN A 299 9.55 17.54 20.38
CA ASN A 299 9.43 17.41 18.94
C ASN A 299 10.39 18.35 18.22
N GLU A 300 10.72 18.02 16.98
CA GLU A 300 11.59 18.88 16.17
C GLU A 300 10.87 20.19 15.90
N PRO A 301 11.65 21.30 15.81
CA PRO A 301 11.12 22.60 15.49
C PRO A 301 10.42 22.63 14.16
N CYS A 302 9.52 23.59 14.02
CA CYS A 302 8.72 23.78 12.81
C CYS A 302 9.54 23.62 11.55
N LYS A 303 9.08 22.77 10.64
CA LYS A 303 9.73 22.59 9.35
C LYS A 303 8.96 23.30 8.23
N ILE A 304 7.85 23.96 8.56
CA ILE A 304 7.12 24.73 7.55
C ILE A 304 7.46 26.21 7.66
N ALA A 305 8.34 26.69 6.77
CA ALA A 305 9.00 27.98 7.02
C ALA A 305 7.99 29.10 6.94
N ASP A 306 6.98 28.96 6.10
CA ASP A 306 6.04 30.04 5.97
C ASP A 306 4.75 29.84 6.75
N ALA A 307 4.77 28.93 7.73
CA ALA A 307 3.53 28.46 8.36
C ALA A 307 2.61 29.59 8.81
N ALA A 308 3.19 30.57 9.49
CA ALA A 308 2.44 31.67 10.06
C ALA A 308 1.60 32.42 9.03
N SER A 309 2.03 32.41 7.77
CA SER A 309 1.32 33.12 6.70
CA SER A 309 1.31 33.14 6.73
C SER A 309 0.04 32.43 6.26
N TRP A 310 -0.05 31.11 6.48
CA TRP A 310 -1.23 30.39 5.98
C TRP A 310 -1.94 29.45 6.95
N VAL A 311 -1.24 28.95 7.94
CA VAL A 311 -1.88 28.11 8.96
C VAL A 311 -2.70 28.99 9.90
N LYS A 312 -4.01 28.74 10.02
CA LYS A 312 -4.86 29.65 10.80
C LYS A 312 -5.94 28.85 11.53
N PRO A 313 -6.29 29.26 12.76
CA PRO A 313 -7.37 28.56 13.49
C PRO A 313 -8.69 28.67 12.73
N VAL A 314 -9.59 27.72 12.95
CA VAL A 314 -10.85 27.64 12.21
C VAL A 314 -12.01 27.31 13.15
N LYS A 315 -13.04 28.17 13.18
CA LYS A 315 -14.29 27.84 13.84
C LYS A 315 -15.32 27.47 12.75
N TYR A 316 -16.01 26.36 12.91
CA TYR A 316 -16.84 25.93 11.81
C TYR A 316 -18.13 25.30 12.25
N ILE A 317 -19.09 25.19 11.32
CA ILE A 317 -20.27 24.39 11.54
C ILE A 317 -20.24 23.38 10.40
N GLY A 318 -21.21 22.47 10.34
CA GLY A 318 -21.17 21.47 9.27
C GLY A 318 -22.47 20.77 8.93
N VAL A 319 -22.58 20.34 7.68
CA VAL A 319 -23.62 19.41 7.32
C VAL A 319 -23.03 18.07 7.77
N TRP A 320 -23.49 17.59 8.91
CA TRP A 320 -22.75 16.59 9.69
C TRP A 320 -23.67 15.83 10.62
N TRP A 321 -24.19 16.54 11.63
CA TRP A 321 -25.04 15.92 12.67
C TRP A 321 -26.29 15.27 12.07
N ASP A 322 -26.83 15.82 10.97
CA ASP A 322 -27.91 15.10 10.30
C ASP A 322 -27.56 13.60 10.16
N MET A 323 -26.36 13.32 9.67
CA MET A 323 -26.05 11.95 9.26
C MET A 323 -25.64 11.13 10.47
N ILE A 324 -24.89 11.76 11.38
CA ILE A 324 -24.43 11.11 12.59
C ILE A 324 -25.64 10.65 13.44
N THR A 325 -26.70 11.47 13.48
CA THR A 325 -27.95 11.06 14.20
C THR A 325 -28.88 10.12 13.39
N GLY A 326 -28.68 10.09 12.08
CA GLY A 326 -29.56 9.28 11.22
C GLY A 326 -30.74 10.07 10.64
N LYS A 327 -30.83 11.35 10.93
CA LYS A 327 -31.86 12.21 10.34
C LYS A 327 -31.70 12.22 8.81
N GLY A 328 -30.45 12.24 8.36
CA GLY A 328 -30.09 12.39 6.96
C GLY A 328 -29.12 11.30 6.58
N SER A 329 -28.77 11.26 5.29
CA SER A 329 -27.87 10.24 4.76
CA SER A 329 -27.87 10.24 4.76
C SER A 329 -26.64 10.89 4.10
N TRP A 330 -25.51 10.19 4.13
CA TRP A 330 -24.33 10.60 3.31
C TRP A 330 -24.59 10.20 1.86
N ALA A 331 -25.35 9.11 1.69
CA ALA A 331 -25.62 8.56 0.36
C ALA A 331 -26.62 9.43 -0.40
N TYR A 332 -26.51 9.40 -1.72
CA TYR A 332 -27.41 10.16 -2.58
C TYR A 332 -28.64 9.34 -2.87
N THR A 333 -28.47 8.01 -2.94
CA THR A 333 -29.56 7.16 -3.36
C THR A 333 -29.67 5.88 -2.53
N ASP A 334 -30.88 5.35 -2.42
CA ASP A 334 -31.08 4.08 -1.74
C ASP A 334 -31.39 2.92 -2.74
N GLU A 335 -31.46 3.23 -4.03
CA GLU A 335 -31.88 2.23 -5.07
C GLU A 335 -30.92 1.06 -5.38
N LEU A 336 -29.64 1.19 -5.03
CA LEU A 336 -28.63 0.29 -5.55
C LEU A 336 -28.08 -0.64 -4.49
N THR A 337 -27.81 -1.90 -4.84
CA THR A 337 -27.25 -2.78 -3.80
CA THR A 337 -27.26 -2.84 -3.87
C THR A 337 -25.78 -2.52 -3.60
N SER A 338 -25.11 -1.94 -4.60
CA SER A 338 -23.72 -1.44 -4.43
C SER A 338 -23.42 -0.50 -5.57
N VAL A 339 -22.28 0.18 -5.52
CA VAL A 339 -21.94 1.11 -6.61
C VAL A 339 -20.54 0.88 -7.17
N LYS A 340 -20.35 1.22 -8.44
CA LYS A 340 -18.99 1.16 -9.00
C LYS A 340 -18.62 2.47 -9.65
N LEU A 341 -17.64 3.14 -9.05
CA LEU A 341 -17.29 4.48 -9.49
C LEU A 341 -16.83 4.43 -10.95
N GLY A 342 -17.30 5.35 -11.77
CA GLY A 342 -16.93 5.32 -13.17
C GLY A 342 -17.88 4.43 -13.95
N GLU A 343 -18.78 3.74 -13.26
CA GLU A 343 -19.76 2.88 -13.94
C GLU A 343 -21.17 3.28 -13.54
N THR A 344 -21.41 3.41 -12.23
CA THR A 344 -22.71 3.84 -11.73
C THR A 344 -22.98 5.24 -12.25
N ASP A 345 -24.14 5.44 -12.86
CA ASP A 345 -24.51 6.76 -13.34
C ASP A 345 -25.51 7.38 -12.39
N TYR A 346 -25.02 8.19 -11.45
CA TYR A 346 -25.89 8.70 -10.40
C TYR A 346 -27.05 9.57 -10.89
N SER A 347 -26.86 10.26 -12.01
CA SER A 347 -27.92 11.07 -12.63
C SER A 347 -29.09 10.18 -13.07
N LYS A 348 -28.86 8.88 -13.18
CA LYS A 348 -29.93 7.93 -13.50
C LYS A 348 -30.51 7.30 -12.26
N THR A 349 -30.12 7.80 -11.09
CA THR A 349 -30.65 7.17 -9.89
C THR A 349 -31.63 8.10 -9.20
N LYS A 350 -32.48 7.50 -8.37
CA LYS A 350 -33.49 8.23 -7.64
C LYS A 350 -32.96 8.74 -6.30
N PRO A 351 -32.98 10.07 -6.12
CA PRO A 351 -32.54 10.66 -4.85
C PRO A 351 -33.33 10.03 -3.71
N ASN A 352 -32.72 9.75 -2.56
CA ASN A 352 -33.45 9.11 -1.49
C ASN A 352 -34.27 10.07 -0.65
N GLY A 353 -34.20 11.37 -0.93
CA GLY A 353 -34.99 12.31 -0.14
C GLY A 353 -34.36 12.62 1.21
N LYS A 354 -33.18 12.06 1.49
CA LYS A 354 -32.51 12.26 2.79
C LYS A 354 -31.10 12.85 2.67
N HIS A 355 -30.67 13.15 1.45
CA HIS A 355 -29.26 13.47 1.22
C HIS A 355 -29.01 14.91 1.63
N SER A 356 -28.43 15.11 2.81
CA SER A 356 -28.25 16.48 3.33
C SER A 356 -27.25 17.33 2.56
N ALA A 357 -26.27 16.72 1.89
CA ALA A 357 -25.24 17.49 1.18
C ALA A 357 -25.75 17.90 -0.19
N ASN A 358 -26.83 18.68 -0.21
CA ASN A 358 -27.35 19.22 -1.45
C ASN A 358 -27.11 20.75 -1.46
N THR A 359 -26.87 21.31 -2.63
CA THR A 359 -26.52 22.75 -2.77
C THR A 359 -27.39 23.70 -1.94
N ALA A 360 -28.72 23.55 -2.05
CA ALA A 360 -29.61 24.49 -1.33
C ALA A 360 -29.45 24.42 0.20
N ASN A 361 -29.39 23.20 0.75
CA ASN A 361 -29.13 23.03 2.17
C ASN A 361 -27.76 23.60 2.56
N VAL A 362 -26.75 23.23 1.78
CA VAL A 362 -25.41 23.74 2.03
C VAL A 362 -25.37 25.27 2.08
N LYS A 363 -26.12 25.93 1.19
CA LYS A 363 -26.12 27.39 1.18
C LYS A 363 -26.80 27.96 2.41
N ARG A 364 -27.83 27.28 2.93
CA ARG A 364 -28.41 27.73 4.21
C ARG A 364 -27.41 27.58 5.36
N TYR A 365 -26.55 26.55 5.35
CA TYR A 365 -25.45 26.51 6.33
C TYR A 365 -24.46 27.66 6.15
N ILE A 366 -24.03 27.94 4.92
CA ILE A 366 -23.14 29.09 4.68
CA ILE A 366 -23.15 29.10 4.66
C ILE A 366 -23.77 30.39 5.20
N ASP A 367 -25.06 30.59 4.91
CA ASP A 367 -25.79 31.75 5.40
C ASP A 367 -25.66 31.93 6.92
N PHE A 368 -25.94 30.86 7.67
CA PHE A 368 -25.87 30.87 9.13
C PHE A 368 -24.44 31.10 9.60
N ALA A 369 -23.51 30.37 8.98
CA ALA A 369 -22.09 30.52 9.30
C ALA A 369 -21.67 31.98 9.18
N ALA A 370 -21.96 32.58 8.03
CA ALA A 370 -21.60 33.98 7.79
C ALA A 370 -22.38 34.95 8.68
N ALA A 371 -23.68 34.74 8.91
CA ALA A 371 -24.44 35.56 9.87
C ALA A 371 -23.75 35.64 11.26
N HIS A 372 -23.12 34.55 11.66
CA HIS A 372 -22.66 34.49 13.03
C HIS A 372 -21.16 34.45 13.22
N GLY A 373 -20.40 34.84 12.21
CA GLY A 373 -18.97 35.05 12.39
C GLY A 373 -18.09 33.81 12.34
N PHE A 374 -18.61 32.67 11.88
CA PHE A 374 -17.82 31.44 11.65
C PHE A 374 -16.87 31.52 10.43
N ASP A 375 -15.82 30.72 10.43
CA ASP A 375 -14.91 30.73 9.32
C ASP A 375 -15.24 29.74 8.22
N ALA A 376 -15.88 28.62 8.54
CA ALA A 376 -15.90 27.54 7.57
C ALA A 376 -17.14 26.66 7.74
N VAL A 377 -17.52 25.94 6.69
CA VAL A 377 -18.63 25.00 6.76
C VAL A 377 -18.08 23.64 6.23
N LEU A 378 -18.16 22.59 7.06
CA LEU A 378 -17.80 21.27 6.59
C LEU A 378 -19.01 20.64 5.93
N VAL A 379 -18.83 19.92 4.82
CA VAL A 379 -19.93 19.11 4.28
C VAL A 379 -19.47 17.63 4.09
N GLU A 380 -20.20 16.69 4.67
CA GLU A 380 -19.94 15.27 4.40
C GLU A 380 -21.04 14.72 3.51
N GLY A 381 -20.65 13.82 2.61
CA GLY A 381 -21.60 13.16 1.70
C GLY A 381 -21.71 13.90 0.39
N TRP A 382 -20.70 14.71 0.10
CA TRP A 382 -20.74 15.51 -1.09
C TRP A 382 -20.29 14.75 -2.34
N ASN A 383 -19.54 13.65 -2.17
CA ASN A 383 -18.88 12.98 -3.29
C ASN A 383 -19.41 11.59 -3.58
N GLU A 384 -19.29 11.15 -4.83
CA GLU A 384 -19.76 9.81 -5.22
C GLU A 384 -19.16 8.73 -4.33
N GLY A 385 -19.95 7.73 -3.94
CA GLY A 385 -19.32 6.59 -3.26
C GLY A 385 -19.98 6.18 -1.95
N TRP A 386 -20.72 7.09 -1.34
CA TRP A 386 -21.14 6.96 0.05
C TRP A 386 -22.09 5.79 0.31
N GLU A 387 -22.82 5.38 -0.72
CA GLU A 387 -23.66 4.20 -0.63
C GLU A 387 -22.91 2.99 -0.09
N ASP A 388 -21.60 2.92 -0.37
CA ASP A 388 -20.83 1.72 0.02
C ASP A 388 -19.73 2.01 1.08
N TRP A 389 -19.84 3.11 1.80
CA TRP A 389 -18.73 3.52 2.64
C TRP A 389 -18.42 2.66 3.85
N PHE A 390 -19.40 1.88 4.29
CA PHE A 390 -19.27 1.33 5.64
C PHE A 390 -19.11 -0.19 5.73
N GLY A 391 -17.96 -0.64 6.21
CA GLY A 391 -17.78 -2.06 6.52
C GLY A 391 -17.69 -3.04 5.36
N ASN A 392 -17.49 -2.56 4.13
CA ASN A 392 -17.36 -3.46 2.96
C ASN A 392 -15.92 -3.87 2.58
N SER A 393 -14.93 -3.26 3.23
CA SER A 393 -13.51 -3.46 2.88
C SER A 393 -13.32 -3.18 1.41
N LYS A 394 -13.85 -2.02 0.99
CA LYS A 394 -13.93 -1.72 -0.41
C LYS A 394 -12.72 -0.94 -0.84
N ASP A 395 -12.03 -1.39 -1.88
CA ASP A 395 -10.77 -0.71 -2.28
C ASP A 395 -11.05 0.63 -2.97
N TYR A 396 -11.71 0.56 -4.12
CA TYR A 396 -11.98 1.77 -4.88
C TYR A 396 -13.27 2.41 -4.36
N VAL A 397 -13.24 2.90 -3.13
CA VAL A 397 -14.45 3.34 -2.46
C VAL A 397 -14.83 4.80 -2.74
N PHE A 398 -13.83 5.64 -2.99
CA PHE A 398 -14.07 7.06 -3.26
C PHE A 398 -12.98 7.51 -4.25
N ASP A 399 -13.23 8.60 -4.97
CA ASP A 399 -12.21 9.23 -5.81
C ASP A 399 -11.84 10.62 -5.28
N PHE A 400 -12.55 11.09 -4.24
CA PHE A 400 -12.24 12.36 -3.56
C PHE A 400 -12.43 13.59 -4.44
N VAL A 401 -13.02 13.43 -5.63
CA VAL A 401 -13.11 14.58 -6.57
C VAL A 401 -14.46 14.73 -7.28
N THR A 402 -15.20 13.65 -7.43
CA THR A 402 -16.45 13.69 -8.21
C THR A 402 -17.67 13.91 -7.33
N PRO A 403 -18.34 15.07 -7.47
CA PRO A 403 -19.49 15.42 -6.65
C PRO A 403 -20.73 14.64 -7.09
N TYR A 404 -21.66 14.47 -6.17
CA TYR A 404 -22.96 13.93 -6.47
C TYR A 404 -23.74 14.97 -7.32
N PRO A 405 -24.82 14.53 -7.98
CA PRO A 405 -25.55 15.38 -8.91
C PRO A 405 -26.19 16.58 -8.23
N ASP A 406 -26.43 16.49 -6.93
CA ASP A 406 -27.11 17.59 -6.22
C ASP A 406 -26.16 18.45 -5.41
N PHE A 407 -24.85 18.31 -5.64
CA PHE A 407 -23.86 19.12 -4.94
C PHE A 407 -23.06 19.85 -5.98
N ASP A 408 -23.32 21.13 -6.14
CA ASP A 408 -22.69 21.95 -7.19
C ASP A 408 -21.44 22.63 -6.62
N VAL A 409 -20.30 21.98 -6.83
CA VAL A 409 -19.03 22.40 -6.27
C VAL A 409 -18.70 23.89 -6.51
N LYS A 410 -18.66 24.30 -7.77
CA LYS A 410 -18.31 25.67 -8.13
CA LYS A 410 -18.32 25.68 -8.14
C LYS A 410 -19.28 26.75 -7.61
N GLU A 411 -20.59 26.50 -7.69
CA GLU A 411 -21.56 27.43 -7.13
C GLU A 411 -21.48 27.51 -5.61
N ILE A 412 -21.23 26.39 -4.95
CA ILE A 412 -21.05 26.45 -3.51
C ILE A 412 -19.82 27.31 -3.21
N HIS A 413 -18.75 27.07 -3.96
CA HIS A 413 -17.52 27.85 -3.81
C HIS A 413 -17.78 29.35 -4.03
N ARG A 414 -18.48 29.72 -5.09
CA ARG A 414 -18.76 31.13 -5.33
CA ARG A 414 -18.78 31.13 -5.34
C ARG A 414 -19.57 31.74 -4.18
N TYR A 415 -20.60 31.02 -3.76
CA TYR A 415 -21.51 31.49 -2.71
C TYR A 415 -20.79 31.66 -1.39
N ALA A 416 -19.98 30.66 -1.03
CA ALA A 416 -19.19 30.74 0.17
C ALA A 416 -18.22 31.90 0.16
N ALA A 417 -17.47 32.04 -0.93
CA ALA A 417 -16.49 33.13 -1.04
C ALA A 417 -17.14 34.52 -0.88
N ARG A 418 -18.29 34.69 -1.54
CA ARG A 418 -19.13 35.89 -1.44
CA ARG A 418 -19.05 35.93 -1.44
C ARG A 418 -19.39 36.26 0.01
N LYS A 419 -19.57 35.22 0.83
CA LYS A 419 -19.97 35.41 2.19
C LYS A 419 -18.76 35.40 3.14
N GLY A 420 -17.57 35.37 2.58
CA GLY A 420 -16.34 35.31 3.37
C GLY A 420 -16.12 34.00 4.12
N ILE A 421 -16.70 32.92 3.61
CA ILE A 421 -16.69 31.59 4.26
C ILE A 421 -15.83 30.65 3.41
N LYS A 422 -15.07 29.76 4.06
CA LYS A 422 -14.31 28.70 3.37
C LYS A 422 -15.05 27.40 3.58
N MET A 423 -15.14 26.57 2.55
CA MET A 423 -15.68 25.23 2.73
C MET A 423 -14.55 24.32 3.23
N MET A 424 -14.83 23.49 4.23
CA MET A 424 -13.82 22.53 4.65
C MET A 424 -14.05 21.20 3.92
N MET A 425 -13.01 20.66 3.30
CA MET A 425 -13.16 19.45 2.50
C MET A 425 -13.36 18.25 3.41
N HIS A 426 -14.04 17.23 2.90
CA HIS A 426 -14.18 15.94 3.62
C HIS A 426 -13.53 14.81 2.80
N HIS A 427 -12.50 14.16 3.35
CA HIS A 427 -11.90 12.97 2.72
C HIS A 427 -12.01 11.73 3.65
N GLU A 428 -13.22 11.24 3.86
CA GLU A 428 -13.35 9.95 4.51
C GLU A 428 -12.73 8.95 3.54
N THR A 429 -11.81 8.09 3.99
CA THR A 429 -11.24 7.08 3.08
C THR A 429 -11.89 5.71 3.21
N SER A 430 -12.73 5.53 4.23
CA SER A 430 -13.24 4.21 4.59
C SER A 430 -12.12 3.21 4.77
N ALA A 431 -11.00 3.72 5.29
CA ALA A 431 -9.81 2.95 5.64
C ALA A 431 -9.12 2.32 4.43
N SER A 432 -9.43 2.81 3.23
CA SER A 432 -8.83 2.26 2.03
C SER A 432 -7.63 3.13 1.66
N VAL A 433 -6.44 2.70 2.10
CA VAL A 433 -5.30 3.62 2.21
C VAL A 433 -4.54 3.72 0.89
N ARG A 434 -4.34 2.62 0.19
CA ARG A 434 -3.71 2.71 -1.14
C ARG A 434 -4.58 3.58 -2.04
N ASN A 435 -5.90 3.39 -1.92
CA ASN A 435 -6.80 4.11 -2.79
C ASN A 435 -6.69 5.59 -2.50
N TYR A 436 -6.55 5.96 -1.22
CA TYR A 436 -6.43 7.40 -0.94
C TYR A 436 -5.10 7.92 -1.46
N GLU A 437 -4.01 7.18 -1.20
CA GLU A 437 -2.72 7.64 -1.73
C GLU A 437 -2.72 7.81 -3.25
N ARG A 438 -3.33 6.89 -3.98
CA ARG A 438 -3.31 7.03 -5.44
C ARG A 438 -4.04 8.29 -5.90
N HIS A 439 -5.04 8.71 -5.15
CA HIS A 439 -5.84 9.90 -5.53
C HIS A 439 -5.38 11.16 -4.84
N MET A 440 -4.31 11.06 -4.05
CA MET A 440 -4.05 12.16 -3.11
C MET A 440 -3.69 13.47 -3.79
N ASP A 441 -2.74 13.43 -4.73
CA ASP A 441 -2.38 14.65 -5.47
C ASP A 441 -3.55 15.19 -6.28
N LYS A 442 -4.26 14.34 -7.01
CA LYS A 442 -5.50 14.80 -7.62
C LYS A 442 -6.48 15.40 -6.58
N ALA A 443 -6.58 14.77 -5.41
CA ALA A 443 -7.59 15.25 -4.43
C ALA A 443 -7.25 16.66 -3.87
N TYR A 444 -5.96 16.87 -3.59
CA TYR A 444 -5.45 18.12 -3.03
C TYR A 444 -5.42 19.20 -4.11
N GLN A 445 -5.10 18.82 -5.34
CA GLN A 445 -5.24 19.72 -6.48
C GLN A 445 -6.68 20.20 -6.63
N PHE A 446 -7.64 19.29 -6.52
CA PHE A 446 -9.06 19.61 -6.62
C PHE A 446 -9.46 20.61 -5.54
N MET A 447 -8.88 20.42 -4.34
CA MET A 447 -9.08 21.33 -3.22
C MET A 447 -8.59 22.73 -3.58
N ALA A 448 -7.32 22.84 -4.01
CA ALA A 448 -6.75 24.11 -4.43
C ALA A 448 -7.57 24.74 -5.56
N ASP A 449 -7.90 23.96 -6.57
CA ASP A 449 -8.67 24.50 -7.69
C ASP A 449 -10.04 24.99 -7.23
N ASN A 450 -10.52 24.47 -6.11
CA ASN A 450 -11.88 24.82 -5.69
C ASN A 450 -11.96 25.56 -4.36
N GLY A 451 -10.83 26.16 -3.94
CA GLY A 451 -10.81 27.09 -2.78
C GLY A 451 -11.02 26.42 -1.43
N TYR A 452 -10.72 25.13 -1.35
CA TYR A 452 -10.71 24.43 -0.07
C TYR A 452 -9.30 24.46 0.52
N ASN A 453 -9.12 24.97 1.72
CA ASN A 453 -7.76 24.95 2.24
C ASN A 453 -7.62 24.17 3.55
N SER A 454 -8.69 23.52 3.99
CA SER A 454 -8.57 22.53 5.07
C SER A 454 -9.39 21.27 4.76
N VAL A 455 -8.91 20.14 5.26
CA VAL A 455 -9.63 18.90 5.07
C VAL A 455 -9.73 18.08 6.35
N LYS A 456 -10.93 17.53 6.54
CA LYS A 456 -11.16 16.52 7.55
CA LYS A 456 -11.16 16.51 7.56
C LYS A 456 -11.04 15.18 6.84
N SER A 457 -10.05 14.39 7.19
CA SER A 457 -9.94 13.04 6.63
C SER A 457 -10.48 12.03 7.64
N GLY A 458 -10.67 10.79 7.18
CA GLY A 458 -11.22 9.75 8.02
C GLY A 458 -10.74 8.39 7.55
N TYR A 459 -10.65 7.46 8.50
CA TYR A 459 -10.20 6.09 8.25
C TYR A 459 -11.10 5.08 8.94
N VAL A 460 -12.38 5.11 8.58
CA VAL A 460 -13.35 4.22 9.26
C VAL A 460 -13.39 2.84 8.58
N GLY A 461 -13.13 1.78 9.34
CA GLY A 461 -13.11 0.43 8.79
C GLY A 461 -11.77 -0.22 9.06
N ASN A 462 -11.62 -1.50 8.76
CA ASN A 462 -10.30 -2.09 8.90
C ASN A 462 -9.41 -1.63 7.73
N ILE A 463 -8.13 -1.37 8.03
CA ILE A 463 -7.21 -0.86 7.02
C ILE A 463 -7.10 -1.81 5.82
N ILE A 464 -7.04 -1.19 4.65
CA ILE A 464 -6.61 -1.79 3.39
C ILE A 464 -5.36 -0.97 3.02
N PRO A 465 -4.19 -1.62 2.86
CA PRO A 465 -3.90 -3.06 2.68
C PRO A 465 -4.25 -3.93 3.91
N ARG A 466 -4.92 -5.04 3.67
CA ARG A 466 -5.51 -5.80 4.73
C ARG A 466 -4.44 -6.59 5.45
N GLY A 467 -4.47 -6.56 6.76
CA GLY A 467 -3.38 -7.12 7.58
C GLY A 467 -2.75 -6.01 8.43
N GLU A 468 -2.76 -4.76 7.95
CA GLU A 468 -2.22 -3.65 8.76
C GLU A 468 -3.22 -3.15 9.77
N HIS A 469 -2.71 -2.56 10.86
CA HIS A 469 -3.53 -1.91 11.89
C HIS A 469 -3.44 -0.38 11.78
N HIS A 470 -4.40 0.34 12.33
CA HIS A 470 -4.43 1.80 12.15
C HIS A 470 -3.14 2.45 12.67
N TYR A 471 -2.48 1.85 13.66
CA TYR A 471 -1.40 2.56 14.39
C TYR A 471 -0.02 1.93 14.18
N GLY A 472 0.12 1.07 13.19
CA GLY A 472 1.41 0.41 12.99
C GLY A 472 2.35 1.43 12.35
N GLN A 473 3.61 1.08 12.25
CA GLN A 473 4.58 1.94 11.54
C GLN A 473 4.16 2.30 10.10
N TRP A 474 3.57 1.33 9.41
CA TRP A 474 3.14 1.53 8.03
C TRP A 474 2.10 2.65 7.98
N MET A 475 1.05 2.57 8.81
CA MET A 475 0.03 3.61 8.74
C MET A 475 0.56 4.96 9.29
N ASN A 476 1.44 4.92 10.29
CA ASN A 476 1.98 6.17 10.82
C ASN A 476 2.68 6.95 9.72
N ASN A 477 3.40 6.22 8.86
CA ASN A 477 4.04 6.82 7.67
C ASN A 477 2.97 7.44 6.78
N HIS A 478 1.90 6.68 6.49
CA HIS A 478 0.82 7.27 5.69
C HIS A 478 0.27 8.58 6.28
N TYR A 479 -0.15 8.58 7.55
CA TYR A 479 -0.75 9.82 8.14
C TYR A 479 0.19 11.01 7.98
N LEU A 480 1.48 10.79 8.22
CA LEU A 480 2.43 11.90 8.14
C LEU A 480 2.73 12.30 6.67
N TYR A 481 2.74 11.33 5.76
CA TYR A 481 2.85 11.61 4.34
C TYR A 481 1.70 12.51 3.90
N ALA A 482 0.51 12.22 4.41
CA ALA A 482 -0.67 12.99 4.02
C ALA A 482 -0.53 14.45 4.47
N VAL A 483 0.04 14.63 5.66
CA VAL A 483 0.24 15.96 6.22
CA VAL A 483 0.28 15.93 6.26
C VAL A 483 1.40 16.70 5.55
N LYS A 484 2.53 16.03 5.30
CA LYS A 484 3.64 16.67 4.58
C LYS A 484 3.25 17.05 3.16
N LYS A 485 2.47 16.22 2.48
CA LYS A 485 2.05 16.57 1.13
C LYS A 485 1.05 17.75 1.19
N ALA A 486 0.13 17.69 2.12
CA ALA A 486 -0.78 18.79 2.35
C ALA A 486 -0.04 20.12 2.56
N ALA A 487 1.07 20.09 3.30
CA ALA A 487 1.80 21.32 3.59
C ALA A 487 2.31 21.94 2.29
N ASP A 488 2.81 21.09 1.38
CA ASP A 488 3.19 21.52 0.05
C ASP A 488 2.04 22.23 -0.69
N TYR A 489 0.80 21.86 -0.43
CA TYR A 489 -0.32 22.53 -1.09
C TYR A 489 -0.88 23.67 -0.23
N LYS A 490 -0.23 23.97 0.90
CA LYS A 490 -0.78 24.93 1.87
C LYS A 490 -2.18 24.52 2.35
N ILE A 491 -2.30 23.25 2.69
CA ILE A 491 -3.55 22.71 3.15
C ILE A 491 -3.41 22.28 4.61
N MET A 492 -4.40 22.62 5.42
CA MET A 492 -4.43 22.16 6.79
C MET A 492 -5.21 20.85 6.92
N VAL A 493 -4.76 19.99 7.83
CA VAL A 493 -5.30 18.63 7.94
C VAL A 493 -5.87 18.34 9.32
N ASN A 494 -7.08 17.76 9.30
CA ASN A 494 -7.73 17.31 10.52
C ASN A 494 -8.04 15.84 10.36
N ALA A 495 -7.23 14.95 10.94
CA ALA A 495 -7.38 13.51 10.60
C ALA A 495 -8.10 12.64 11.67
N HIS A 496 -9.30 12.22 11.35
CA HIS A 496 -10.03 11.33 12.22
C HIS A 496 -9.54 9.89 12.01
N GLU A 497 -9.70 9.07 13.05
CA GLU A 497 -9.24 7.68 13.13
C GLU A 497 -7.72 7.48 13.01
N ALA A 498 -6.96 8.55 12.82
CA ALA A 498 -5.46 8.41 12.78
C ALA A 498 -4.85 8.09 14.13
N THR A 499 -3.57 7.71 14.12
CA THR A 499 -2.86 7.54 15.36
C THR A 499 -2.96 8.79 16.25
N ARG A 500 -3.17 8.61 17.55
CA ARG A 500 -3.34 9.78 18.45
C ARG A 500 -2.02 10.58 18.57
N PRO A 501 -2.14 11.91 18.70
CA PRO A 501 -1.03 12.84 18.49
C PRO A 501 0.04 12.69 19.55
N THR A 502 1.22 13.17 19.20
CA THR A 502 2.38 13.02 20.06
C THR A 502 3.29 14.23 19.91
N GLY A 503 2.70 15.35 19.55
CA GLY A 503 3.41 16.62 19.49
C GLY A 503 3.99 17.01 18.14
N ILE A 504 3.71 16.21 17.10
CA ILE A 504 4.24 16.49 15.79
C ILE A 504 3.72 17.80 15.19
N CYS A 505 2.58 18.28 15.69
CA CYS A 505 2.07 19.57 15.20
C CYS A 505 3.18 20.60 15.33
N ARG A 506 4.09 20.45 16.30
CA ARG A 506 5.15 21.48 16.42
C ARG A 506 5.95 21.52 15.12
N THR A 507 6.32 20.33 14.62
CA THR A 507 7.07 20.18 13.38
C THR A 507 6.23 20.50 12.14
N TYR A 508 4.97 20.07 12.15
CA TYR A 508 4.09 20.40 11.04
C TYR A 508 2.82 21.06 11.52
N PRO A 509 2.89 22.38 11.70
CA PRO A 509 1.76 23.09 12.31
C PRO A 509 0.47 23.03 11.46
N ASN A 510 0.52 22.47 10.25
CA ASN A 510 -0.72 22.35 9.47
C ASN A 510 -1.60 21.17 9.94
N LEU A 511 -1.04 20.31 10.80
CA LEU A 511 -1.85 19.30 11.52
C LEU A 511 -2.62 19.95 12.67
N ILE A 512 -3.77 20.52 12.35
CA ILE A 512 -4.53 21.32 13.32
C ILE A 512 -5.53 20.47 14.08
N GLY A 513 -5.65 19.20 13.72
CA GLY A 513 -6.52 18.32 14.49
C GLY A 513 -6.39 16.84 14.21
N ASN A 514 -6.85 16.07 15.19
CA ASN A 514 -7.25 14.67 15.03
C ASN A 514 -8.51 14.47 15.85
N GLU A 515 -9.25 13.40 15.57
CA GLU A 515 -10.22 12.94 16.56
C GLU A 515 -9.45 11.97 17.44
N SER A 516 -9.36 10.71 17.02
CA SER A 516 -8.39 9.79 17.62
C SER A 516 -8.64 9.57 19.11
N ALA A 517 -9.92 9.43 19.44
CA ALA A 517 -10.41 9.23 20.78
C ALA A 517 -11.91 9.29 20.59
N ARG A 518 -12.64 9.15 21.69
CA ARG A 518 -14.09 9.08 21.59
C ARG A 518 -14.64 10.51 21.55
N GLY A 519 -15.24 10.90 20.43
CA GLY A 519 -15.72 12.28 20.34
C GLY A 519 -17.23 12.43 20.51
N THR A 520 -17.72 13.64 20.26
CA THR A 520 -19.15 13.99 20.39
C THR A 520 -20.10 13.09 19.58
N GLU A 521 -19.66 12.63 18.40
CA GLU A 521 -20.49 11.71 17.60
C GLU A 521 -21.00 10.51 18.42
N TYR A 522 -20.19 10.02 19.37
CA TYR A 522 -20.65 8.89 20.20
C TYR A 522 -21.78 9.25 21.18
N GLU A 523 -21.98 10.55 21.41
CA GLU A 523 -23.14 11.02 22.19
C GLU A 523 -24.41 10.71 21.40
N SER A 524 -24.26 10.40 20.10
CA SER A 524 -25.40 9.98 19.26
C SER A 524 -25.51 8.47 19.18
N PHE A 525 -24.47 7.78 19.65
CA PHE A 525 -24.37 6.35 19.48
C PHE A 525 -24.56 5.69 20.83
N GLY A 526 -25.32 6.34 21.73
CA GLY A 526 -25.60 5.83 23.06
C GLY A 526 -25.07 6.70 24.20
N GLY A 527 -24.09 7.57 23.91
CA GLY A 527 -23.64 8.57 24.87
C GLY A 527 -22.18 8.35 25.23
N ASN A 528 -21.53 9.41 25.71
CA ASN A 528 -20.21 9.32 26.34
C ASN A 528 -20.42 9.41 27.84
N LYS A 529 -19.45 8.94 28.63
CA LYS A 529 -19.57 9.03 30.07
CA LYS A 529 -19.56 9.03 30.08
C LYS A 529 -19.61 10.46 30.55
N VAL A 530 -20.35 10.69 31.62
CA VAL A 530 -20.57 12.05 32.06
C VAL A 530 -19.25 12.74 32.34
N TYR A 531 -18.29 11.96 32.83
CA TYR A 531 -16.98 12.49 33.19
C TYR A 531 -15.94 12.55 32.04
N HIS A 532 -16.37 12.21 30.82
CA HIS A 532 -15.41 12.06 29.68
C HIS A 532 -14.53 13.30 29.51
N THR A 533 -15.16 14.47 29.44
CA THR A 533 -14.38 15.71 29.17
C THR A 533 -13.54 16.22 30.36
N THR A 534 -13.70 15.61 31.52
CA THR A 534 -12.79 15.86 32.66
C THR A 534 -11.58 14.93 32.61
N ILE A 535 -11.57 13.98 31.66
CA ILE A 535 -10.38 13.12 31.47
C ILE A 535 -9.56 13.47 30.21
N LEU A 536 -10.23 13.70 29.09
CA LEU A 536 -9.52 13.94 27.83
C LEU A 536 -8.37 14.93 27.94
N PRO A 537 -8.55 16.07 28.63
CA PRO A 537 -7.41 17.01 28.67
C PRO A 537 -6.17 16.47 29.36
N PHE A 538 -6.33 15.51 30.28
CA PHE A 538 -5.19 14.85 30.94
C PHE A 538 -4.61 13.67 30.13
N THR A 539 -5.32 13.22 29.10
CA THR A 539 -4.86 12.05 28.36
C THR A 539 -4.75 12.36 26.86
N ARG A 540 -5.87 12.22 26.17
CA ARG A 540 -5.87 12.43 24.73
C ARG A 540 -5.24 13.75 24.28
N LEU A 541 -5.55 14.84 24.97
CA LEU A 541 -5.04 16.16 24.57
CA LEU A 541 -5.06 16.15 24.55
C LEU A 541 -3.53 16.31 24.71
N VAL A 542 -2.91 15.43 25.48
CA VAL A 542 -1.44 15.56 25.61
C VAL A 542 -0.78 15.10 24.32
N GLY A 543 -0.27 16.04 23.53
CA GLY A 543 0.32 15.72 22.25
C GLY A 543 -0.37 16.41 21.09
N GLY A 544 -1.53 17.01 21.34
CA GLY A 544 -2.21 17.72 20.28
C GLY A 544 -3.68 17.86 20.47
N PRO A 545 -4.26 18.86 19.80
CA PRO A 545 -5.66 19.15 20.02
C PRO A 545 -6.58 18.04 19.51
N MET A 546 -7.85 18.07 19.92
CA MET A 546 -8.84 17.15 19.39
C MET A 546 -9.98 17.94 18.71
N ASP A 547 -10.47 17.43 17.59
CA ASP A 547 -11.68 17.92 16.95
C ASP A 547 -12.80 17.17 17.66
N TYR A 548 -13.23 17.67 18.82
CA TYR A 548 -14.23 16.99 19.66
C TYR A 548 -15.68 17.29 19.16
N THR A 549 -15.80 18.33 18.37
CA THR A 549 -17.13 18.77 17.88
C THR A 549 -18.17 18.94 18.96
N PRO A 550 -17.91 19.90 19.86
CA PRO A 550 -18.89 20.23 20.90
C PRO A 550 -20.01 21.15 20.39
N GLY A 551 -20.93 21.51 21.29
CA GLY A 551 -21.90 22.56 21.00
C GLY A 551 -23.28 21.97 20.71
N ILE A 552 -23.56 20.81 21.26
CA ILE A 552 -24.90 20.23 21.09
C ILE A 552 -25.86 20.89 22.12
N PHE A 553 -26.90 21.53 21.63
CA PHE A 553 -27.84 22.27 22.51
C PHE A 553 -29.08 21.43 22.69
N GLU A 554 -29.55 20.82 21.60
CA GLU A 554 -30.64 19.90 21.74
C GLU A 554 -30.08 18.50 21.96
N THR A 555 -30.01 18.09 23.23
CA THR A 555 -29.24 16.92 23.62
C THR A 555 -30.00 15.61 23.47
N HIS A 556 -31.28 15.66 23.10
CA HIS A 556 -32.03 14.43 22.86
C HIS A 556 -31.97 14.16 21.37
N CYS A 557 -31.17 13.17 20.96
CA CYS A 557 -31.03 12.88 19.54
C CYS A 557 -32.36 12.49 18.88
N ASN A 558 -33.33 12.08 19.69
CA ASN A 558 -34.60 11.65 19.10
C ASN A 558 -35.36 12.81 18.45
N LYS A 559 -34.99 14.05 18.73
CA LYS A 559 -35.56 15.17 17.97
C LYS A 559 -34.95 15.35 16.57
N MET A 560 -33.80 14.75 16.31
CA MET A 560 -33.27 14.71 14.94
C MET A 560 -33.85 13.47 14.24
N ASN A 561 -33.90 12.36 14.95
CA ASN A 561 -34.26 11.06 14.38
C ASN A 561 -35.01 10.30 15.43
N PRO A 562 -36.32 10.07 15.21
CA PRO A 562 -37.10 9.45 16.29
C PRO A 562 -36.67 8.01 16.62
N ALA A 563 -36.05 7.32 15.68
CA ALA A 563 -35.52 5.99 15.98
C ALA A 563 -34.25 6.05 16.84
N ASN A 564 -33.72 7.24 17.08
CA ASN A 564 -32.47 7.33 17.82
C ASN A 564 -32.69 7.85 19.25
N ASN A 565 -32.62 6.97 20.23
CA ASN A 565 -32.90 7.41 21.62
C ASN A 565 -31.66 7.78 22.45
N SER A 566 -30.53 8.07 21.79
CA SER A 566 -29.32 8.46 22.51
C SER A 566 -29.49 9.88 23.08
N GLN A 567 -28.86 10.15 24.21
CA GLN A 567 -28.95 11.46 24.84
C GLN A 567 -27.54 11.91 25.16
N VAL A 568 -27.19 13.10 24.72
CA VAL A 568 -25.87 13.67 25.05
C VAL A 568 -25.73 13.85 26.58
N ARG A 569 -24.64 13.36 27.16
CA ARG A 569 -24.52 13.49 28.62
C ARG A 569 -23.92 14.82 29.01
N SER A 570 -24.74 15.86 28.89
CA SER A 570 -24.23 17.20 29.11
C SER A 570 -25.39 18.16 29.38
N THR A 571 -25.11 19.24 30.09
CA THR A 571 -26.04 20.38 30.08
C THR A 571 -25.60 21.31 28.97
N ILE A 572 -26.46 22.28 28.64
CA ILE A 572 -26.08 23.28 27.65
C ILE A 572 -24.86 24.11 28.08
N ALA A 573 -24.83 24.49 29.34
CA ALA A 573 -23.71 25.31 29.83
C ALA A 573 -22.39 24.55 29.75
N ARG A 574 -22.40 23.23 29.97
CA ARG A 574 -21.15 22.48 29.87
C ARG A 574 -20.67 22.43 28.42
N GLN A 575 -21.62 22.41 27.47
CA GLN A 575 -21.23 22.43 26.08
C GLN A 575 -20.50 23.72 25.74
N LEU A 576 -20.96 24.84 26.29
CA LEU A 576 -20.26 26.10 26.12
C LEU A 576 -18.86 26.02 26.72
N ALA A 577 -18.76 25.47 27.92
CA ALA A 577 -17.46 25.35 28.60
C ALA A 577 -16.43 24.68 27.71
N LEU A 578 -16.85 23.69 26.92
CA LEU A 578 -15.88 22.90 26.16
C LEU A 578 -15.06 23.72 25.19
N TYR A 579 -15.58 24.87 24.73
CA TYR A 579 -14.78 25.75 23.84
C TYR A 579 -13.54 26.28 24.57
N VAL A 580 -13.55 26.21 25.89
CA VAL A 580 -12.40 26.60 26.67
C VAL A 580 -11.72 25.36 27.29
N THR A 581 -12.47 24.38 27.77
CA THR A 581 -11.81 23.24 28.44
C THR A 581 -11.29 22.14 27.49
N MET A 582 -11.78 22.11 26.24
CA MET A 582 -11.24 21.20 25.23
C MET A 582 -10.47 22.02 24.21
N TYR A 583 -9.21 22.30 24.52
CA TYR A 583 -8.42 23.19 23.70
C TYR A 583 -8.27 22.68 22.26
N SER A 584 -8.50 23.56 21.31
CA SER A 584 -8.25 23.22 19.91
C SER A 584 -8.25 24.49 19.10
N PRO A 585 -7.34 24.60 18.12
CA PRO A 585 -7.42 25.74 17.19
C PRO A 585 -8.50 25.45 16.13
N LEU A 586 -9.10 24.28 16.20
CA LEU A 586 -10.16 23.87 15.29
C LEU A 586 -11.38 23.56 16.14
N GLN A 587 -12.44 24.37 16.01
CA GLN A 587 -13.59 24.21 16.90
C GLN A 587 -14.91 24.13 16.14
N MET A 588 -15.61 23.01 16.29
CA MET A 588 -16.95 22.93 15.66
C MET A 588 -18.06 23.39 16.63
N ALA A 589 -19.09 23.96 16.05
CA ALA A 589 -20.35 24.10 16.72
C ALA A 589 -21.23 23.11 15.96
N ALA A 590 -21.54 21.99 16.60
CA ALA A 590 -21.88 20.76 15.87
C ALA A 590 -23.39 20.59 15.65
N ASP A 591 -24.22 21.40 16.32
CA ASP A 591 -25.69 21.18 16.22
C ASP A 591 -26.20 21.78 14.91
N ILE A 592 -27.46 21.54 14.58
CA ILE A 592 -28.03 22.15 13.39
C ILE A 592 -28.46 23.62 13.66
N PRO A 593 -28.36 24.48 12.65
CA PRO A 593 -28.65 25.90 12.84
C PRO A 593 -30.00 26.16 13.51
N GLU A 594 -31.02 25.36 13.19
CA GLU A 594 -32.36 25.60 13.76
C GLU A 594 -32.36 25.40 15.27
N ASN A 595 -31.50 24.51 15.75
CA ASN A 595 -31.36 24.36 17.18
C ASN A 595 -30.63 25.53 17.80
N TYR A 596 -29.59 26.04 17.16
CA TYR A 596 -28.96 27.25 17.70
C TYR A 596 -29.94 28.43 17.74
N GLU A 597 -30.81 28.49 16.75
CA GLU A 597 -31.81 29.57 16.71
C GLU A 597 -32.74 29.59 17.93
N ARG A 598 -32.99 28.42 18.52
CA ARG A 598 -33.85 28.30 19.70
CA ARG A 598 -33.86 28.28 19.71
C ARG A 598 -33.19 28.81 20.99
N PHE A 599 -31.85 28.85 21.00
CA PHE A 599 -31.13 29.23 22.20
C PHE A 599 -30.07 30.23 21.82
N MET A 600 -30.45 31.26 21.08
CA MET A 600 -29.44 32.17 20.53
CA MET A 600 -29.50 32.22 20.53
C MET A 600 -28.70 32.96 21.61
N ASP A 601 -29.32 33.15 22.77
CA ASP A 601 -28.64 33.90 23.82
C ASP A 601 -27.43 33.11 24.33
N ALA A 602 -27.61 31.81 24.52
CA ALA A 602 -26.50 30.94 24.90
C ALA A 602 -25.47 30.82 23.74
N PHE A 603 -25.99 30.70 22.52
CA PHE A 603 -25.13 30.62 21.32
C PHE A 603 -24.12 31.77 21.26
N GLN A 604 -24.42 32.90 21.91
CA GLN A 604 -23.50 34.03 21.86
C GLN A 604 -22.10 33.66 22.33
N PHE A 605 -22.02 32.77 23.31
CA PHE A 605 -20.68 32.44 23.84
C PHE A 605 -19.85 31.73 22.78
N ILE A 606 -20.49 30.87 22.00
CA ILE A 606 -19.78 30.15 20.94
C ILE A 606 -19.30 31.14 19.87
N LYS A 607 -20.14 32.14 19.62
CA LYS A 607 -19.80 33.17 18.66
C LYS A 607 -18.63 33.98 19.13
N ASP A 608 -18.61 34.30 20.43
CA ASP A 608 -17.59 35.19 20.97
C ASP A 608 -16.25 34.53 21.18
N VAL A 609 -16.26 33.26 21.55
CA VAL A 609 -15.06 32.64 22.10
C VAL A 609 -13.95 32.60 21.07
N ALA A 610 -12.73 32.89 21.51
CA ALA A 610 -11.56 32.81 20.66
C ALA A 610 -11.10 31.35 20.47
N LEU A 611 -10.11 31.17 19.60
CA LEU A 611 -9.61 29.84 19.16
C LEU A 611 -8.11 29.71 19.44
N ASP A 612 -7.48 30.80 19.85
CA ASP A 612 -6.02 30.88 19.94
C ASP A 612 -5.65 31.82 21.09
N TRP A 613 -4.57 31.51 21.82
CA TRP A 613 -4.42 32.09 23.16
C TRP A 613 -3.02 32.61 23.42
N ASP A 614 -2.91 33.74 24.14
CA ASP A 614 -1.60 34.27 24.58
C ASP A 614 -1.15 33.70 25.93
N GLU A 615 -2.10 33.30 26.76
CA GLU A 615 -1.85 32.75 28.09
C GLU A 615 -2.95 31.79 28.45
N THR A 616 -2.63 30.79 29.23
CA THR A 616 -3.66 29.95 29.83
C THR A 616 -3.35 29.79 31.29
N ASN A 617 -4.41 29.87 32.11
CA ASN A 617 -4.33 29.65 33.56
CA ASN A 617 -4.35 29.67 33.55
C ASN A 617 -5.22 28.49 33.95
N TYR A 618 -4.62 27.42 34.48
CA TYR A 618 -5.38 26.26 34.89
C TYR A 618 -5.85 26.51 36.33
N LEU A 619 -7.14 26.79 36.49
CA LEU A 619 -7.63 27.36 37.76
C LEU A 619 -7.94 26.20 38.74
N GLU A 620 -8.67 25.22 38.22
CA GLU A 620 -8.99 24.03 38.97
C GLU A 620 -8.85 22.80 38.05
N ALA A 621 -8.38 21.69 38.62
CA ALA A 621 -8.28 20.45 37.81
C ALA A 621 -8.16 19.21 38.68
N GLU A 622 -9.08 18.26 38.49
CA GLU A 622 -8.97 16.95 39.10
C GLU A 622 -9.49 15.95 38.09
N PRO A 623 -8.63 15.06 37.59
CA PRO A 623 -9.07 14.13 36.55
C PRO A 623 -10.32 13.35 36.93
N GLY A 624 -11.28 13.27 36.03
CA GLY A 624 -12.50 12.53 36.34
C GLY A 624 -13.57 13.32 37.08
N GLU A 625 -13.22 14.48 37.65
CA GLU A 625 -14.16 15.22 38.51
CA GLU A 625 -14.17 15.21 38.51
C GLU A 625 -14.50 16.61 38.00
N TYR A 626 -13.47 17.42 37.74
CA TYR A 626 -13.66 18.78 37.21
C TYR A 626 -12.41 19.37 36.57
N ILE A 627 -12.64 20.26 35.59
CA ILE A 627 -11.58 21.08 35.01
C ILE A 627 -12.07 22.51 34.78
N THR A 628 -11.28 23.50 35.23
CA THR A 628 -11.67 24.91 35.07
CA THR A 628 -11.68 24.89 35.06
C THR A 628 -10.49 25.69 34.56
N ILE A 629 -10.66 26.34 33.42
CA ILE A 629 -9.56 26.98 32.75
C ILE A 629 -9.93 28.37 32.30
N ALA A 630 -8.96 29.28 32.43
CA ALA A 630 -9.11 30.63 31.93
C ALA A 630 -8.02 30.89 30.91
N ARG A 631 -8.38 31.48 29.77
CA ARG A 631 -7.42 31.73 28.72
C ARG A 631 -7.58 33.17 28.21
N LYS A 632 -6.46 33.78 27.86
CA LYS A 632 -6.47 35.13 27.30
C LYS A 632 -6.42 35.08 25.77
N ALA A 633 -7.41 35.64 25.09
CA ALA A 633 -7.45 35.53 23.64
C ALA A 633 -6.23 36.25 23.02
N LYS A 634 -5.60 35.63 22.03
CA LYS A 634 -4.37 36.15 21.45
CA LYS A 634 -4.37 36.14 21.44
C LYS A 634 -4.52 37.58 20.93
N ASP A 635 -3.58 38.43 21.26
CA ASP A 635 -3.58 39.81 20.77
C ASP A 635 -4.73 40.65 21.35
N THR A 636 -5.28 40.22 22.49
CA THR A 636 -6.33 40.97 23.15
C THR A 636 -6.09 40.97 24.67
N ASP A 637 -6.86 41.75 25.41
CA ASP A 637 -6.94 41.55 26.87
C ASP A 637 -8.33 41.03 27.27
N ASP A 638 -8.93 40.18 26.44
CA ASP A 638 -10.13 39.43 26.81
C ASP A 638 -9.82 38.00 27.32
N TRP A 639 -10.55 37.54 28.31
CA TRP A 639 -10.32 36.20 28.83
C TRP A 639 -11.60 35.44 28.67
N TYR A 640 -11.47 34.11 28.52
CA TYR A 640 -12.61 33.19 28.43
C TYR A 640 -12.38 32.09 29.44
N VAL A 641 -13.44 31.70 30.14
CA VAL A 641 -13.31 30.74 31.22
C VAL A 641 -14.29 29.62 30.95
N GLY A 642 -13.85 28.38 31.15
CA GLY A 642 -14.82 27.30 31.10
C GLY A 642 -14.60 26.35 32.25
N CYS A 643 -15.68 25.73 32.71
CA CYS A 643 -15.56 24.69 33.71
C CYS A 643 -16.41 23.53 33.27
N THR A 644 -15.83 22.32 33.29
CA THR A 644 -16.57 21.11 32.96
C THR A 644 -16.54 20.16 34.16
N ALA A 645 -17.69 19.58 34.50
CA ALA A 645 -17.74 18.73 35.70
C ALA A 645 -18.29 17.32 35.47
N GLY A 646 -17.95 16.40 36.36
CA GLY A 646 -18.48 15.06 36.26
C GLY A 646 -19.85 14.78 36.90
N GLU A 647 -19.97 13.55 37.35
CA GLU A 647 -21.25 13.05 37.88
CA GLU A 647 -21.14 12.95 37.97
C GLU A 647 -21.75 13.74 39.16
N ASN A 648 -20.87 14.31 39.98
CA ASN A 648 -21.35 15.00 41.19
C ASN A 648 -21.40 16.50 41.07
N GLY A 649 -21.15 17.06 39.89
CA GLY A 649 -21.03 18.50 39.77
C GLY A 649 -19.76 19.07 40.38
N HIS A 650 -19.70 20.39 40.52
CA HIS A 650 -18.52 20.98 41.13
C HIS A 650 -18.85 22.38 41.58
N THR A 651 -18.40 22.75 42.78
CA THR A 651 -18.55 24.12 43.24
C THR A 651 -17.25 24.89 43.06
N SER A 652 -17.30 26.02 42.36
CA SER A 652 -16.09 26.81 42.15
C SER A 652 -16.13 28.09 42.95
N LYS A 653 -15.02 28.41 43.59
CA LYS A 653 -14.82 29.71 44.21
C LYS A 653 -13.75 30.42 43.39
N LEU A 654 -14.18 31.09 42.32
CA LEU A 654 -13.28 31.70 41.37
C LEU A 654 -12.75 33.03 41.86
N VAL A 655 -11.47 33.23 41.66
CA VAL A 655 -10.82 34.46 42.06
C VAL A 655 -10.17 35.09 40.83
N PHE A 656 -10.57 36.32 40.48
CA PHE A 656 -10.17 36.89 39.20
C PHE A 656 -8.93 37.75 39.24
N ASP A 657 -7.93 37.32 40.02
CA ASP A 657 -6.71 38.14 40.17
C ASP A 657 -5.74 38.03 38.99
N PHE A 658 -6.11 37.21 38.00
CA PHE A 658 -5.37 37.12 36.75
C PHE A 658 -5.73 38.27 35.79
N LEU A 659 -6.85 38.96 36.03
CA LEU A 659 -7.18 40.15 35.24
C LEU A 659 -6.19 41.27 35.57
N THR A 660 -6.14 42.29 34.71
CA THR A 660 -5.13 43.35 34.80
C THR A 660 -5.55 44.42 35.81
N PRO A 661 -4.68 44.75 36.77
CA PRO A 661 -5.05 45.76 37.77
C PRO A 661 -5.48 47.08 37.11
N GLY A 662 -6.55 47.68 37.64
CA GLY A 662 -6.98 49.01 37.19
C GLY A 662 -7.92 48.95 36.00
N LYS A 663 -8.05 47.78 35.38
CA LYS A 663 -8.92 47.66 34.23
C LYS A 663 -10.31 47.15 34.59
N GLN A 664 -11.31 47.50 33.79
CA GLN A 664 -12.64 46.94 34.00
C GLN A 664 -13.03 46.04 32.81
N TYR A 665 -13.88 45.06 33.07
CA TYR A 665 -14.25 44.11 32.04
C TYR A 665 -15.74 43.87 32.12
N ILE A 666 -16.35 43.69 30.94
CA ILE A 666 -17.71 43.26 30.85
C ILE A 666 -17.75 41.73 30.79
N ALA A 667 -18.25 41.10 31.85
CA ALA A 667 -18.28 39.68 31.94
C ALA A 667 -19.68 39.17 31.68
N THR A 668 -19.80 38.13 30.86
CA THR A 668 -21.07 37.43 30.75
C THR A 668 -20.86 36.01 31.24
N VAL A 669 -21.67 35.60 32.24
CA VAL A 669 -21.61 34.27 32.84
C VAL A 669 -22.76 33.43 32.30
N TYR A 670 -22.42 32.32 31.65
CA TYR A 670 -23.41 31.37 31.15
C TYR A 670 -23.29 30.16 32.06
N ALA A 671 -24.33 29.91 32.86
CA ALA A 671 -24.21 28.91 33.92
C ALA A 671 -25.42 28.00 33.95
N ASP A 672 -25.23 26.83 34.54
CA ASP A 672 -26.32 25.93 34.84
C ASP A 672 -27.32 26.63 35.75
N ALA A 673 -28.60 26.38 35.51
CA ALA A 673 -29.65 26.76 36.46
C ALA A 673 -29.53 25.88 37.66
N LYS A 674 -30.17 26.29 38.75
CA LYS A 674 -29.96 25.62 40.01
C LYS A 674 -30.56 24.23 39.96
N ASP A 675 -31.59 24.02 39.15
CA ASP A 675 -32.12 22.67 39.03
C ASP A 675 -31.69 22.00 37.73
N ALA A 676 -30.64 22.52 37.08
CA ALA A 676 -30.10 21.87 35.86
C ALA A 676 -29.56 20.47 36.16
N ASP A 677 -29.60 19.60 35.14
CA ASP A 677 -29.09 18.24 35.30
C ASP A 677 -28.86 17.71 33.89
N TRP A 678 -27.76 16.99 33.67
CA TRP A 678 -27.49 16.52 32.29
C TRP A 678 -28.63 15.65 31.81
N LYS A 679 -29.19 14.84 32.70
CA LYS A 679 -30.19 13.89 32.24
C LYS A 679 -31.62 14.44 32.32
N GLU A 680 -31.98 15.02 33.46
CA GLU A 680 -33.38 15.36 33.66
C GLU A 680 -33.68 16.80 33.24
N ASN A 681 -32.68 17.67 33.20
CA ASN A 681 -32.92 19.08 32.89
C ASN A 681 -31.68 19.77 32.29
N PRO A 682 -31.32 19.39 31.06
CA PRO A 682 -30.05 19.85 30.46
C PRO A 682 -30.13 21.22 29.82
N GLN A 683 -31.33 21.68 29.48
CA GLN A 683 -31.41 22.92 28.77
C GLN A 683 -31.64 24.09 29.74
N ALA A 684 -31.56 23.80 31.03
CA ALA A 684 -31.75 24.83 32.07
C ALA A 684 -30.47 25.64 32.29
N TYR A 685 -30.39 26.87 31.75
CA TYR A 685 -29.21 27.72 31.90
C TYR A 685 -29.59 29.16 32.30
N THR A 686 -28.63 29.88 32.86
CA THR A 686 -28.79 31.31 33.18
C THR A 686 -27.69 32.14 32.51
N ILE A 687 -27.99 33.39 32.15
CA ILE A 687 -26.98 34.27 31.60
C ILE A 687 -26.97 35.57 32.41
N LYS A 688 -25.81 35.94 32.96
CA LYS A 688 -25.73 37.14 33.80
C LYS A 688 -24.65 38.04 33.26
N LYS A 689 -24.94 39.32 33.10
CA LYS A 689 -23.96 40.24 32.55
C LYS A 689 -23.62 41.34 33.55
N GLY A 690 -22.32 41.56 33.78
CA GLY A 690 -21.85 42.48 34.81
C GLY A 690 -20.42 42.96 34.60
N ILE A 691 -19.88 43.68 35.58
CA ILE A 691 -18.51 44.14 35.52
CA ILE A 691 -18.52 44.18 35.56
C ILE A 691 -17.66 43.28 36.46
N LEU A 692 -16.47 42.94 36.00
CA LEU A 692 -15.50 42.23 36.84
C LEU A 692 -14.24 43.05 36.81
N THR A 693 -13.46 42.94 37.86
CA THR A 693 -12.09 43.47 37.95
C THR A 693 -11.21 42.40 38.62
N ASN A 694 -9.92 42.67 38.72
CA ASN A 694 -9.04 41.72 39.40
C ASN A 694 -9.37 41.49 40.90
N LYS A 695 -10.33 42.24 41.47
CA LYS A 695 -10.75 42.05 42.84
CA LYS A 695 -10.75 42.05 42.84
C LYS A 695 -12.04 41.22 42.92
N SER A 696 -12.61 40.89 41.76
CA SER A 696 -13.86 40.12 41.79
C SER A 696 -13.69 38.64 42.19
N LYS A 697 -14.73 38.08 42.79
CA LYS A 697 -14.76 36.67 43.10
C LYS A 697 -16.13 36.21 42.74
N LEU A 698 -16.25 35.01 42.16
CA LEU A 698 -17.58 34.45 41.90
C LEU A 698 -17.63 33.05 42.40
N ASN A 699 -18.76 32.75 43.04
CA ASN A 699 -19.07 31.40 43.43
CA ASN A 699 -19.11 31.42 43.46
C ASN A 699 -20.06 30.79 42.43
N LEU A 700 -19.66 29.67 41.82
CA LEU A 700 -20.49 29.07 40.79
C LEU A 700 -20.66 27.57 41.00
N HIS A 701 -21.77 27.00 40.55
CA HIS A 701 -21.92 25.57 40.73
C HIS A 701 -22.22 24.94 39.39
N ALA A 702 -21.41 23.96 39.03
CA ALA A 702 -21.64 23.17 37.84
C ALA A 702 -22.52 22.01 38.26
N ALA A 703 -23.66 21.83 37.57
CA ALA A 703 -24.59 20.73 37.82
C ALA A 703 -23.94 19.35 37.54
N ASN A 704 -24.64 18.27 37.84
CA ASN A 704 -24.16 16.95 37.40
C ASN A 704 -24.06 16.89 35.88
N GLY A 705 -22.86 16.65 35.36
CA GLY A 705 -22.61 16.68 33.91
C GLY A 705 -22.80 18.09 33.36
N GLY A 706 -22.54 19.07 34.21
CA GLY A 706 -22.77 20.47 33.90
C GLY A 706 -21.47 21.22 33.88
N GLY A 707 -21.55 22.54 33.92
CA GLY A 707 -20.37 23.38 33.78
C GLY A 707 -20.81 24.84 33.67
N TYR A 708 -19.88 25.72 33.29
CA TYR A 708 -20.20 27.13 33.07
C TYR A 708 -19.15 27.71 32.13
N ALA A 709 -19.50 28.84 31.50
CA ALA A 709 -18.61 29.56 30.59
C ALA A 709 -18.68 31.03 30.92
N ILE A 710 -17.57 31.73 30.77
CA ILE A 710 -17.58 33.15 31.02
C ILE A 710 -16.77 33.85 29.97
N SER A 711 -17.34 34.88 29.35
CA SER A 711 -16.55 35.79 28.55
C SER A 711 -16.28 37.05 29.38
N ILE A 712 -15.05 37.52 29.32
CA ILE A 712 -14.60 38.63 30.14
C ILE A 712 -13.86 39.58 29.23
N LYS A 713 -14.59 40.56 28.70
CA LYS A 713 -14.04 41.46 27.69
C LYS A 713 -13.74 42.82 28.29
N GLU A 714 -12.52 43.26 28.05
CA GLU A 714 -12.00 44.49 28.62
C GLU A 714 -12.80 45.68 28.09
N VAL A 715 -13.22 46.56 28.99
CA VAL A 715 -14.10 47.68 28.61
C VAL A 715 -13.48 48.56 27.54
N GLN B 11 -28.35 -32.91 -19.59
CA GLN B 11 -26.89 -32.81 -19.91
C GLN B 11 -26.69 -31.91 -21.12
N GLN B 12 -25.90 -30.83 -20.97
CA GLN B 12 -25.64 -29.86 -22.06
C GLN B 12 -24.44 -30.31 -22.88
N LYS B 13 -24.48 -30.10 -24.20
CA LYS B 13 -23.37 -30.49 -25.07
CA LYS B 13 -23.38 -30.49 -25.08
C LYS B 13 -22.96 -29.33 -25.93
N LEU B 14 -21.66 -29.05 -25.97
CA LEU B 14 -21.14 -27.99 -26.80
C LEU B 14 -20.06 -28.59 -27.71
N THR B 15 -20.04 -28.21 -28.99
CA THR B 15 -19.05 -28.76 -29.90
CA THR B 15 -19.08 -28.78 -29.93
C THR B 15 -18.25 -27.68 -30.60
N SER B 16 -16.98 -27.98 -30.87
CA SER B 16 -16.14 -27.06 -31.61
C SER B 16 -16.71 -26.82 -33.03
N PRO B 17 -16.31 -25.71 -33.68
CA PRO B 17 -16.85 -25.43 -35.01
C PRO B 17 -16.52 -26.54 -36.02
N ASP B 18 -15.37 -27.18 -35.86
CA ASP B 18 -14.98 -28.25 -36.77
C ASP B 18 -15.40 -29.63 -36.26
N ASN B 19 -16.19 -29.67 -35.19
CA ASN B 19 -16.71 -30.93 -34.64
C ASN B 19 -15.74 -31.88 -33.99
N ASN B 20 -14.48 -31.49 -33.86
CA ASN B 20 -13.51 -32.38 -33.27
C ASN B 20 -13.51 -32.36 -31.75
N LEU B 21 -13.95 -31.25 -31.15
CA LEU B 21 -14.01 -31.18 -29.68
C LEU B 21 -15.45 -31.17 -29.18
N VAL B 22 -15.75 -31.95 -28.14
CA VAL B 22 -17.10 -31.91 -27.53
C VAL B 22 -16.98 -31.71 -26.02
N MET B 23 -17.67 -30.72 -25.51
CA MET B 23 -17.70 -30.48 -24.08
C MET B 23 -19.07 -30.84 -23.55
N THR B 24 -19.13 -31.72 -22.57
CA THR B 24 -20.42 -31.98 -21.92
CA THR B 24 -20.39 -32.02 -21.91
C THR B 24 -20.46 -31.43 -20.51
N PHE B 25 -21.60 -30.84 -20.17
CA PHE B 25 -21.85 -30.23 -18.84
C PHE B 25 -23.14 -30.77 -18.18
N GLN B 26 -23.07 -31.01 -16.86
CA GLN B 26 -24.26 -31.30 -16.06
CA GLN B 26 -24.24 -31.35 -16.03
C GLN B 26 -23.94 -31.01 -14.59
N VAL B 27 -24.98 -30.89 -13.77
CA VAL B 27 -24.74 -30.83 -12.33
C VAL B 27 -24.88 -32.27 -11.85
N ASP B 28 -24.07 -32.69 -10.88
CA ASP B 28 -24.22 -34.03 -10.34
C ASP B 28 -25.40 -34.07 -9.34
N SER B 29 -25.61 -35.20 -8.66
CA SER B 29 -26.79 -35.38 -7.79
C SER B 29 -26.85 -34.50 -6.53
N LYS B 30 -25.73 -33.87 -6.17
CA LYS B 30 -25.68 -32.87 -5.10
C LYS B 30 -25.60 -31.45 -5.67
N GLY B 31 -25.81 -31.31 -6.98
CA GLY B 31 -25.82 -30.01 -7.63
C GLY B 31 -24.44 -29.42 -7.91
N ALA B 32 -23.42 -30.25 -8.02
CA ALA B 32 -22.10 -29.72 -8.32
C ALA B 32 -21.90 -29.66 -9.83
N PRO B 33 -21.58 -28.45 -10.35
CA PRO B 33 -21.25 -28.24 -11.77
C PRO B 33 -20.11 -29.13 -12.22
N THR B 34 -20.34 -29.88 -13.30
CA THR B 34 -19.38 -30.90 -13.73
C THR B 34 -19.20 -30.82 -15.26
N TYR B 35 -17.95 -30.78 -15.73
CA TYR B 35 -17.71 -30.74 -17.18
C TYR B 35 -16.73 -31.82 -17.60
N GLU B 36 -16.73 -32.12 -18.90
CA GLU B 36 -15.73 -33.01 -19.44
C GLU B 36 -15.49 -32.62 -20.88
N LEU B 37 -14.34 -33.01 -21.41
CA LEU B 37 -13.89 -32.58 -22.73
C LEU B 37 -13.26 -33.72 -23.47
N THR B 38 -13.71 -33.97 -24.70
CA THR B 38 -13.06 -34.96 -25.56
C THR B 38 -12.53 -34.30 -26.82
N TYR B 39 -11.49 -34.89 -27.39
CA TYR B 39 -10.89 -34.39 -28.63
C TYR B 39 -10.69 -35.57 -29.59
N LYS B 40 -11.27 -35.48 -30.78
CA LYS B 40 -11.24 -36.61 -31.73
CA LYS B 40 -11.23 -36.61 -31.73
C LYS B 40 -11.53 -37.93 -31.00
N ASN B 41 -12.59 -37.92 -30.20
CA ASN B 41 -13.02 -39.08 -29.41
C ASN B 41 -12.05 -39.58 -28.37
N LYS B 42 -11.06 -38.77 -28.01
CA LYS B 42 -10.23 -39.09 -26.87
C LYS B 42 -10.56 -38.13 -25.71
N VAL B 43 -10.61 -38.69 -24.51
CA VAL B 43 -10.91 -37.90 -23.34
C VAL B 43 -9.68 -37.03 -23.08
N VAL B 44 -9.93 -35.72 -22.95
CA VAL B 44 -8.92 -34.74 -22.62
C VAL B 44 -9.08 -34.34 -21.14
N ILE B 45 -10.32 -34.03 -20.76
CA ILE B 45 -10.67 -33.74 -19.37
C ILE B 45 -11.75 -34.74 -18.94
N LYS B 46 -11.41 -35.60 -17.97
CA LYS B 46 -12.40 -36.48 -17.34
C LYS B 46 -13.42 -35.62 -16.61
N PRO B 47 -14.61 -36.17 -16.26
CA PRO B 47 -15.58 -35.43 -15.47
C PRO B 47 -14.88 -34.71 -14.30
N SER B 48 -15.07 -33.40 -14.24
CA SER B 48 -14.30 -32.53 -13.32
C SER B 48 -15.25 -31.48 -12.79
N THR B 49 -15.10 -31.10 -11.51
CA THR B 49 -16.07 -30.16 -10.95
C THR B 49 -15.59 -28.71 -10.98
N LEU B 50 -16.54 -27.79 -10.86
CA LEU B 50 -16.25 -26.37 -10.89
C LEU B 50 -16.98 -25.74 -9.72
N GLY B 51 -16.36 -24.82 -9.00
CA GLY B 51 -17.09 -24.04 -8.02
C GLY B 51 -16.10 -23.28 -7.17
N LEU B 52 -16.63 -22.49 -6.22
CA LEU B 52 -15.79 -21.79 -5.27
C LEU B 52 -16.24 -21.99 -3.83
N GLU B 53 -15.31 -21.83 -2.89
CA GLU B 53 -15.71 -21.74 -1.50
C GLU B 53 -15.43 -20.31 -1.05
N LEU B 54 -16.40 -19.74 -0.35
CA LEU B 54 -16.31 -18.34 0.10
C LEU B 54 -15.94 -18.24 1.57
N LYS B 55 -15.27 -17.15 1.94
CA LYS B 55 -14.94 -16.88 3.33
C LYS B 55 -16.25 -16.65 4.09
N LYS B 56 -16.29 -17.15 5.32
CA LYS B 56 -17.42 -16.97 6.20
C LYS B 56 -17.50 -15.50 6.61
N GLU B 57 -18.71 -14.95 6.63
CA GLU B 57 -18.91 -13.55 7.05
C GLU B 57 -18.64 -13.38 8.54
N ASP B 76 -22.94 -20.30 7.55
CA ASP B 76 -22.27 -21.49 7.01
C ASP B 76 -22.61 -21.78 5.55
N SER B 77 -23.91 -21.82 5.26
CA SER B 77 -24.36 -22.22 3.94
C SER B 77 -23.89 -21.24 2.85
N LYS B 78 -23.69 -19.98 3.23
CA LYS B 78 -23.24 -18.95 2.29
C LYS B 78 -21.79 -19.15 1.80
N THR B 79 -21.02 -19.91 2.57
CA THR B 79 -19.66 -20.22 2.16
C THR B 79 -19.61 -21.19 0.99
N ASN B 80 -20.72 -21.85 0.74
CA ASN B 80 -20.79 -22.80 -0.35
C ASN B 80 -21.15 -22.12 -1.67
N LEU B 81 -20.18 -21.95 -2.56
CA LEU B 81 -20.51 -21.64 -3.95
C LEU B 81 -19.96 -22.74 -4.89
N TYR B 82 -20.13 -23.99 -4.49
CA TYR B 82 -19.61 -25.13 -5.25
C TYR B 82 -20.60 -26.26 -5.50
N ASP B 83 -21.69 -26.33 -4.73
CA ASP B 83 -22.75 -27.26 -5.16
C ASP B 83 -24.16 -26.77 -4.78
N GLY B 84 -25.16 -27.63 -4.87
CA GLY B 84 -26.52 -27.18 -4.55
C GLY B 84 -27.09 -26.35 -5.69
N PHE B 85 -26.45 -26.42 -6.87
CA PHE B 85 -26.93 -25.68 -8.03
C PHE B 85 -27.93 -26.46 -8.88
N GLU B 86 -28.80 -25.73 -9.57
CA GLU B 86 -29.65 -26.32 -10.61
C GLU B 86 -29.57 -25.48 -11.88
N VAL B 87 -29.60 -26.13 -13.04
CA VAL B 87 -29.50 -25.36 -14.25
C VAL B 87 -30.81 -24.60 -14.46
N LYS B 88 -30.75 -23.27 -14.43
CA LYS B 88 -31.95 -22.41 -14.53
C LYS B 88 -32.23 -22.01 -15.98
N ASP B 89 -31.16 -21.82 -16.74
CA ASP B 89 -31.27 -21.37 -18.11
CA ASP B 89 -31.28 -21.50 -18.14
C ASP B 89 -29.94 -21.59 -18.83
N THR B 90 -29.99 -21.69 -20.15
CA THR B 90 -28.82 -21.82 -20.95
C THR B 90 -29.01 -20.92 -22.17
N GLN B 91 -27.88 -20.38 -22.62
CA GLN B 91 -27.85 -19.60 -23.86
CA GLN B 91 -27.82 -19.57 -23.85
C GLN B 91 -26.65 -20.04 -24.70
N THR B 92 -26.83 -20.11 -26.00
CA THR B 92 -25.76 -20.50 -26.94
C THR B 92 -25.57 -19.37 -27.95
N ALA B 93 -24.35 -19.26 -28.46
CA ALA B 93 -24.04 -18.29 -29.49
C ALA B 93 -22.82 -18.79 -30.27
N THR B 94 -22.56 -18.20 -31.43
CA THR B 94 -21.36 -18.54 -32.19
C THR B 94 -20.78 -17.17 -32.54
N PHE B 95 -19.46 -17.05 -32.45
CA PHE B 95 -18.77 -15.82 -32.75
C PHE B 95 -17.69 -16.18 -33.74
N ASP B 96 -17.49 -15.31 -34.73
CA ASP B 96 -16.49 -15.56 -35.76
C ASP B 96 -16.11 -14.20 -36.33
N GLU B 97 -15.05 -13.61 -35.76
CA GLU B 97 -14.58 -12.31 -36.22
C GLU B 97 -13.06 -12.30 -36.20
N THR B 98 -12.47 -11.57 -37.12
CA THR B 98 -11.02 -11.46 -37.21
CA THR B 98 -11.03 -11.47 -37.19
C THR B 98 -10.63 -10.09 -36.70
N TRP B 99 -9.48 -9.99 -36.05
CA TRP B 99 -9.04 -8.70 -35.50
C TRP B 99 -7.54 -8.62 -35.69
N GLN B 100 -6.98 -7.43 -35.54
CA GLN B 100 -5.54 -7.26 -35.80
C GLN B 100 -4.79 -6.74 -34.56
N PRO B 101 -3.79 -7.51 -34.07
CA PRO B 101 -3.04 -7.02 -32.92
C PRO B 101 -2.17 -5.85 -33.34
N VAL B 102 -1.72 -5.04 -32.37
CA VAL B 102 -0.84 -3.94 -32.73
C VAL B 102 0.51 -4.50 -33.16
N TRP B 103 0.93 -5.58 -32.51
CA TRP B 103 2.18 -6.28 -32.81
C TRP B 103 1.92 -7.76 -32.52
N GLY B 104 2.63 -8.63 -33.21
CA GLY B 104 2.48 -10.07 -32.96
C GLY B 104 3.10 -11.01 -33.97
N GLU B 105 2.65 -12.26 -33.89
CA GLU B 105 3.18 -13.34 -34.71
C GLU B 105 2.50 -13.40 -36.09
N GLU B 106 1.38 -12.70 -36.23
CA GLU B 106 0.72 -12.58 -37.53
C GLU B 106 -0.06 -11.27 -37.63
N LYS B 107 -0.42 -10.88 -38.84
CA LYS B 107 -1.16 -9.64 -39.03
C LYS B 107 -2.58 -9.73 -38.44
N GLU B 108 -3.19 -10.90 -38.56
CA GLU B 108 -4.58 -11.06 -38.22
C GLU B 108 -4.83 -12.35 -37.46
N ILE B 109 -5.77 -12.28 -36.51
CA ILE B 109 -6.15 -13.40 -35.67
C ILE B 109 -7.66 -13.61 -35.81
N ARG B 110 -8.07 -14.84 -36.06
CA ARG B 110 -9.48 -15.19 -36.16
C ARG B 110 -9.95 -15.64 -34.78
N ASN B 111 -11.08 -15.10 -34.32
CA ASN B 111 -11.69 -15.45 -33.03
C ASN B 111 -12.99 -16.19 -33.33
N HIS B 112 -12.93 -17.52 -33.31
CA HIS B 112 -14.05 -18.35 -33.80
C HIS B 112 -14.39 -19.44 -32.79
N TYR B 113 -15.57 -19.35 -32.17
CA TYR B 113 -15.92 -20.32 -31.14
C TYR B 113 -17.42 -20.55 -31.10
N ASN B 114 -17.81 -21.72 -30.59
CA ASN B 114 -19.16 -21.89 -30.11
C ASN B 114 -19.18 -21.65 -28.58
N GLU B 115 -20.21 -20.95 -28.13
CA GLU B 115 -20.36 -20.62 -26.71
C GLU B 115 -21.60 -21.27 -26.11
N LEU B 116 -21.44 -21.73 -24.88
CA LEU B 116 -22.57 -22.12 -24.05
C LEU B 116 -22.45 -21.34 -22.74
N ALA B 117 -23.51 -20.64 -22.36
CA ALA B 117 -23.61 -20.01 -21.05
C ALA B 117 -24.69 -20.71 -20.21
N VAL B 118 -24.32 -21.14 -19.01
CA VAL B 118 -25.25 -21.85 -18.11
C VAL B 118 -25.54 -21.04 -16.83
N THR B 119 -26.80 -20.66 -16.62
CA THR B 119 -27.17 -20.00 -15.37
C THR B 119 -27.46 -21.03 -14.32
N LEU B 120 -26.75 -20.94 -13.22
CA LEU B 120 -26.87 -21.90 -12.17
C LEU B 120 -27.50 -21.22 -10.96
N TYR B 121 -28.63 -21.75 -10.49
CA TYR B 121 -29.31 -21.18 -9.33
C TYR B 121 -29.09 -22.10 -8.12
N GLN B 122 -28.79 -21.48 -7.00
CA GLN B 122 -28.52 -22.14 -5.77
C GLN B 122 -29.67 -21.87 -4.78
N PRO B 123 -30.69 -22.73 -4.76
CA PRO B 123 -31.85 -22.38 -3.89
C PRO B 123 -31.50 -22.10 -2.42
N MET B 124 -30.56 -22.84 -1.84
CA MET B 124 -30.30 -22.71 -0.42
C MET B 124 -29.77 -21.32 -0.04
N ASN B 125 -29.20 -20.60 -1.00
CA ASN B 125 -28.67 -19.26 -0.73
C ASN B 125 -29.38 -18.20 -1.55
N ASP B 126 -30.41 -18.63 -2.28
CA ASP B 126 -31.18 -17.75 -3.18
C ASP B 126 -30.29 -16.86 -4.05
N ARG B 127 -29.29 -17.45 -4.71
CA ARG B 127 -28.42 -16.65 -5.57
C ARG B 127 -28.06 -17.43 -6.82
N SER B 128 -27.63 -16.74 -7.87
CA SER B 128 -27.22 -17.39 -9.11
C SER B 128 -25.79 -17.03 -9.53
N ILE B 129 -25.12 -17.95 -10.22
CA ILE B 129 -23.92 -17.61 -11.00
C ILE B 129 -24.14 -18.07 -12.44
N VAL B 130 -23.26 -17.61 -13.34
CA VAL B 130 -23.21 -18.11 -14.72
C VAL B 130 -21.85 -18.75 -14.99
N ILE B 131 -21.82 -19.94 -15.60
CA ILE B 131 -20.55 -20.42 -16.09
C ILE B 131 -20.59 -20.34 -17.62
N ARG B 132 -19.66 -19.58 -18.19
CA ARG B 132 -19.63 -19.41 -19.65
C ARG B 132 -18.54 -20.27 -20.24
N PHE B 133 -18.90 -21.05 -21.27
CA PHE B 133 -17.91 -21.92 -21.93
C PHE B 133 -17.75 -21.47 -23.38
N ARG B 134 -16.49 -21.29 -23.81
CA ARG B 134 -16.17 -21.04 -25.24
C ARG B 134 -15.30 -22.12 -25.83
N LEU B 135 -15.78 -22.74 -26.91
CA LEU B 135 -15.07 -23.92 -27.43
C LEU B 135 -14.60 -23.63 -28.86
N PHE B 136 -13.27 -23.69 -29.01
CA PHE B 136 -12.54 -23.45 -30.26
C PHE B 136 -12.10 -24.78 -30.83
N ASN B 137 -11.64 -24.74 -32.09
CA ASN B 137 -11.10 -25.90 -32.73
C ASN B 137 -9.81 -26.37 -32.02
N ASP B 138 -9.19 -25.48 -31.26
CA ASP B 138 -7.98 -25.91 -30.55
C ASP B 138 -8.13 -25.89 -29.01
N GLY B 139 -9.34 -25.79 -28.50
CA GLY B 139 -9.47 -25.87 -27.04
C GLY B 139 -10.65 -25.19 -26.40
N LEU B 140 -10.67 -25.21 -25.08
CA LEU B 140 -11.82 -24.73 -24.32
C LEU B 140 -11.40 -23.67 -23.31
N GLY B 141 -12.20 -22.61 -23.20
CA GLY B 141 -12.04 -21.64 -22.11
C GLY B 141 -13.34 -21.63 -21.34
N PHE B 142 -13.26 -21.45 -20.01
CA PHE B 142 -14.49 -21.24 -19.24
C PHE B 142 -14.19 -20.20 -18.15
N ARG B 143 -15.20 -19.46 -17.73
CA ARG B 143 -15.03 -18.56 -16.59
C ARG B 143 -16.32 -18.56 -15.79
N TYR B 144 -16.22 -18.14 -14.52
CA TYR B 144 -17.41 -17.93 -13.71
C TYR B 144 -17.81 -16.47 -13.73
N GLU B 145 -19.13 -16.22 -13.78
CA GLU B 145 -19.65 -14.86 -13.69
C GLU B 145 -20.65 -14.73 -12.56
N PHE B 146 -20.52 -13.62 -11.85
CA PHE B 146 -21.26 -13.35 -10.63
C PHE B 146 -22.11 -12.11 -10.84
N PRO B 147 -23.35 -12.28 -11.30
CA PRO B 147 -24.22 -11.12 -11.51
C PRO B 147 -24.56 -10.35 -10.21
N GLN B 148 -24.81 -9.04 -10.35
CA GLN B 148 -25.29 -8.25 -9.23
C GLN B 148 -26.70 -8.74 -8.92
N GLN B 149 -27.00 -8.92 -7.65
CA GLN B 149 -28.29 -9.45 -7.24
C GLN B 149 -28.45 -9.21 -5.76
N LYS B 150 -29.67 -9.37 -5.28
CA LYS B 150 -29.91 -9.07 -3.87
C LYS B 150 -28.99 -9.84 -2.93
N SER B 151 -28.71 -11.10 -3.22
CA SER B 151 -27.99 -11.93 -2.25
CA SER B 151 -28.02 -12.02 -2.31
C SER B 151 -26.55 -12.24 -2.63
N LEU B 152 -25.98 -11.45 -3.53
CA LEU B 152 -24.56 -11.60 -3.87
C LEU B 152 -24.00 -10.27 -4.35
N ASN B 153 -23.29 -9.58 -3.47
CA ASN B 153 -22.66 -8.32 -3.79
C ASN B 153 -21.17 -8.30 -3.45
N TYR B 154 -20.83 -8.03 -2.19
CA TYR B 154 -19.43 -8.18 -1.71
C TYR B 154 -19.18 -9.57 -1.17
N PHE B 155 -18.10 -10.20 -1.60
CA PHE B 155 -17.79 -11.51 -1.07
C PHE B 155 -16.31 -11.75 -1.18
N VAL B 156 -15.77 -12.63 -0.34
CA VAL B 156 -14.35 -12.94 -0.37
C VAL B 156 -14.18 -14.40 -0.70
N ILE B 157 -13.35 -14.70 -1.69
CA ILE B 157 -13.02 -16.06 -2.04
C ILE B 157 -12.03 -16.70 -1.09
N LYS B 158 -12.44 -17.83 -0.51
CA LYS B 158 -11.54 -18.63 0.31
CA LYS B 158 -11.56 -18.64 0.32
C LYS B 158 -10.65 -19.51 -0.55
N GLU B 159 -11.25 -20.28 -1.46
CA GLU B 159 -10.53 -21.07 -2.49
C GLU B 159 -11.38 -21.18 -3.73
N GLU B 160 -10.72 -21.22 -4.88
CA GLU B 160 -11.43 -21.60 -6.10
C GLU B 160 -11.18 -23.08 -6.29
N HIS B 161 -12.18 -23.81 -6.78
CA HIS B 161 -12.06 -25.23 -6.98
C HIS B 161 -12.40 -25.59 -8.44
N SER B 162 -11.69 -24.99 -9.40
CA SER B 162 -11.80 -25.45 -10.79
C SER B 162 -10.90 -26.67 -10.98
N GLN B 163 -11.51 -27.79 -11.38
CA GLN B 163 -10.79 -29.05 -11.59
C GLN B 163 -10.45 -29.30 -13.05
N PHE B 164 -9.32 -29.98 -13.26
CA PHE B 164 -8.91 -30.48 -14.59
C PHE B 164 -8.46 -31.94 -14.41
N GLY B 165 -9.39 -32.87 -14.56
CA GLY B 165 -9.07 -34.27 -14.34
C GLY B 165 -8.33 -34.86 -15.55
N MET B 166 -7.11 -35.31 -15.35
CA MET B 166 -6.36 -35.91 -16.47
C MET B 166 -6.79 -37.36 -16.73
N ASN B 167 -6.56 -37.83 -17.97
CA ASN B 167 -6.93 -39.20 -18.33
C ASN B 167 -5.79 -40.20 -18.20
N GLY B 168 -4.65 -39.73 -17.69
CA GLY B 168 -3.50 -40.60 -17.52
C GLY B 168 -2.37 -39.90 -16.81
N ASP B 169 -1.32 -40.67 -16.58
CA ASP B 169 -0.14 -40.19 -15.96
C ASP B 169 0.75 -39.57 -17.05
N HIS B 170 0.35 -38.39 -17.53
CA HIS B 170 1.03 -37.73 -18.65
C HIS B 170 2.42 -37.30 -18.26
N ILE B 171 3.24 -36.96 -19.27
CA ILE B 171 4.51 -36.29 -19.06
C ILE B 171 4.19 -34.81 -18.94
N ALA B 172 4.81 -34.12 -18.00
CA ALA B 172 4.57 -32.70 -17.83
C ALA B 172 5.89 -31.92 -17.86
N PHE B 173 5.77 -30.66 -18.25
CA PHE B 173 6.88 -29.74 -18.31
C PHE B 173 6.50 -28.64 -17.34
N TRP B 174 7.13 -28.61 -16.19
CA TRP B 174 6.63 -27.82 -15.06
C TRP B 174 7.70 -27.11 -14.22
N ILE B 175 7.28 -26.02 -13.58
CA ILE B 175 8.04 -25.38 -12.52
C ILE B 175 7.20 -25.39 -11.25
N PRO B 176 7.87 -25.40 -10.10
CA PRO B 176 7.19 -25.38 -8.80
C PRO B 176 6.14 -24.26 -8.67
N GLY B 177 4.92 -24.61 -8.22
CA GLY B 177 3.94 -23.62 -7.81
C GLY B 177 4.52 -22.70 -6.75
N ASP B 178 4.39 -21.39 -6.95
CA ASP B 178 5.05 -20.41 -6.07
C ASP B 178 4.32 -19.08 -6.17
N TYR B 179 4.20 -18.39 -5.05
CA TYR B 179 3.44 -17.12 -5.00
C TYR B 179 4.33 -15.93 -5.36
N ASP B 180 5.63 -16.19 -5.45
CA ASP B 180 6.61 -15.12 -5.46
C ASP B 180 7.64 -15.11 -6.59
N THR B 181 7.96 -16.25 -7.16
CA THR B 181 8.87 -16.28 -8.31
C THR B 181 8.41 -17.32 -9.33
N GLN B 182 8.77 -17.11 -10.61
CA GLN B 182 8.69 -18.13 -11.64
C GLN B 182 10.08 -18.37 -12.23
N GLU B 183 11.15 -17.95 -11.54
CA GLU B 183 12.48 -17.98 -12.17
C GLU B 183 13.16 -19.34 -11.96
N TYR B 184 12.41 -20.41 -12.17
CA TYR B 184 12.91 -21.76 -11.92
C TYR B 184 13.23 -22.42 -13.26
N ASP B 185 14.22 -23.32 -13.30
CA ASP B 185 14.33 -24.25 -14.43
C ASP B 185 13.15 -25.21 -14.48
N TYR B 186 12.75 -25.59 -15.69
CA TYR B 186 11.68 -26.59 -15.86
C TYR B 186 12.19 -27.99 -15.54
N THR B 187 11.24 -28.85 -15.15
CA THR B 187 11.52 -30.25 -14.92
C THR B 187 10.60 -30.95 -15.89
N ILE B 188 11.09 -32.04 -16.50
CA ILE B 188 10.24 -32.86 -17.38
C ILE B 188 10.02 -34.19 -16.68
N SER B 189 8.79 -34.51 -16.35
CA SER B 189 8.54 -35.74 -15.58
C SER B 189 7.10 -36.20 -15.76
N ARG B 190 6.83 -37.44 -15.37
CA ARG B 190 5.45 -37.94 -15.26
C ARG B 190 4.76 -37.18 -14.13
N LEU B 191 3.44 -37.02 -14.22
CA LEU B 191 2.68 -36.42 -13.12
C LEU B 191 2.96 -37.12 -11.79
N SER B 192 3.06 -38.47 -11.82
CA SER B 192 3.33 -39.22 -10.61
C SER B 192 4.71 -38.96 -10.02
N GLU B 193 5.60 -38.35 -10.80
CA GLU B 193 7.00 -38.11 -10.33
C GLU B 193 7.20 -36.71 -9.74
N ILE B 194 6.19 -35.87 -9.87
CA ILE B 194 6.32 -34.47 -9.45
C ILE B 194 6.64 -34.37 -7.98
N ARG B 195 5.84 -35.05 -7.16
CA ARG B 195 6.02 -35.04 -5.71
C ARG B 195 7.46 -35.36 -5.31
N GLY B 196 8.01 -36.41 -5.90
CA GLY B 196 9.39 -36.79 -5.57
C GLY B 196 10.47 -35.85 -6.08
N LEU B 197 10.16 -35.07 -7.13
CA LEU B 197 11.13 -34.12 -7.69
C LEU B 197 11.00 -32.70 -7.17
N MET B 198 9.94 -32.40 -6.44
CA MET B 198 9.67 -31.01 -6.00
C MET B 198 10.81 -30.38 -5.23
N LYS B 199 11.35 -31.13 -4.27
CA LYS B 199 12.39 -30.58 -3.40
C LYS B 199 13.58 -30.04 -4.18
N GLU B 200 14.11 -30.88 -5.05
CA GLU B 200 15.22 -30.51 -5.96
C GLU B 200 14.85 -29.40 -6.97
N ALA B 201 13.59 -29.39 -7.40
CA ALA B 201 13.09 -28.42 -8.38
C ALA B 201 13.06 -26.99 -7.80
N ILE B 202 12.89 -26.89 -6.49
CA ILE B 202 12.85 -25.57 -5.81
C ILE B 202 14.26 -25.11 -5.44
N THR B 203 14.85 -24.28 -6.30
CA THR B 203 16.17 -23.76 -6.03
C THR B 203 16.03 -22.39 -5.34
N PRO B 204 17.10 -21.95 -4.67
CA PRO B 204 17.11 -20.70 -3.92
C PRO B 204 16.73 -19.47 -4.75
N ASN B 205 15.82 -18.63 -4.22
CA ASN B 205 15.52 -17.32 -4.83
C ASN B 205 15.38 -16.26 -3.74
N SER B 206 15.54 -14.98 -4.09
CA SER B 206 15.44 -13.92 -3.09
C SER B 206 13.99 -13.74 -2.59
N SER B 207 13.01 -14.25 -3.34
CA SER B 207 11.66 -14.17 -2.84
C SER B 207 10.95 -15.33 -3.46
N GLN B 208 10.49 -16.26 -2.62
CA GLN B 208 9.86 -17.46 -3.12
C GLN B 208 8.98 -17.99 -2.01
N THR B 209 7.79 -18.43 -2.37
CA THR B 209 6.89 -19.11 -1.45
C THR B 209 6.20 -20.26 -2.19
N PRO B 210 6.82 -21.45 -2.20
CA PRO B 210 6.19 -22.68 -2.69
C PRO B 210 4.99 -23.00 -1.80
N PHE B 211 3.97 -23.65 -2.36
CA PHE B 211 2.82 -23.95 -1.51
C PHE B 211 2.49 -25.43 -1.37
N SER B 212 3.06 -26.28 -2.22
CA SER B 212 2.64 -27.67 -2.21
C SER B 212 3.72 -28.54 -2.79
N GLN B 213 3.83 -29.76 -2.25
CA GLN B 213 4.73 -30.75 -2.81
C GLN B 213 4.33 -31.22 -4.21
N THR B 214 3.07 -30.91 -4.61
CA THR B 214 2.56 -31.23 -5.96
C THR B 214 1.92 -29.99 -6.63
N GLY B 215 2.41 -28.82 -6.23
CA GLY B 215 1.94 -27.56 -6.76
C GLY B 215 2.84 -27.18 -7.93
N VAL B 216 2.20 -26.83 -9.05
CA VAL B 216 2.89 -26.31 -10.21
C VAL B 216 2.30 -24.97 -10.68
N GLN B 217 3.07 -24.24 -11.48
CA GLN B 217 2.54 -23.03 -12.11
C GLN B 217 1.91 -23.25 -13.48
N THR B 218 1.23 -22.22 -13.94
CA THR B 218 0.60 -22.17 -15.25
CA THR B 218 0.69 -22.24 -15.30
C THR B 218 1.41 -21.16 -16.11
N ALA B 219 1.48 -21.29 -17.44
CA ALA B 219 0.87 -22.35 -18.25
C ALA B 219 1.62 -23.66 -18.07
N LEU B 220 0.85 -24.73 -17.85
CA LEU B 220 1.40 -26.06 -17.70
C LEU B 220 1.27 -26.82 -19.02
N MET B 221 2.34 -27.48 -19.44
CA MET B 221 2.30 -28.20 -20.72
C MET B 221 2.44 -29.70 -20.48
N MET B 222 1.68 -30.50 -21.23
CA MET B 222 1.71 -31.93 -21.03
C MET B 222 1.72 -32.69 -22.35
N LYS B 223 2.32 -33.89 -22.33
CA LYS B 223 2.31 -34.78 -23.51
C LYS B 223 1.72 -36.12 -23.05
N THR B 224 0.69 -36.58 -23.75
CA THR B 224 -0.02 -37.78 -23.32
C THR B 224 0.48 -39.04 -24.07
N ASP B 225 0.25 -40.21 -23.47
CA ASP B 225 0.67 -41.46 -24.07
C ASP B 225 -0.11 -41.78 -25.32
N ASP B 226 -1.31 -41.23 -25.45
CA ASP B 226 -2.10 -41.49 -26.67
C ASP B 226 -2.00 -40.35 -27.70
N GLY B 227 -0.89 -39.62 -27.67
CA GLY B 227 -0.56 -38.70 -28.76
C GLY B 227 -1.14 -37.29 -28.70
N LEU B 228 -1.57 -36.83 -27.53
CA LEU B 228 -2.11 -35.47 -27.46
C LEU B 228 -1.13 -34.56 -26.73
N TYR B 229 -1.25 -33.26 -26.99
CA TYR B 229 -0.54 -32.22 -26.26
C TYR B 229 -1.57 -31.33 -25.54
N ILE B 230 -1.40 -31.09 -24.25
CA ILE B 230 -2.44 -30.36 -23.51
C ILE B 230 -1.81 -29.26 -22.71
N ASN B 231 -2.41 -28.08 -22.80
CA ASN B 231 -1.86 -26.92 -22.07
C ASN B 231 -2.94 -26.38 -21.18
N LEU B 232 -2.64 -26.16 -19.91
CA LEU B 232 -3.63 -25.64 -18.95
C LEU B 232 -3.14 -24.25 -18.52
N HIS B 233 -4.02 -23.26 -18.59
CA HIS B 233 -3.57 -21.89 -18.34
C HIS B 233 -4.79 -21.03 -17.95
N GLU B 234 -4.59 -19.73 -17.82
CA GLU B 234 -5.71 -18.82 -17.64
C GLU B 234 -5.55 -17.60 -18.57
N ALA B 235 -6.63 -16.86 -18.76
CA ALA B 235 -6.64 -15.70 -19.65
C ALA B 235 -7.31 -14.52 -18.96
N ALA B 236 -6.74 -13.32 -19.11
CA ALA B 236 -7.39 -12.08 -18.61
C ALA B 236 -7.44 -12.01 -17.08
N LEU B 237 -6.26 -12.07 -16.49
CA LEU B 237 -6.11 -12.12 -15.05
C LEU B 237 -6.18 -10.70 -14.52
N VAL B 238 -7.41 -10.29 -14.22
CA VAL B 238 -7.73 -8.92 -13.92
C VAL B 238 -8.62 -8.91 -12.66
N ASP B 239 -8.28 -8.07 -11.69
CA ASP B 239 -9.08 -7.93 -10.46
C ASP B 239 -9.32 -9.26 -9.81
N TYR B 240 -8.26 -10.05 -9.70
CA TYR B 240 -8.39 -11.42 -9.21
C TYR B 240 -7.02 -11.90 -8.91
N SER B 241 -6.92 -12.95 -8.11
CA SER B 241 -5.63 -13.51 -7.73
C SER B 241 -5.09 -14.53 -8.73
N CYS B 242 -3.76 -14.61 -8.86
CA CYS B 242 -3.15 -15.56 -9.79
C CYS B 242 -3.43 -17.04 -9.48
N MET B 243 -3.78 -17.78 -10.53
CA MET B 243 -4.11 -19.20 -10.38
C MET B 243 -2.87 -20.04 -10.59
N HIS B 244 -2.57 -20.90 -9.63
CA HIS B 244 -1.62 -22.01 -9.81
C HIS B 244 -2.39 -23.31 -9.89
N LEU B 245 -1.72 -24.45 -10.06
CA LEU B 245 -2.42 -25.75 -10.07
C LEU B 245 -1.88 -26.66 -8.98
N ASN B 246 -2.78 -27.33 -8.24
CA ASN B 246 -2.36 -28.32 -7.26
C ASN B 246 -2.75 -29.72 -7.73
N LEU B 247 -1.75 -30.59 -7.83
CA LEU B 247 -1.99 -31.91 -8.37
C LEU B 247 -2.39 -32.89 -7.28
N ASP B 248 -3.58 -33.48 -7.42
CA ASP B 248 -3.88 -34.68 -6.67
C ASP B 248 -3.29 -35.87 -7.46
N ASP B 249 -2.17 -36.40 -6.99
CA ASP B 249 -1.43 -37.42 -7.74
C ASP B 249 -1.86 -38.86 -7.48
N LYS B 250 -2.94 -39.02 -6.74
CA LYS B 250 -3.64 -40.31 -6.68
C LYS B 250 -4.64 -40.39 -7.83
N ASN B 251 -5.45 -39.36 -7.99
CA ASN B 251 -6.47 -39.37 -9.05
C ASN B 251 -6.05 -38.65 -10.34
N MET B 252 -4.86 -38.06 -10.37
CA MET B 252 -4.44 -37.23 -11.50
C MET B 252 -5.41 -36.09 -11.83
N VAL B 253 -5.76 -35.31 -10.82
CA VAL B 253 -6.66 -34.18 -11.02
C VAL B 253 -5.88 -32.93 -10.58
N PHE B 254 -5.72 -31.98 -11.50
CA PHE B 254 -5.19 -30.67 -11.13
C PHE B 254 -6.37 -29.82 -10.69
N GLU B 255 -6.12 -28.96 -9.70
CA GLU B 255 -7.16 -28.06 -9.27
C GLU B 255 -6.64 -26.63 -9.08
N SER B 256 -7.44 -25.65 -9.45
CA SER B 256 -7.04 -24.23 -9.25
C SER B 256 -6.58 -24.01 -7.81
N TRP B 257 -5.50 -23.28 -7.62
CA TRP B 257 -5.03 -22.93 -6.28
C TRP B 257 -4.58 -21.45 -6.36
N LEU B 258 -5.41 -20.54 -5.83
CA LEU B 258 -5.12 -19.11 -6.00
CA LEU B 258 -5.11 -19.12 -5.98
C LEU B 258 -4.07 -18.66 -4.97
N THR B 259 -3.59 -17.43 -5.17
CA THR B 259 -2.50 -16.89 -4.37
C THR B 259 -3.11 -16.10 -3.20
N PRO B 260 -2.68 -16.41 -1.97
CA PRO B 260 -3.32 -15.76 -0.82
C PRO B 260 -2.80 -14.34 -0.58
N ASP B 261 -3.65 -13.49 0.01
CA ASP B 261 -3.21 -12.19 0.48
C ASP B 261 -2.54 -12.33 1.84
N ALA B 262 -2.21 -11.20 2.47
CA ALA B 262 -1.45 -11.24 3.72
C ALA B 262 -2.21 -11.92 4.85
N LYS B 263 -3.53 -12.04 4.71
CA LYS B 263 -4.36 -12.70 5.72
C LYS B 263 -4.80 -14.10 5.31
N GLY B 264 -4.38 -14.57 4.13
CA GLY B 264 -4.69 -15.95 3.72
C GLY B 264 -5.90 -16.05 2.81
N ASP B 265 -6.57 -14.91 2.58
CA ASP B 265 -7.75 -14.87 1.74
C ASP B 265 -7.38 -14.81 0.25
N LYS B 266 -8.30 -15.17 -0.63
CA LYS B 266 -7.95 -15.36 -2.04
CA LYS B 266 -7.93 -15.34 -2.03
C LYS B 266 -8.79 -14.55 -3.04
N GLY B 267 -9.21 -13.36 -2.65
CA GLY B 267 -9.82 -12.41 -3.61
C GLY B 267 -11.01 -11.70 -3.02
N TYR B 268 -10.97 -10.38 -3.04
CA TYR B 268 -12.12 -9.51 -2.70
C TYR B 268 -12.92 -9.24 -3.96
N MET B 269 -14.18 -9.65 -3.96
CA MET B 269 -15.04 -9.54 -5.15
CA MET B 269 -15.02 -9.51 -5.15
C MET B 269 -16.22 -8.63 -4.86
N GLN B 270 -16.72 -8.00 -5.91
CA GLN B 270 -17.94 -7.23 -5.84
C GLN B 270 -18.74 -7.37 -7.15
N THR B 271 -19.98 -7.85 -7.06
CA THR B 271 -20.78 -8.04 -8.27
C THR B 271 -21.21 -6.70 -8.92
N PRO B 272 -21.37 -6.68 -10.23
CA PRO B 272 -21.14 -7.78 -11.15
C PRO B 272 -19.64 -7.91 -11.42
N CYS B 273 -19.15 -9.15 -11.41
CA CYS B 273 -17.73 -9.43 -11.63
C CYS B 273 -17.60 -10.84 -12.24
N ASN B 274 -16.41 -11.19 -12.68
CA ASN B 274 -16.11 -12.45 -13.38
C ASN B 274 -14.77 -12.94 -12.89
N THR B 275 -14.54 -14.24 -12.91
CA THR B 275 -13.17 -14.75 -12.75
C THR B 275 -12.48 -14.58 -14.10
N PRO B 276 -11.14 -14.70 -14.14
CA PRO B 276 -10.46 -14.84 -15.43
C PRO B 276 -10.91 -16.14 -16.07
N TRP B 277 -10.68 -16.30 -17.37
CA TRP B 277 -10.93 -17.56 -18.02
C TRP B 277 -9.91 -18.63 -17.62
N ARG B 278 -10.34 -19.88 -17.68
CA ARG B 278 -9.45 -21.02 -17.50
C ARG B 278 -9.39 -21.74 -18.86
N THR B 279 -8.21 -22.11 -19.31
CA THR B 279 -8.09 -22.61 -20.71
C THR B 279 -7.46 -23.99 -20.78
N ILE B 280 -7.98 -24.81 -21.68
CA ILE B 280 -7.42 -26.12 -21.98
C ILE B 280 -7.17 -26.07 -23.47
N ILE B 281 -5.91 -25.97 -23.88
CA ILE B 281 -5.58 -25.91 -25.30
C ILE B 281 -5.06 -27.27 -25.67
N VAL B 282 -5.59 -27.88 -26.73
CA VAL B 282 -5.30 -29.30 -26.97
C VAL B 282 -5.15 -29.58 -28.45
N SER B 283 -4.18 -30.42 -28.79
CA SER B 283 -4.01 -30.86 -30.19
C SER B 283 -3.28 -32.19 -30.27
N ASP B 284 -3.35 -32.84 -31.44
CA ASP B 284 -2.56 -34.04 -31.68
C ASP B 284 -1.24 -33.64 -32.35
N ASP B 285 -1.12 -32.33 -32.58
CA ASP B 285 0.09 -31.75 -33.18
C ASP B 285 0.67 -30.66 -32.25
N ALA B 286 1.91 -30.80 -31.79
CA ALA B 286 2.47 -29.80 -30.85
C ALA B 286 2.56 -28.39 -31.45
N ARG B 287 2.78 -28.31 -32.76
CA ARG B 287 2.83 -27.04 -33.43
C ARG B 287 1.53 -26.25 -33.27
N ASN B 288 0.42 -26.97 -33.13
CA ASN B 288 -0.87 -26.30 -32.97
C ASN B 288 -1.03 -25.66 -31.59
N ILE B 289 -0.31 -26.17 -30.60
CA ILE B 289 -0.27 -25.48 -29.31
C ILE B 289 0.37 -24.08 -29.45
N LEU B 290 1.49 -23.99 -30.17
CA LEU B 290 2.16 -22.70 -30.39
C LEU B 290 1.28 -21.79 -31.25
N ALA B 291 0.55 -22.39 -32.19
CA ALA B 291 -0.36 -21.63 -33.09
C ALA B 291 -1.59 -21.06 -32.43
N SER B 292 -2.02 -21.65 -31.31
CA SER B 292 -3.24 -21.21 -30.68
C SER B 292 -3.21 -19.75 -30.23
N ARG B 293 -4.34 -19.08 -30.44
CA ARG B 293 -4.52 -17.72 -29.99
C ARG B 293 -5.69 -17.65 -29.03
N ILE B 294 -6.04 -18.77 -28.42
CA ILE B 294 -7.15 -18.77 -27.47
C ILE B 294 -6.90 -17.71 -26.38
N THR B 295 -5.68 -17.65 -25.86
CA THR B 295 -5.44 -16.73 -24.75
C THR B 295 -5.73 -15.28 -25.09
N LEU B 296 -5.17 -14.80 -26.20
CA LEU B 296 -5.45 -13.46 -26.70
C LEU B 296 -6.93 -13.24 -27.03
N ASN B 297 -7.54 -14.20 -27.73
CA ASN B 297 -8.97 -14.12 -28.09
C ASN B 297 -9.93 -13.96 -26.91
N LEU B 298 -9.56 -14.45 -25.73
CA LEU B 298 -10.41 -14.33 -24.55
C LEU B 298 -10.15 -13.05 -23.78
N ASN B 299 -9.21 -12.21 -24.23
CA ASN B 299 -9.07 -10.91 -23.60
C ASN B 299 -9.91 -9.85 -24.32
N GLU B 300 -10.28 -8.82 -23.57
CA GLU B 300 -11.04 -7.70 -24.10
CA GLU B 300 -11.01 -7.64 -24.07
C GLU B 300 -10.25 -6.92 -25.16
N PRO B 301 -10.94 -6.46 -26.21
CA PRO B 301 -10.27 -5.75 -27.27
C PRO B 301 -9.51 -4.54 -26.75
N CYS B 302 -8.49 -4.16 -27.52
CA CYS B 302 -7.69 -2.99 -27.26
C CYS B 302 -8.46 -1.81 -26.70
N LYS B 303 -8.00 -1.27 -25.57
CA LYS B 303 -8.60 -0.08 -24.97
C LYS B 303 -7.78 1.19 -25.19
N ILE B 304 -6.64 1.08 -25.87
CA ILE B 304 -5.84 2.25 -26.21
C ILE B 304 -6.15 2.69 -27.65
N ALA B 305 -6.97 3.72 -27.82
CA ALA B 305 -7.52 3.92 -29.16
C ALA B 305 -6.44 4.30 -30.15
N ASP B 306 -5.40 4.97 -29.68
CA ASP B 306 -4.39 5.44 -30.58
C ASP B 306 -3.09 4.60 -30.53
N ALA B 307 -3.20 3.38 -30.02
CA ALA B 307 -2.02 2.55 -29.75
C ALA B 307 -1.07 2.48 -30.96
N ALA B 308 -1.61 2.26 -32.14
CA ALA B 308 -0.80 2.10 -33.34
C ALA B 308 0.09 3.32 -33.68
N SER B 309 -0.30 4.51 -33.23
CA SER B 309 0.50 5.70 -33.49
CA SER B 309 0.48 5.71 -33.47
C SER B 309 1.70 5.80 -32.58
N TRP B 310 1.71 5.06 -31.46
CA TRP B 310 2.85 5.22 -30.53
C TRP B 310 3.46 3.91 -29.98
N VAL B 311 2.71 2.82 -29.94
CA VAL B 311 3.29 1.55 -29.47
C VAL B 311 4.11 0.97 -30.62
N LYS B 312 5.42 0.83 -30.45
CA LYS B 312 6.30 0.27 -31.51
C LYS B 312 7.26 -0.77 -30.92
N PRO B 313 7.57 -1.81 -31.69
CA PRO B 313 8.56 -2.80 -31.25
C PRO B 313 9.93 -2.16 -31.04
N VAL B 314 10.74 -2.76 -30.19
CA VAL B 314 12.03 -2.19 -29.81
C VAL B 314 13.13 -3.25 -29.84
N LYS B 315 14.16 -3.03 -30.66
CA LYS B 315 15.35 -3.87 -30.54
C LYS B 315 16.38 -3.04 -29.75
N TYR B 316 17.00 -3.63 -28.74
CA TYR B 316 17.83 -2.82 -27.87
C TYR B 316 19.10 -3.49 -27.42
N ILE B 317 20.07 -2.67 -26.99
CA ILE B 317 21.20 -3.19 -26.21
C ILE B 317 21.17 -2.50 -24.84
N GLY B 318 22.13 -2.80 -23.97
CA GLY B 318 22.13 -2.12 -22.68
C GLY B 318 23.35 -2.23 -21.80
N VAL B 319 23.51 -1.24 -20.94
CA VAL B 319 24.44 -1.35 -19.84
C VAL B 319 23.73 -2.23 -18.79
N TRP B 320 24.12 -3.51 -18.70
CA TRP B 320 23.28 -4.54 -18.09
C TRP B 320 24.07 -5.78 -17.73
N TRP B 321 24.52 -6.50 -18.74
CA TRP B 321 25.36 -7.69 -18.54
C TRP B 321 26.63 -7.46 -17.67
N ASP B 322 27.23 -6.27 -17.73
CA ASP B 322 28.32 -5.93 -16.80
C ASP B 322 27.90 -6.25 -15.36
N MET B 323 26.69 -5.78 -14.98
CA MET B 323 26.32 -5.88 -13.57
C MET B 323 25.82 -7.29 -13.26
N ILE B 324 25.10 -7.88 -14.22
CA ILE B 324 24.57 -9.25 -14.07
C ILE B 324 25.71 -10.27 -13.86
N THR B 325 26.85 -10.08 -14.53
CA THR B 325 28.00 -10.98 -14.41
C THR B 325 28.90 -10.62 -13.23
N GLY B 326 28.78 -9.39 -12.72
CA GLY B 326 29.60 -8.96 -11.63
C GLY B 326 30.83 -8.21 -12.08
N LYS B 327 30.98 -8.01 -13.39
CA LYS B 327 32.08 -7.20 -13.94
C LYS B 327 31.97 -5.73 -13.47
N GLY B 328 30.76 -5.18 -13.48
CA GLY B 328 30.55 -3.81 -13.00
C GLY B 328 29.49 -3.79 -11.88
N SER B 329 29.20 -2.61 -11.38
CA SER B 329 28.20 -2.46 -10.32
CA SER B 329 28.21 -2.45 -10.31
C SER B 329 27.07 -1.53 -10.72
N TRP B 330 25.94 -1.72 -10.06
CA TRP B 330 24.83 -0.80 -10.19
C TRP B 330 25.15 0.41 -9.33
N ALA B 331 25.83 0.15 -8.21
CA ALA B 331 26.11 1.17 -7.21
C ALA B 331 27.18 2.13 -7.69
N TYR B 332 27.13 3.36 -7.18
CA TYR B 332 28.08 4.39 -7.55
C TYR B 332 29.29 4.33 -6.62
N THR B 333 29.04 4.03 -5.35
CA THR B 333 30.13 4.03 -4.36
C THR B 333 30.11 2.78 -3.49
N ASP B 334 31.27 2.36 -2.98
CA ASP B 334 31.30 1.20 -2.07
C ASP B 334 31.58 1.62 -0.63
N GLU B 335 31.70 2.90 -0.39
CA GLU B 335 32.23 3.28 0.90
C GLU B 335 31.18 3.48 1.99
N LEU B 336 29.89 3.36 1.66
CA LEU B 336 28.83 3.60 2.65
C LEU B 336 28.17 2.32 3.13
N THR B 337 27.83 2.24 4.41
CA THR B 337 27.14 1.04 4.91
CA THR B 337 27.16 1.05 4.90
C THR B 337 25.65 1.02 4.53
N SER B 338 25.08 2.18 4.25
CA SER B 338 23.69 2.25 3.72
C SER B 338 23.51 3.64 3.22
N VAL B 339 22.47 3.90 2.46
CA VAL B 339 22.26 5.25 1.98
C VAL B 339 20.86 5.72 2.40
N LYS B 340 20.70 7.03 2.58
CA LYS B 340 19.35 7.60 2.77
C LYS B 340 19.15 8.70 1.75
N LEU B 341 18.18 8.47 0.87
CA LEU B 341 17.88 9.39 -0.21
C LEU B 341 17.49 10.73 0.35
N GLY B 342 18.07 11.78 -0.23
CA GLY B 342 17.84 13.16 0.19
C GLY B 342 18.70 13.54 1.40
N GLU B 343 19.48 12.59 1.92
CA GLU B 343 20.44 12.88 2.99
C GLU B 343 21.85 12.57 2.48
N THR B 344 22.03 11.37 1.95
CA THR B 344 23.33 10.98 1.41
C THR B 344 23.72 11.91 0.27
N ASP B 345 24.94 12.45 0.34
CA ASP B 345 25.44 13.34 -0.70
C ASP B 345 26.44 12.59 -1.53
N TYR B 346 26.01 12.10 -2.68
CA TYR B 346 26.87 11.24 -3.49
C TYR B 346 28.09 11.96 -4.07
N SER B 347 27.91 13.25 -4.35
CA SER B 347 29.02 14.09 -4.85
C SER B 347 30.17 14.09 -3.87
N LYS B 348 29.90 13.72 -2.62
CA LYS B 348 30.97 13.65 -1.62
C LYS B 348 31.44 12.22 -1.35
N THR B 349 31.01 11.25 -2.16
CA THR B 349 31.47 9.87 -1.97
C THR B 349 32.50 9.53 -3.06
N LYS B 350 33.33 8.54 -2.78
CA LYS B 350 34.36 8.04 -3.69
C LYS B 350 33.74 7.05 -4.68
N PRO B 351 33.92 7.31 -5.98
CA PRO B 351 33.45 6.32 -6.96
C PRO B 351 34.14 4.99 -6.75
N ASN B 352 33.43 3.87 -6.96
CA ASN B 352 34.05 2.57 -6.71
C ASN B 352 34.86 2.06 -7.90
N GLY B 353 34.90 2.82 -8.98
CA GLY B 353 35.67 2.39 -10.14
C GLY B 353 35.01 1.29 -10.97
N LYS B 354 33.79 0.87 -10.59
CA LYS B 354 33.10 -0.17 -11.38
C LYS B 354 31.69 0.17 -11.85
N HIS B 355 31.30 1.44 -11.70
CA HIS B 355 29.93 1.80 -11.92
C HIS B 355 29.73 2.01 -13.42
N SER B 356 29.07 1.04 -14.08
CA SER B 356 29.00 1.02 -15.53
C SER B 356 28.11 2.11 -16.13
N ALA B 357 27.13 2.59 -15.35
CA ALA B 357 26.17 3.59 -15.88
C ALA B 357 26.75 4.98 -15.73
N ASN B 358 27.85 5.24 -16.43
CA ASN B 358 28.44 6.57 -16.48
C ASN B 358 28.32 7.12 -17.91
N THR B 359 28.17 8.44 -18.00
CA THR B 359 27.93 9.11 -19.29
C THR B 359 28.78 8.64 -20.45
N ALA B 360 30.09 8.53 -20.21
CA ALA B 360 31.06 8.19 -21.27
C ALA B 360 30.83 6.76 -21.79
N ASN B 361 30.65 5.83 -20.86
CA ASN B 361 30.35 4.46 -21.20
C ASN B 361 29.00 4.38 -21.90
N VAL B 362 28.00 5.05 -21.34
CA VAL B 362 26.68 5.04 -21.99
C VAL B 362 26.74 5.56 -23.42
N LYS B 363 27.49 6.64 -23.64
CA LYS B 363 27.59 7.20 -25.00
C LYS B 363 28.24 6.17 -25.98
N ARG B 364 29.24 5.42 -25.53
CA ARG B 364 29.79 4.31 -26.37
C ARG B 364 28.74 3.26 -26.74
N TYR B 365 27.87 2.91 -25.79
CA TYR B 365 26.77 2.00 -26.12
C TYR B 365 25.85 2.62 -27.15
N ILE B 366 25.51 3.89 -26.94
CA ILE B 366 24.69 4.62 -27.90
C ILE B 366 25.31 4.60 -29.33
N ASP B 367 26.62 4.85 -29.38
CA ASP B 367 27.35 4.76 -30.67
C ASP B 367 27.16 3.42 -31.38
N PHE B 368 27.29 2.31 -30.64
CA PHE B 368 27.19 0.96 -31.20
C PHE B 368 25.74 0.70 -31.63
N ALA B 369 24.79 1.10 -30.78
CA ALA B 369 23.37 0.91 -31.11
C ALA B 369 22.98 1.62 -32.42
N ALA B 370 23.37 2.88 -32.55
CA ALA B 370 23.12 3.69 -33.75
C ALA B 370 23.83 3.14 -34.97
N ALA B 371 25.10 2.74 -34.81
CA ALA B 371 25.85 2.14 -35.92
C ALA B 371 25.15 0.91 -36.46
N HIS B 372 24.53 0.12 -35.57
CA HIS B 372 24.00 -1.16 -36.03
C HIS B 372 22.51 -1.23 -36.20
N GLY B 373 21.87 -0.07 -36.20
CA GLY B 373 20.45 -0.04 -36.51
C GLY B 373 19.56 -0.45 -35.35
N PHE B 374 20.07 -0.41 -34.12
CA PHE B 374 19.21 -0.65 -32.92
C PHE B 374 18.26 0.52 -32.60
N ASP B 375 17.16 0.25 -31.89
CA ASP B 375 16.19 1.31 -31.57
C ASP B 375 16.50 2.03 -30.26
N ALA B 376 17.06 1.32 -29.30
CA ALA B 376 17.16 1.85 -27.93
C ALA B 376 18.36 1.29 -27.21
N VAL B 377 18.73 1.96 -26.11
CA VAL B 377 19.71 1.49 -25.15
C VAL B 377 19.16 1.58 -23.72
N LEU B 378 19.14 0.44 -23.02
CA LEU B 378 18.78 0.36 -21.60
CA LEU B 378 18.77 0.40 -21.59
C LEU B 378 20.01 0.74 -20.78
N VAL B 379 19.83 1.47 -19.68
CA VAL B 379 20.89 1.68 -18.67
C VAL B 379 20.34 1.41 -17.28
N GLU B 380 20.99 0.49 -16.56
CA GLU B 380 20.64 0.19 -15.16
C GLU B 380 21.73 0.72 -14.28
N GLY B 381 21.34 1.24 -13.12
CA GLY B 381 22.31 1.78 -12.17
C GLY B 381 22.44 3.28 -12.31
N TRP B 382 21.51 3.92 -13.01
CA TRP B 382 21.67 5.32 -13.34
C TRP B 382 21.25 6.22 -12.18
N ASN B 383 20.36 5.71 -11.32
CA ASN B 383 19.73 6.52 -10.27
C ASN B 383 20.24 6.28 -8.85
N GLU B 384 20.17 7.31 -8.02
CA GLU B 384 20.53 7.15 -6.61
C GLU B 384 19.79 5.98 -5.95
N GLY B 385 20.53 5.23 -5.12
CA GLY B 385 19.89 4.26 -4.26
C GLY B 385 20.41 2.85 -4.40
N TRP B 386 21.17 2.57 -5.47
CA TRP B 386 21.52 1.17 -5.80
C TRP B 386 22.38 0.47 -4.77
N GLU B 387 23.10 1.23 -3.95
CA GLU B 387 23.88 0.66 -2.83
C GLU B 387 23.07 -0.26 -1.94
N ASP B 388 21.78 -0.04 -1.82
CA ASP B 388 20.97 -0.79 -0.85
C ASP B 388 19.85 -1.57 -1.54
N TRP B 389 20.02 -1.86 -2.81
CA TRP B 389 18.89 -2.33 -3.59
C TRP B 389 18.44 -3.74 -3.27
N PHE B 390 19.36 -4.54 -2.72
CA PHE B 390 19.14 -5.97 -2.66
C PHE B 390 18.85 -6.54 -1.27
N GLY B 391 17.65 -7.06 -1.08
CA GLY B 391 17.29 -7.86 0.11
C GLY B 391 17.24 -7.14 1.46
N ASN B 392 17.10 -5.81 1.47
CA ASN B 392 17.06 -5.10 2.75
C ASN B 392 15.62 -4.84 3.18
N SER B 393 14.66 -5.25 2.35
CA SER B 393 13.27 -4.88 2.59
C SER B 393 13.14 -3.37 2.85
N LYS B 394 13.78 -2.59 2.01
CA LYS B 394 13.87 -1.16 2.20
C LYS B 394 12.71 -0.39 1.56
N ASP B 395 12.07 0.48 2.34
CA ASP B 395 10.86 1.14 1.85
C ASP B 395 11.25 2.24 0.88
N TYR B 396 11.91 3.26 1.38
CA TYR B 396 12.29 4.38 0.55
C TYR B 396 13.58 4.07 -0.21
N VAL B 397 13.50 3.14 -1.16
CA VAL B 397 14.72 2.58 -1.77
C VAL B 397 15.20 3.36 -3.02
N PHE B 398 14.26 3.92 -3.79
CA PHE B 398 14.58 4.67 -4.96
C PHE B 398 13.59 5.83 -5.07
N ASP B 399 13.95 6.88 -5.80
CA ASP B 399 12.98 7.95 -6.11
C ASP B 399 12.69 8.01 -7.62
N PHE B 400 13.44 7.22 -8.40
CA PHE B 400 13.15 7.03 -9.84
C PHE B 400 13.45 8.25 -10.73
N VAL B 401 14.05 9.28 -10.15
CA VAL B 401 14.23 10.54 -10.85
C VAL B 401 15.63 11.17 -10.65
N THR B 402 16.31 10.85 -9.56
CA THR B 402 17.59 11.54 -9.28
C THR B 402 18.81 10.74 -9.70
N PRO B 403 19.52 11.24 -10.72
CA PRO B 403 20.65 10.51 -11.30
C PRO B 403 21.86 10.56 -10.37
N TYR B 404 22.71 9.56 -10.46
CA TYR B 404 23.99 9.58 -9.77
C TYR B 404 24.86 10.70 -10.38
N PRO B 405 25.97 11.10 -9.70
CA PRO B 405 26.85 12.22 -10.20
C PRO B 405 27.49 11.99 -11.59
N ASP B 406 27.66 10.73 -12.00
CA ASP B 406 28.35 10.41 -13.24
C ASP B 406 27.37 10.02 -14.34
N PHE B 407 26.09 10.30 -14.13
CA PHE B 407 25.08 10.05 -15.15
C PHE B 407 24.38 11.36 -15.50
N ASP B 408 24.76 11.94 -16.64
CA ASP B 408 24.22 13.20 -17.06
C ASP B 408 22.96 12.98 -17.92
N VAL B 409 21.81 13.00 -17.27
CA VAL B 409 20.56 12.66 -17.91
C VAL B 409 20.34 13.46 -19.21
N LYS B 410 20.50 14.78 -19.13
CA LYS B 410 20.28 15.66 -20.28
C LYS B 410 21.29 15.42 -21.40
N GLU B 411 22.56 15.28 -21.06
CA GLU B 411 23.56 15.08 -22.10
C GLU B 411 23.32 13.76 -22.84
N ILE B 412 22.94 12.73 -22.09
CA ILE B 412 22.71 11.41 -22.66
C ILE B 412 21.45 11.45 -23.55
N HIS B 413 20.43 12.15 -23.08
CA HIS B 413 19.23 12.37 -23.92
C HIS B 413 19.57 13.02 -25.26
N ARG B 414 20.24 14.16 -25.22
CA ARG B 414 20.49 14.92 -26.44
C ARG B 414 21.39 14.15 -27.42
N TYR B 415 22.37 13.43 -26.87
CA TYR B 415 23.26 12.58 -27.66
C TYR B 415 22.49 11.43 -28.31
N ALA B 416 21.67 10.71 -27.53
CA ALA B 416 20.94 9.59 -28.08
C ALA B 416 20.00 10.08 -29.16
N ALA B 417 19.24 11.13 -28.87
CA ALA B 417 18.30 11.69 -29.83
C ALA B 417 19.00 12.06 -31.13
N ARG B 418 20.14 12.73 -31.01
CA ARG B 418 20.87 13.11 -32.22
C ARG B 418 21.29 11.86 -33.03
N LYS B 419 21.66 10.78 -32.33
CA LYS B 419 22.02 9.52 -32.98
C LYS B 419 20.81 8.65 -33.35
N GLY B 420 19.61 9.16 -33.12
CA GLY B 420 18.42 8.41 -33.51
C GLY B 420 18.16 7.22 -32.60
N ILE B 421 18.64 7.31 -31.35
CA ILE B 421 18.51 6.26 -30.37
C ILE B 421 17.60 6.76 -29.21
N LYS B 422 16.70 5.92 -28.73
CA LYS B 422 15.89 6.22 -27.54
C LYS B 422 16.52 5.54 -26.34
N MET B 423 16.63 6.24 -25.21
CA MET B 423 17.02 5.58 -23.97
C MET B 423 15.81 4.90 -23.36
N MET B 424 16.02 3.68 -22.88
CA MET B 424 14.97 2.92 -22.22
C MET B 424 15.18 3.14 -20.72
N MET B 425 14.13 3.61 -20.05
CA MET B 425 14.20 3.89 -18.62
C MET B 425 14.24 2.58 -17.84
N HIS B 426 14.86 2.63 -16.67
CA HIS B 426 14.87 1.49 -15.78
C HIS B 426 14.27 1.88 -14.42
N HIS B 427 13.18 1.21 -14.05
CA HIS B 427 12.56 1.38 -12.74
C HIS B 427 12.62 0.07 -11.92
N GLU B 428 13.80 -0.32 -11.47
CA GLU B 428 13.79 -1.38 -10.45
C GLU B 428 13.14 -0.78 -9.18
N THR B 429 12.16 -1.47 -8.60
CA THR B 429 11.50 -0.95 -7.40
C THR B 429 12.08 -1.61 -6.16
N SER B 430 12.82 -2.67 -6.38
CA SER B 430 13.28 -3.55 -5.30
CA SER B 430 13.29 -3.57 -5.32
C SER B 430 12.11 -4.03 -4.45
N ALA B 431 10.98 -4.29 -5.12
CA ALA B 431 9.72 -4.79 -4.53
C ALA B 431 9.06 -3.85 -3.50
N SER B 432 9.47 -2.60 -3.50
CA SER B 432 8.90 -1.67 -2.57
C SER B 432 7.76 -0.94 -3.30
N VAL B 433 6.56 -1.46 -3.14
CA VAL B 433 5.50 -1.10 -4.08
C VAL B 433 4.75 0.17 -3.72
N ARG B 434 4.49 0.41 -2.43
CA ARG B 434 3.91 1.72 -2.08
C ARG B 434 4.89 2.83 -2.49
N ASN B 435 6.16 2.62 -2.21
CA ASN B 435 7.15 3.61 -2.64
C ASN B 435 7.10 3.90 -4.14
N TYR B 436 6.99 2.85 -4.96
CA TYR B 436 6.88 3.11 -6.40
C TYR B 436 5.61 3.89 -6.76
N GLU B 437 4.49 3.48 -6.17
CA GLU B 437 3.22 4.15 -6.49
C GLU B 437 3.29 5.62 -6.10
N ARG B 438 3.87 5.91 -4.96
CA ARG B 438 3.99 7.31 -4.55
C ARG B 438 4.82 8.15 -5.52
N HIS B 439 5.82 7.53 -6.15
CA HIS B 439 6.72 8.23 -7.07
C HIS B 439 6.31 8.12 -8.55
N MET B 440 5.21 7.44 -8.81
CA MET B 440 4.98 6.97 -10.18
C MET B 440 4.65 8.08 -11.16
N ASP B 441 3.73 8.99 -10.78
CA ASP B 441 3.42 10.08 -11.71
C ASP B 441 4.66 10.93 -11.95
N LYS B 442 5.38 11.26 -10.89
CA LYS B 442 6.62 11.98 -11.02
C LYS B 442 7.64 11.24 -11.89
N ALA B 443 7.75 9.91 -11.70
CA ALA B 443 8.71 9.12 -12.48
C ALA B 443 8.32 9.10 -13.97
N TYR B 444 7.02 8.94 -14.25
CA TYR B 444 6.56 8.95 -15.63
C TYR B 444 6.71 10.35 -16.28
N GLN B 445 6.40 11.40 -15.52
CA GLN B 445 6.63 12.78 -16.05
C GLN B 445 8.13 13.03 -16.33
N PHE B 446 8.99 12.56 -15.43
CA PHE B 446 10.44 12.66 -15.65
C PHE B 446 10.82 11.95 -16.96
N MET B 447 10.30 10.74 -17.18
CA MET B 447 10.53 10.08 -18.45
C MET B 447 10.08 10.98 -19.62
N ALA B 448 8.87 11.49 -19.53
CA ALA B 448 8.32 12.27 -20.64
C ALA B 448 9.17 13.52 -20.86
N ASP B 449 9.67 14.11 -19.76
CA ASP B 449 10.48 15.31 -19.88
C ASP B 449 11.90 15.06 -20.40
N ASN B 450 12.36 13.80 -20.39
CA ASN B 450 13.75 13.51 -20.66
C ASN B 450 13.89 12.55 -21.82
N GLY B 451 12.81 12.41 -22.59
CA GLY B 451 12.83 11.62 -23.83
C GLY B 451 12.77 10.10 -23.70
N TYR B 452 12.30 9.58 -22.58
CA TYR B 452 12.13 8.13 -22.44
C TYR B 452 10.68 7.74 -22.71
N ASN B 453 10.46 6.78 -23.59
CA ASN B 453 9.08 6.37 -23.81
C ASN B 453 8.81 4.88 -23.56
N SER B 454 9.80 4.19 -23.01
CA SER B 454 9.64 2.83 -22.58
C SER B 454 10.42 2.62 -21.28
N VAL B 455 9.87 1.76 -20.43
CA VAL B 455 10.49 1.50 -19.15
C VAL B 455 10.50 0.02 -18.83
N LYS B 456 11.64 -0.43 -18.34
CA LYS B 456 11.77 -1.75 -17.76
CA LYS B 456 11.81 -1.75 -17.76
C LYS B 456 11.65 -1.61 -16.24
N SER B 457 10.59 -2.18 -15.68
CA SER B 457 10.46 -2.14 -14.22
C SER B 457 10.91 -3.49 -13.65
N GLY B 458 11.09 -3.55 -12.33
CA GLY B 458 11.52 -4.77 -11.64
C GLY B 458 10.89 -4.79 -10.25
N TYR B 459 10.71 -6.00 -9.71
CA TYR B 459 10.17 -6.19 -8.35
C TYR B 459 10.99 -7.29 -7.63
N VAL B 460 12.29 -7.04 -7.54
CA VAL B 460 13.20 -7.99 -6.90
C VAL B 460 13.16 -7.85 -5.38
N GLY B 461 12.87 -8.97 -4.68
CA GLY B 461 12.79 -8.97 -3.21
C GLY B 461 11.36 -9.29 -2.78
N ASN B 462 11.16 -9.48 -1.48
CA ASN B 462 9.81 -9.71 -0.99
C ASN B 462 8.98 -8.42 -1.10
N ILE B 463 7.70 -8.56 -1.42
CA ILE B 463 6.86 -7.39 -1.58
C ILE B 463 6.78 -6.53 -0.32
N ILE B 464 6.85 -5.21 -0.53
CA ILE B 464 6.39 -4.24 0.47
C ILE B 464 5.21 -3.48 -0.15
N PRO B 465 4.03 -3.49 0.50
CA PRO B 465 3.65 -3.88 1.87
C PRO B 465 3.92 -5.37 2.25
N ARG B 466 4.56 -5.56 3.39
CA ARG B 466 5.08 -6.86 3.80
C ARG B 466 3.95 -7.79 4.19
N GLY B 467 3.97 -9.02 3.67
CA GLY B 467 2.90 -10.00 3.88
C GLY B 467 2.20 -10.35 2.56
N GLU B 468 2.24 -9.44 1.58
CA GLU B 468 1.68 -9.74 0.26
C GLU B 468 2.68 -10.52 -0.57
N HIS B 469 2.16 -11.30 -1.51
CA HIS B 469 2.99 -12.03 -2.49
C HIS B 469 2.99 -11.37 -3.87
N HIS B 470 3.95 -11.71 -4.73
CA HIS B 470 4.08 -11.06 -6.03
C HIS B 470 2.81 -11.25 -6.88
N TYR B 471 2.10 -12.36 -6.69
CA TYR B 471 1.01 -12.74 -7.63
C TYR B 471 -0.39 -12.67 -7.05
N GLY B 472 -0.53 -12.06 -5.88
CA GLY B 472 -1.86 -11.92 -5.27
C GLY B 472 -2.71 -10.86 -5.99
N GLN B 473 -3.98 -10.81 -5.65
CA GLN B 473 -4.90 -9.81 -6.24
C GLN B 473 -4.41 -8.37 -6.04
N TRP B 474 -3.83 -8.11 -4.86
CA TRP B 474 -3.33 -6.76 -4.56
C TRP B 474 -2.25 -6.31 -5.58
N MET B 475 -1.25 -7.16 -5.76
CA MET B 475 -0.16 -6.86 -6.68
C MET B 475 -0.61 -6.89 -8.16
N ASN B 476 -1.53 -7.80 -8.51
CA ASN B 476 -2.05 -7.81 -9.90
C ASN B 476 -2.69 -6.48 -10.27
N ASN B 477 -3.37 -5.90 -9.29
CA ASN B 477 -3.92 -4.59 -9.40
C ASN B 477 -2.78 -3.60 -9.61
N HIS B 478 -1.78 -3.63 -8.75
CA HIS B 478 -0.61 -2.77 -8.97
C HIS B 478 0.02 -2.86 -10.36
N TYR B 479 0.36 -4.07 -10.83
CA TYR B 479 1.02 -4.13 -12.12
C TYR B 479 0.16 -3.50 -13.20
N LEU B 480 -1.15 -3.76 -13.19
CA LEU B 480 -2.00 -3.24 -14.26
C LEU B 480 -2.17 -1.71 -14.14
N TYR B 481 -2.23 -1.21 -12.90
CA TYR B 481 -2.31 0.22 -12.64
C TYR B 481 -1.07 0.90 -13.26
N ALA B 482 0.09 0.28 -13.08
CA ALA B 482 1.33 0.87 -13.65
C ALA B 482 1.20 0.89 -15.16
N VAL B 483 0.59 -0.15 -15.73
CA VAL B 483 0.38 -0.17 -17.18
C VAL B 483 -0.64 0.84 -17.72
N LYS B 484 -1.78 0.93 -17.06
CA LYS B 484 -2.82 1.86 -17.47
C LYS B 484 -2.36 3.33 -17.33
N LYS B 485 -1.66 3.63 -16.24
CA LYS B 485 -1.09 4.95 -16.03
C LYS B 485 -0.02 5.23 -17.07
N ALA B 486 0.83 4.25 -17.35
CA ALA B 486 1.84 4.45 -18.40
C ALA B 486 1.18 4.77 -19.74
N ALA B 487 0.03 4.14 -20.02
CA ALA B 487 -0.62 4.34 -21.30
C ALA B 487 -1.09 5.78 -21.43
N ASP B 488 -1.51 6.38 -20.31
CA ASP B 488 -1.91 7.81 -20.30
C ASP B 488 -0.74 8.73 -20.64
N TYR B 489 0.49 8.27 -20.37
CA TYR B 489 1.69 9.06 -20.72
C TYR B 489 2.32 8.60 -22.04
N LYS B 490 1.61 7.74 -22.79
CA LYS B 490 2.16 7.09 -23.98
CA LYS B 490 2.16 7.11 -23.99
C LYS B 490 3.52 6.41 -23.71
N ILE B 491 3.58 5.63 -22.63
CA ILE B 491 4.79 4.91 -22.24
C ILE B 491 4.55 3.41 -22.34
N MET B 492 5.57 2.72 -22.85
CA MET B 492 5.53 1.28 -22.95
C MET B 492 6.23 0.68 -21.77
N VAL B 493 5.73 -0.47 -21.32
CA VAL B 493 6.17 -1.08 -20.08
C VAL B 493 6.65 -2.51 -20.32
N ASN B 494 7.79 -2.82 -19.72
CA ASN B 494 8.31 -4.19 -19.68
C ASN B 494 8.56 -4.54 -18.22
N ALA B 495 7.69 -5.30 -17.59
CA ALA B 495 7.80 -5.50 -16.15
C ALA B 495 8.40 -6.85 -15.74
N HIS B 496 9.61 -6.81 -15.23
CA HIS B 496 10.19 -8.00 -14.62
C HIS B 496 9.61 -8.29 -13.25
N GLU B 497 9.64 -9.58 -12.88
CA GLU B 497 9.08 -10.09 -11.63
C GLU B 497 7.57 -9.94 -11.46
N ALA B 498 6.89 -9.37 -12.45
CA ALA B 498 5.44 -9.25 -12.34
C ALA B 498 4.79 -10.61 -12.55
N THR B 499 3.52 -10.69 -12.22
CA THR B 499 2.73 -11.87 -12.57
C THR B 499 2.84 -12.20 -14.06
N ARG B 500 2.99 -13.48 -14.39
CA ARG B 500 3.21 -13.93 -15.77
C ARG B 500 1.96 -13.63 -16.58
N PRO B 501 2.13 -13.30 -17.87
CA PRO B 501 1.06 -12.73 -18.65
C PRO B 501 -0.05 -13.72 -19.05
N THR B 502 -1.21 -13.16 -19.36
CA THR B 502 -2.42 -13.92 -19.62
C THR B 502 -3.22 -13.28 -20.75
N GLY B 503 -2.50 -12.59 -21.64
CA GLY B 503 -3.08 -12.01 -22.84
C GLY B 503 -3.61 -10.59 -22.70
N ILE B 504 -3.30 -9.93 -21.58
CA ILE B 504 -3.78 -8.57 -21.35
C ILE B 504 -3.19 -7.54 -22.34
N CYS B 505 -2.07 -7.91 -22.95
CA CYS B 505 -1.47 -7.06 -23.98
C CYS B 505 -2.51 -6.78 -25.07
N ARG B 506 -3.45 -7.70 -25.33
CA ARG B 506 -4.50 -7.39 -26.33
C ARG B 506 -5.23 -6.13 -25.95
N THR B 507 -5.59 -6.06 -24.65
CA THR B 507 -6.33 -4.92 -24.11
C THR B 507 -5.48 -3.65 -23.95
N TYR B 508 -4.25 -3.82 -23.45
CA TYR B 508 -3.28 -2.71 -23.29
C TYR B 508 -2.00 -3.05 -24.00
N PRO B 509 -1.93 -2.72 -25.27
CA PRO B 509 -0.78 -3.18 -26.05
C PRO B 509 0.54 -2.42 -25.72
N ASN B 510 0.51 -1.48 -24.78
CA ASN B 510 1.78 -0.85 -24.33
C ASN B 510 2.56 -1.76 -23.33
N LEU B 511 1.92 -2.85 -22.89
CA LEU B 511 2.61 -3.90 -22.15
C LEU B 511 3.34 -4.78 -23.16
N ILE B 512 4.57 -4.37 -23.49
CA ILE B 512 5.31 -4.99 -24.55
C ILE B 512 6.22 -6.10 -24.05
N GLY B 513 6.31 -6.29 -22.74
CA GLY B 513 6.98 -7.47 -22.23
C GLY B 513 6.87 -7.68 -20.74
N ASN B 514 7.22 -8.89 -20.34
CA ASN B 514 7.51 -9.21 -18.96
C ASN B 514 8.69 -10.12 -19.04
N GLU B 515 9.33 -10.36 -17.89
CA GLU B 515 10.26 -11.50 -17.77
C GLU B 515 9.41 -12.64 -17.21
N SER B 516 9.26 -12.66 -15.87
CA SER B 516 8.20 -13.47 -15.29
C SER B 516 8.37 -14.95 -15.62
N ALA B 517 9.64 -15.37 -15.65
CA ALA B 517 10.12 -16.72 -15.95
C ALA B 517 11.66 -16.61 -15.82
N ARG B 518 12.34 -17.72 -15.92
CA ARG B 518 13.81 -17.71 -15.81
C ARG B 518 14.43 -17.25 -17.15
N GLY B 519 15.08 -16.07 -17.15
CA GLY B 519 15.67 -15.51 -18.36
C GLY B 519 17.18 -15.74 -18.48
N THR B 520 17.81 -15.03 -19.42
CA THR B 520 19.21 -15.22 -19.74
C THR B 520 20.05 -14.78 -18.55
N GLU B 521 19.59 -13.81 -17.78
CA GLU B 521 20.40 -13.46 -16.62
C GLU B 521 20.83 -14.67 -15.81
N TYR B 522 20.00 -15.69 -15.72
CA TYR B 522 20.37 -16.84 -14.88
C TYR B 522 21.47 -17.72 -15.52
N GLU B 523 21.77 -17.46 -16.80
CA GLU B 523 22.89 -18.10 -17.45
C GLU B 523 24.17 -17.60 -16.83
N SER B 524 24.08 -16.47 -16.11
CA SER B 524 25.21 -15.90 -15.38
CA SER B 524 25.23 -15.93 -15.39
C SER B 524 25.20 -16.40 -13.94
N PHE B 525 24.07 -16.97 -13.52
CA PHE B 525 23.91 -17.39 -12.13
C PHE B 525 24.04 -18.91 -11.97
N GLY B 526 24.70 -19.55 -12.94
CA GLY B 526 24.83 -21.00 -12.88
C GLY B 526 24.38 -21.69 -14.16
N GLY B 527 23.53 -21.03 -14.94
CA GLY B 527 23.12 -21.59 -16.22
C GLY B 527 21.63 -21.92 -16.23
N ASN B 528 21.01 -21.90 -17.41
CA ASN B 528 19.67 -22.47 -17.58
C ASN B 528 19.80 -23.89 -18.20
N LYS B 529 18.81 -24.73 -17.98
CA LYS B 529 18.86 -26.06 -18.56
C LYS B 529 18.97 -25.94 -20.07
N VAL B 530 19.69 -26.89 -20.68
CA VAL B 530 19.94 -26.83 -22.10
C VAL B 530 18.63 -26.77 -22.86
N TYR B 531 17.61 -27.47 -22.38
CA TYR B 531 16.35 -27.46 -23.10
C TYR B 531 15.42 -26.29 -22.72
N HIS B 532 15.87 -25.34 -21.91
CA HIS B 532 14.96 -24.25 -21.46
C HIS B 532 14.16 -23.59 -22.61
N THR B 533 14.84 -23.15 -23.67
CA THR B 533 14.14 -22.40 -24.74
C THR B 533 13.28 -23.29 -25.68
N THR B 534 13.34 -24.63 -25.50
CA THR B 534 12.45 -25.51 -26.27
C THR B 534 11.18 -25.77 -25.44
N ILE B 535 11.13 -25.21 -24.22
CA ILE B 535 9.92 -25.28 -23.38
C ILE B 535 9.18 -23.95 -23.21
N LEU B 536 9.91 -22.87 -22.99
CA LEU B 536 9.22 -21.58 -22.82
C LEU B 536 8.09 -21.25 -23.82
N PRO B 537 8.28 -21.47 -25.14
CA PRO B 537 7.17 -21.10 -26.05
C PRO B 537 5.87 -21.89 -25.83
N PHE B 538 6.00 -23.09 -25.26
CA PHE B 538 4.83 -23.93 -24.91
C PHE B 538 4.24 -23.57 -23.56
N THR B 539 4.98 -22.83 -22.75
CA THR B 539 4.55 -22.48 -21.38
C THR B 539 4.46 -20.95 -21.14
N ARG B 540 5.57 -20.35 -20.71
CA ARG B 540 5.64 -18.94 -20.49
C ARG B 540 5.10 -18.03 -21.62
N LEU B 541 5.39 -18.35 -22.88
CA LEU B 541 4.94 -17.40 -23.92
C LEU B 541 3.42 -17.43 -24.16
N VAL B 542 2.73 -18.44 -23.66
CA VAL B 542 1.28 -18.45 -23.85
C VAL B 542 0.64 -17.35 -22.94
N GLY B 543 0.20 -16.24 -23.54
CA GLY B 543 -0.29 -15.12 -22.75
C GLY B 543 0.46 -13.83 -23.04
N GLY B 544 1.67 -13.95 -23.59
CA GLY B 544 2.43 -12.76 -23.93
C GLY B 544 3.91 -12.95 -24.03
N PRO B 545 4.60 -12.02 -24.69
CA PRO B 545 6.03 -12.15 -25.00
C PRO B 545 6.91 -12.11 -23.76
N MET B 546 8.13 -12.59 -23.93
CA MET B 546 9.11 -12.52 -22.85
C MET B 546 10.32 -11.69 -23.27
N ASP B 547 10.76 -10.85 -22.33
CA ASP B 547 12.02 -10.14 -22.43
C ASP B 547 13.07 -11.12 -21.96
N TYR B 548 13.45 -12.03 -22.86
CA TYR B 548 14.38 -13.11 -22.51
C TYR B 548 15.83 -12.67 -22.58
N THR B 549 16.10 -11.57 -23.27
CA THR B 549 17.49 -11.05 -23.40
C THR B 549 18.55 -12.02 -23.97
N PRO B 550 18.25 -12.59 -25.13
CA PRO B 550 19.16 -13.50 -25.84
C PRO B 550 20.37 -12.74 -26.44
N GLY B 551 21.28 -13.50 -27.06
CA GLY B 551 22.37 -12.90 -27.79
C GLY B 551 23.71 -12.86 -27.06
N ILE B 552 23.97 -13.82 -26.20
CA ILE B 552 25.31 -13.90 -25.58
C ILE B 552 26.21 -14.72 -26.50
N PHE B 553 27.29 -14.09 -26.97
CA PHE B 553 28.23 -14.72 -27.90
C PHE B 553 29.41 -15.25 -27.11
N GLU B 554 29.83 -14.52 -26.08
CA GLU B 554 30.91 -14.99 -25.24
CA GLU B 554 30.88 -15.05 -25.23
C GLU B 554 30.21 -15.72 -24.06
N THR B 555 30.05 -17.03 -24.17
CA THR B 555 29.23 -17.79 -23.23
C THR B 555 29.90 -18.15 -21.92
N HIS B 556 31.22 -17.90 -21.84
CA HIS B 556 31.95 -18.06 -20.58
C HIS B 556 31.91 -16.78 -19.76
N CYS B 557 31.19 -16.79 -18.64
CA CYS B 557 31.04 -15.57 -17.83
C CYS B 557 32.35 -15.12 -17.19
N ASN B 558 33.29 -16.05 -17.02
CA ASN B 558 34.57 -15.71 -16.36
C ASN B 558 35.42 -14.78 -17.22
N LYS B 559 35.06 -14.61 -18.49
CA LYS B 559 35.69 -13.59 -19.31
C LYS B 559 35.19 -12.18 -18.96
N MET B 560 34.01 -12.08 -18.35
CA MET B 560 33.51 -10.79 -17.86
C MET B 560 34.02 -10.50 -16.46
N ASN B 561 33.90 -11.49 -15.60
CA ASN B 561 34.47 -11.39 -14.27
CA ASN B 561 34.32 -11.42 -14.21
C ASN B 561 35.04 -12.72 -13.86
N PRO B 562 36.34 -12.68 -13.51
CA PRO B 562 37.05 -13.91 -13.29
C PRO B 562 36.46 -14.77 -12.18
N ALA B 563 35.71 -14.17 -11.25
CA ALA B 563 35.13 -14.96 -10.15
C ALA B 563 33.83 -15.67 -10.51
N ASN B 564 33.26 -15.37 -11.67
CA ASN B 564 32.00 -15.99 -12.11
C ASN B 564 32.28 -17.16 -13.10
N ASN B 565 32.13 -18.40 -12.65
CA ASN B 565 32.39 -19.51 -13.57
CA ASN B 565 32.37 -19.56 -13.50
C ASN B 565 31.12 -20.08 -14.22
N SER B 566 30.08 -19.27 -14.24
CA SER B 566 28.85 -19.71 -14.90
C SER B 566 29.10 -19.76 -16.41
N GLN B 567 28.41 -20.67 -17.10
CA GLN B 567 28.54 -20.77 -18.54
C GLN B 567 27.16 -20.83 -19.20
N VAL B 568 26.93 -19.98 -20.19
CA VAL B 568 25.62 -20.01 -20.86
C VAL B 568 25.39 -21.35 -21.59
N ARG B 569 24.34 -22.10 -21.27
CA ARG B 569 24.12 -23.37 -21.95
CA ARG B 569 24.14 -23.38 -21.93
C ARG B 569 23.57 -23.18 -23.36
N SER B 570 24.41 -22.65 -24.25
CA SER B 570 24.05 -22.41 -25.66
C SER B 570 25.25 -22.44 -26.59
N THR B 571 25.01 -22.70 -27.87
CA THR B 571 25.96 -22.30 -28.93
C THR B 571 25.60 -20.89 -29.40
N ILE B 572 26.54 -20.25 -30.11
CA ILE B 572 26.28 -18.95 -30.76
C ILE B 572 25.15 -19.04 -31.78
N ALA B 573 25.11 -20.09 -32.60
CA ALA B 573 24.00 -20.16 -33.55
C ALA B 573 22.64 -20.30 -32.86
N ARG B 574 22.57 -20.99 -31.73
CA ARG B 574 21.27 -21.10 -31.03
C ARG B 574 20.83 -19.75 -30.48
N GLN B 575 21.80 -18.95 -30.06
CA GLN B 575 21.51 -17.60 -29.58
C GLN B 575 20.88 -16.76 -30.66
N LEU B 576 21.39 -16.88 -31.89
CA LEU B 576 20.80 -16.20 -33.02
C LEU B 576 19.36 -16.67 -33.25
N ALA B 577 19.16 -17.99 -33.13
CA ALA B 577 17.87 -18.62 -33.38
C ALA B 577 16.80 -18.03 -32.48
N LEU B 578 17.19 -17.67 -31.26
CA LEU B 578 16.21 -17.17 -30.27
C LEU B 578 15.47 -15.91 -30.73
N TYR B 579 16.07 -15.11 -31.61
CA TYR B 579 15.35 -13.94 -32.20
C TYR B 579 14.12 -14.33 -33.00
N VAL B 580 14.03 -15.61 -33.37
CA VAL B 580 12.83 -16.12 -34.04
C VAL B 580 12.01 -17.06 -33.15
N THR B 581 12.68 -17.90 -32.34
CA THR B 581 11.97 -18.93 -31.58
C THR B 581 11.53 -18.47 -30.18
N MET B 582 12.04 -17.34 -29.71
CA MET B 582 11.47 -16.68 -28.51
C MET B 582 10.76 -15.41 -28.94
N TYR B 583 9.51 -15.54 -29.41
CA TYR B 583 8.76 -14.38 -29.91
C TYR B 583 8.70 -13.21 -28.90
N SER B 584 8.89 -12.00 -29.42
CA SER B 584 8.74 -10.79 -28.60
C SER B 584 8.94 -9.54 -29.45
N PRO B 585 8.04 -8.54 -29.29
CA PRO B 585 8.27 -7.30 -30.00
C PRO B 585 9.40 -6.53 -29.34
N LEU B 586 9.96 -7.08 -28.27
CA LEU B 586 10.97 -6.37 -27.51
C LEU B 586 12.16 -7.30 -27.44
N GLN B 587 13.27 -6.97 -28.11
CA GLN B 587 14.36 -7.95 -28.21
C GLN B 587 15.69 -7.32 -27.86
N MET B 588 16.36 -7.86 -26.85
CA MET B 588 17.68 -7.36 -26.50
C MET B 588 18.78 -8.16 -27.22
N ALA B 589 19.86 -7.45 -27.59
CA ALA B 589 21.15 -8.06 -27.85
C ALA B 589 21.95 -7.79 -26.57
N ALA B 590 22.00 -8.80 -25.71
CA ALA B 590 22.40 -8.63 -24.32
C ALA B 590 23.90 -8.64 -24.05
N ASP B 591 24.72 -9.05 -25.00
CA ASP B 591 26.16 -9.14 -24.70
C ASP B 591 26.72 -7.72 -24.74
N ILE B 592 27.95 -7.53 -24.27
CA ILE B 592 28.63 -6.23 -24.46
C ILE B 592 29.15 -6.00 -25.90
N PRO B 593 29.21 -4.72 -26.35
CA PRO B 593 29.59 -4.41 -27.73
C PRO B 593 30.91 -5.04 -28.16
N GLU B 594 31.93 -5.03 -27.30
CA GLU B 594 33.23 -5.59 -27.66
CA GLU B 594 33.23 -5.59 -27.66
C GLU B 594 33.14 -7.08 -27.99
N ASN B 595 32.18 -7.78 -27.39
CA ASN B 595 32.01 -9.19 -27.72
C ASN B 595 31.34 -9.38 -29.06
N TYR B 596 30.38 -8.53 -29.36
CA TYR B 596 29.78 -8.60 -30.68
C TYR B 596 30.84 -8.29 -31.76
N GLU B 597 31.77 -7.41 -31.42
CA GLU B 597 32.78 -6.94 -32.37
C GLU B 597 33.75 -8.06 -32.74
N ARG B 598 33.84 -9.07 -31.89
CA ARG B 598 34.66 -10.24 -32.15
CA ARG B 598 34.67 -10.21 -32.20
C ARG B 598 33.99 -11.21 -33.15
N PHE B 599 32.67 -11.09 -33.31
CA PHE B 599 31.93 -11.99 -34.14
C PHE B 599 30.92 -11.23 -35.00
N MET B 600 31.40 -10.24 -35.75
CA MET B 600 30.47 -9.33 -36.41
C MET B 600 29.77 -10.05 -37.52
N ASP B 601 30.40 -11.10 -38.02
CA ASP B 601 29.74 -11.84 -39.06
C ASP B 601 28.47 -12.54 -38.52
N ALA B 602 28.55 -13.12 -37.34
CA ALA B 602 27.35 -13.76 -36.76
C ALA B 602 26.33 -12.67 -36.33
N PHE B 603 26.87 -11.56 -35.86
CA PHE B 603 26.07 -10.43 -35.38
C PHE B 603 25.10 -9.93 -36.43
N GLN B 604 25.45 -10.13 -37.71
CA GLN B 604 24.64 -9.63 -38.79
C GLN B 604 23.21 -10.15 -38.71
N PHE B 605 23.04 -11.39 -38.23
CA PHE B 605 21.67 -11.90 -38.14
C PHE B 605 20.85 -11.06 -37.15
N ILE B 606 21.49 -10.63 -36.06
CA ILE B 606 20.82 -9.87 -35.02
C ILE B 606 20.44 -8.52 -35.60
N LYS B 607 21.36 -7.92 -36.36
CA LYS B 607 21.03 -6.68 -37.03
C LYS B 607 19.85 -6.78 -38.01
N ASP B 608 19.81 -7.84 -38.82
CA ASP B 608 18.78 -7.99 -39.84
C ASP B 608 17.42 -8.43 -39.33
N VAL B 609 17.41 -9.28 -38.30
CA VAL B 609 16.15 -9.93 -37.89
C VAL B 609 15.08 -8.89 -37.55
N ALA B 610 13.84 -9.13 -38.00
CA ALA B 610 12.74 -8.22 -37.70
C ALA B 610 12.19 -8.50 -36.29
N LEU B 611 11.23 -7.69 -35.86
CA LEU B 611 10.62 -7.77 -34.51
C LEU B 611 9.11 -7.99 -34.56
N ASP B 612 8.53 -7.92 -35.74
CA ASP B 612 7.07 -7.90 -35.88
C ASP B 612 6.75 -8.57 -37.19
N TRP B 613 5.64 -9.30 -37.24
CA TRP B 613 5.46 -10.31 -38.30
C TRP B 613 4.08 -10.27 -38.93
N ASP B 614 4.01 -10.55 -40.24
CA ASP B 614 2.72 -10.66 -40.90
C ASP B 614 2.24 -12.10 -40.88
N GLU B 615 3.17 -13.04 -40.83
CA GLU B 615 2.82 -14.46 -40.78
C GLU B 615 3.82 -15.23 -39.96
N THR B 616 3.33 -16.28 -39.31
CA THR B 616 4.23 -17.23 -38.67
C THR B 616 3.92 -18.65 -39.07
N ASN B 617 4.95 -19.41 -39.43
CA ASN B 617 4.80 -20.83 -39.75
CA ASN B 617 4.79 -20.84 -39.72
C ASN B 617 5.59 -21.67 -38.75
N TYR B 618 4.89 -22.53 -37.99
CA TYR B 618 5.61 -23.37 -37.04
C TYR B 618 6.06 -24.66 -37.74
N LEU B 619 7.37 -24.78 -38.03
CA LEU B 619 7.83 -25.82 -38.94
C LEU B 619 8.00 -27.14 -38.21
N GLU B 620 8.60 -27.09 -37.03
CA GLU B 620 8.81 -28.29 -36.23
C GLU B 620 8.63 -27.89 -34.78
N ALA B 621 8.02 -28.75 -33.97
CA ALA B 621 7.94 -28.42 -32.54
C ALA B 621 7.72 -29.63 -31.72
N GLU B 622 8.57 -29.82 -30.72
CA GLU B 622 8.38 -30.88 -29.73
C GLU B 622 8.92 -30.33 -28.43
N PRO B 623 8.06 -30.21 -27.42
CA PRO B 623 8.49 -29.57 -26.21
C PRO B 623 9.62 -30.32 -25.54
N GLY B 624 10.63 -29.57 -25.09
CA GLY B 624 11.77 -30.17 -24.45
C GLY B 624 12.87 -30.63 -25.41
N GLU B 625 12.56 -30.63 -26.70
CA GLU B 625 13.49 -31.21 -27.69
CA GLU B 625 13.44 -31.23 -27.73
C GLU B 625 13.90 -30.25 -28.82
N TYR B 626 12.95 -29.63 -29.50
CA TYR B 626 13.29 -28.73 -30.59
C TYR B 626 12.11 -27.84 -30.95
N ILE B 627 12.42 -26.64 -31.39
CA ILE B 627 11.42 -25.75 -31.97
C ILE B 627 11.96 -25.06 -33.22
N THR B 628 11.23 -25.16 -34.34
CA THR B 628 11.71 -24.49 -35.56
C THR B 628 10.62 -23.64 -36.15
N ILE B 629 10.93 -22.37 -36.35
CA ILE B 629 9.89 -21.41 -36.71
C ILE B 629 10.34 -20.49 -37.83
N ALA B 630 9.45 -20.30 -38.79
CA ALA B 630 9.70 -19.36 -39.87
C ALA B 630 8.63 -18.27 -39.76
N ARG B 631 9.06 -17.02 -39.90
CA ARG B 631 8.14 -15.88 -39.81
C ARG B 631 8.39 -14.88 -40.94
N LYS B 632 7.33 -14.28 -41.45
CA LYS B 632 7.47 -13.28 -42.49
C LYS B 632 7.46 -11.87 -41.90
N ALA B 633 8.56 -11.11 -42.07
CA ALA B 633 8.66 -9.76 -41.50
C ALA B 633 7.54 -8.83 -41.98
N LYS B 634 6.96 -8.06 -41.05
CA LYS B 634 5.79 -7.24 -41.35
C LYS B 634 6.04 -6.27 -42.51
N ASP B 635 5.12 -6.23 -43.48
CA ASP B 635 5.21 -5.32 -44.64
C ASP B 635 6.40 -5.61 -45.55
N THR B 636 6.95 -6.82 -45.49
CA THR B 636 7.98 -7.22 -46.43
C THR B 636 7.63 -8.57 -46.98
N ASP B 637 8.47 -9.00 -47.91
CA ASP B 637 8.41 -10.30 -48.49
C ASP B 637 9.61 -11.14 -47.98
N ASP B 638 10.18 -10.74 -46.83
CA ASP B 638 11.35 -11.43 -46.25
C ASP B 638 10.97 -12.38 -45.14
N TRP B 639 11.66 -13.51 -45.04
CA TRP B 639 11.36 -14.46 -44.01
C TRP B 639 12.57 -14.70 -43.13
N TYR B 640 12.31 -15.04 -41.87
CA TYR B 640 13.37 -15.39 -40.92
C TYR B 640 13.05 -16.70 -40.24
N VAL B 641 14.09 -17.51 -40.08
CA VAL B 641 13.92 -18.85 -39.54
C VAL B 641 14.85 -19.05 -38.36
N GLY B 642 14.33 -19.69 -37.33
CA GLY B 642 15.14 -20.15 -36.21
C GLY B 642 14.83 -21.55 -35.76
N CYS B 643 15.87 -22.27 -35.35
CA CYS B 643 15.66 -23.56 -34.73
C CYS B 643 16.44 -23.58 -33.41
N THR B 644 15.79 -24.00 -32.32
CA THR B 644 16.48 -24.17 -31.06
C THR B 644 16.33 -25.62 -30.61
N ALA B 645 17.37 -26.22 -30.02
CA ALA B 645 17.28 -27.63 -29.72
C ALA B 645 17.84 -28.03 -28.36
N GLY B 646 17.37 -29.17 -27.88
CA GLY B 646 17.78 -29.65 -26.58
C GLY B 646 19.11 -30.36 -26.51
N GLU B 647 19.24 -31.21 -25.50
CA GLU B 647 20.47 -31.88 -25.13
C GLU B 647 20.96 -32.82 -26.20
N ASN B 648 20.04 -33.28 -27.03
CA ASN B 648 20.34 -34.26 -28.09
C ASN B 648 20.52 -33.68 -29.47
N GLY B 649 20.40 -32.36 -29.59
CA GLY B 649 20.57 -31.74 -30.87
C GLY B 649 19.33 -32.05 -31.68
N HIS B 650 19.35 -31.67 -32.95
CA HIS B 650 18.20 -31.93 -33.83
C HIS B 650 18.58 -31.80 -35.28
N THR B 651 18.01 -32.66 -36.13
CA THR B 651 18.29 -32.64 -37.54
C THR B 651 17.00 -32.21 -38.23
N SER B 652 17.04 -31.12 -38.98
CA SER B 652 15.88 -30.69 -39.76
C SER B 652 16.06 -30.98 -41.25
N LYS B 653 14.97 -31.37 -41.91
CA LYS B 653 14.92 -31.39 -43.34
C LYS B 653 13.98 -30.27 -43.69
N LEU B 654 14.50 -29.08 -43.93
CA LEU B 654 13.63 -27.93 -44.15
C LEU B 654 13.10 -27.96 -45.58
N VAL B 655 11.83 -27.62 -45.75
CA VAL B 655 11.21 -27.52 -47.06
C VAL B 655 10.64 -26.11 -47.27
N PHE B 656 11.20 -25.33 -48.19
CA PHE B 656 10.84 -23.91 -48.25
C PHE B 656 9.61 -23.55 -49.08
N ASP B 657 8.60 -24.43 -49.09
CA ASP B 657 7.42 -24.22 -49.95
C ASP B 657 6.52 -23.12 -49.42
N PHE B 658 6.93 -22.46 -48.35
CA PHE B 658 6.17 -21.33 -47.86
C PHE B 658 6.62 -20.01 -48.52
N LEU B 659 7.73 -20.03 -49.26
CA LEU B 659 8.19 -18.83 -50.02
C LEU B 659 7.28 -18.61 -51.22
N THR B 660 7.38 -17.46 -51.87
CA THR B 660 6.44 -17.16 -52.93
C THR B 660 6.87 -17.81 -54.24
N PRO B 661 5.91 -18.41 -54.96
CA PRO B 661 6.18 -19.03 -56.25
C PRO B 661 6.76 -18.03 -57.22
N GLY B 662 7.81 -18.44 -57.91
CA GLY B 662 8.41 -17.60 -58.93
C GLY B 662 9.39 -16.56 -58.40
N LYS B 663 9.53 -16.41 -57.08
CA LYS B 663 10.46 -15.40 -56.54
C LYS B 663 11.83 -16.01 -56.21
N GLN B 664 12.84 -15.15 -56.10
CA GLN B 664 14.15 -15.61 -55.73
C GLN B 664 14.56 -14.91 -54.44
N TYR B 665 15.26 -15.62 -53.57
CA TYR B 665 15.61 -15.08 -52.27
C TYR B 665 17.09 -15.29 -51.97
N ILE B 666 17.68 -14.29 -51.33
CA ILE B 666 19.04 -14.42 -50.81
C ILE B 666 19.01 -14.91 -49.38
N ALA B 667 19.43 -16.16 -49.18
CA ALA B 667 19.37 -16.74 -47.86
C ALA B 667 20.77 -16.73 -47.27
N THR B 668 20.85 -16.39 -45.99
CA THR B 668 22.09 -16.51 -45.25
C THR B 668 21.81 -17.45 -44.10
N VAL B 669 22.54 -18.57 -44.09
CA VAL B 669 22.36 -19.61 -43.08
C VAL B 669 23.50 -19.53 -42.02
N TYR B 670 23.10 -19.26 -40.79
CA TYR B 670 23.99 -19.28 -39.63
C TYR B 670 23.77 -20.58 -38.86
N ALA B 671 24.73 -21.46 -38.87
CA ALA B 671 24.53 -22.80 -38.33
C ALA B 671 25.68 -23.18 -37.43
N ASP B 672 25.41 -24.14 -36.55
CA ASP B 672 26.43 -24.84 -35.78
C ASP B 672 27.41 -25.48 -36.77
N ALA B 673 28.71 -25.28 -36.52
CA ALA B 673 29.77 -26.00 -37.20
C ALA B 673 29.71 -27.44 -36.76
N LYS B 674 30.29 -28.33 -37.55
CA LYS B 674 30.41 -29.72 -37.15
C LYS B 674 31.11 -29.82 -35.79
N ASP B 675 30.51 -30.62 -34.91
CA ASP B 675 31.05 -30.76 -33.56
C ASP B 675 30.98 -29.49 -32.70
N ALA B 676 30.23 -28.48 -33.13
CA ALA B 676 29.80 -27.46 -32.15
C ALA B 676 29.15 -28.17 -30.98
N ASP B 677 29.17 -27.53 -29.80
CA ASP B 677 28.57 -28.10 -28.59
C ASP B 677 28.45 -26.97 -27.57
N TRP B 678 27.29 -26.86 -26.92
CA TRP B 678 27.07 -25.79 -25.95
C TRP B 678 28.18 -25.76 -24.92
N LYS B 679 28.61 -26.94 -24.47
CA LYS B 679 29.61 -27.01 -23.39
C LYS B 679 31.06 -26.94 -23.87
N GLU B 680 31.43 -27.82 -24.80
CA GLU B 680 32.83 -27.95 -25.22
C GLU B 680 33.20 -27.02 -26.37
N ASN B 681 32.23 -26.64 -27.18
CA ASN B 681 32.56 -25.89 -28.39
C ASN B 681 31.40 -24.98 -28.80
N PRO B 682 31.13 -23.94 -27.97
CA PRO B 682 29.95 -23.06 -28.20
C PRO B 682 30.08 -22.04 -29.32
N GLN B 683 31.32 -21.64 -29.64
CA GLN B 683 31.52 -20.55 -30.58
C GLN B 683 31.81 -21.00 -32.00
N ALA B 684 31.64 -22.29 -32.28
CA ALA B 684 31.89 -22.84 -33.60
C ALA B 684 30.63 -22.76 -34.46
N TYR B 685 30.62 -21.87 -35.45
CA TYR B 685 29.47 -21.69 -36.34
C TYR B 685 29.95 -21.53 -37.77
N THR B 686 29.07 -21.75 -38.74
CA THR B 686 29.35 -21.39 -40.12
C THR B 686 28.30 -20.41 -40.64
N ILE B 687 28.66 -19.71 -41.72
CA ILE B 687 27.75 -18.81 -42.40
C ILE B 687 27.83 -19.11 -43.91
N LYS B 688 26.70 -19.41 -44.55
CA LYS B 688 26.66 -19.72 -45.98
C LYS B 688 25.54 -18.90 -46.60
N LYS B 689 25.81 -18.35 -47.77
CA LYS B 689 24.91 -17.46 -48.42
C LYS B 689 24.63 -18.10 -49.78
N GLY B 690 23.41 -17.97 -50.29
CA GLY B 690 23.05 -18.66 -51.55
C GLY B 690 21.65 -18.23 -51.91
N ILE B 691 21.07 -18.85 -52.95
CA ILE B 691 19.72 -18.50 -53.41
C ILE B 691 18.72 -19.55 -52.95
N LEU B 692 17.52 -19.13 -52.56
CA LEU B 692 16.45 -20.08 -52.25
C LEU B 692 15.23 -19.72 -53.05
N THR B 693 14.40 -20.71 -53.33
CA THR B 693 13.09 -20.45 -53.91
C THR B 693 12.16 -21.43 -53.20
N ASN B 694 10.88 -21.42 -53.55
CA ASN B 694 9.94 -22.33 -52.89
C ASN B 694 10.19 -23.83 -53.24
N LYS B 695 11.16 -24.09 -54.12
CA LYS B 695 11.50 -25.46 -54.48
C LYS B 695 12.68 -25.94 -53.68
N SER B 696 13.28 -25.03 -52.93
CA SER B 696 14.49 -25.31 -52.15
CA SER B 696 14.49 -25.38 -52.21
C SER B 696 14.24 -26.23 -50.96
N LYS B 697 15.23 -27.04 -50.62
CA LYS B 697 15.19 -27.88 -49.43
CA LYS B 697 15.19 -27.84 -49.41
C LYS B 697 16.58 -27.78 -48.78
N LEU B 698 16.64 -27.85 -47.45
CA LEU B 698 17.96 -27.81 -46.78
C LEU B 698 17.96 -28.80 -45.62
N ASN B 699 19.04 -29.53 -45.48
CA ASN B 699 19.21 -30.37 -44.31
CA ASN B 699 19.23 -30.39 -44.31
C ASN B 699 20.18 -29.70 -43.34
N LEU B 700 19.76 -29.52 -42.09
CA LEU B 700 20.59 -28.80 -41.10
C LEU B 700 20.65 -29.51 -39.78
N HIS B 701 21.78 -29.45 -39.10
CA HIS B 701 21.84 -30.12 -37.83
C HIS B 701 22.10 -29.11 -36.71
N ALA B 702 21.24 -29.09 -35.69
CA ALA B 702 21.47 -28.31 -34.49
C ALA B 702 22.26 -29.17 -33.51
N ALA B 703 23.35 -28.63 -32.99
CA ALA B 703 24.14 -29.35 -32.01
C ALA B 703 23.42 -29.52 -30.66
N ASN B 704 24.07 -30.21 -29.71
CA ASN B 704 23.59 -30.29 -28.37
C ASN B 704 23.53 -28.86 -27.80
N GLY B 705 22.33 -28.40 -27.48
CA GLY B 705 22.17 -27.01 -27.01
C GLY B 705 22.48 -26.03 -28.13
N GLY B 706 22.28 -26.47 -29.37
CA GLY B 706 22.58 -25.66 -30.54
C GLY B 706 21.34 -25.28 -31.30
N GLY B 707 21.52 -24.75 -32.51
CA GLY B 707 20.37 -24.44 -33.37
C GLY B 707 20.91 -23.77 -34.61
N TYR B 708 20.07 -23.01 -35.33
CA TYR B 708 20.54 -22.25 -36.46
C TYR B 708 19.58 -21.14 -36.74
N ALA B 709 20.00 -20.19 -37.57
CA ALA B 709 19.20 -19.04 -37.97
C ALA B 709 19.33 -18.82 -39.47
N ILE B 710 18.26 -18.41 -40.13
CA ILE B 710 18.32 -18.10 -41.55
C ILE B 710 17.59 -16.79 -41.86
N SER B 711 18.27 -15.89 -42.59
CA SER B 711 17.60 -14.73 -43.14
C SER B 711 17.31 -15.03 -44.59
N ILE B 712 16.11 -14.70 -45.04
CA ILE B 712 15.67 -15.05 -46.41
C ILE B 712 15.04 -13.83 -47.05
N LYS B 713 15.87 -13.09 -47.78
CA LYS B 713 15.50 -11.78 -48.28
C LYS B 713 15.18 -11.79 -49.77
N GLU B 714 14.00 -11.29 -50.12
CA GLU B 714 13.55 -11.30 -51.49
C GLU B 714 14.50 -10.47 -52.35
N VAL B 715 14.88 -10.98 -53.52
CA VAL B 715 15.89 -10.32 -54.36
C VAL B 715 15.52 -8.93 -54.92
CA CA C . -14.87 8.63 14.15
C1 EDO D . -17.53 6.84 12.71
O1 EDO D . -16.94 8.16 12.80
C2 EDO D . -17.23 6.16 14.04
O2 EDO D . -15.78 6.26 14.17
C1 EDO E . -17.59 9.56 8.13
O1 EDO E . -16.49 10.44 7.78
C2 EDO E . -18.18 9.90 9.49
O2 EDO E . -18.48 11.30 9.60
C1 EDO F . 2.15 24.34 16.09
O1 EDO F . 2.98 25.53 16.20
C2 EDO F . 1.42 23.95 17.37
O2 EDO F . 2.34 23.34 18.30
C1 EDO G . -30.73 20.42 7.72
O1 EDO G . -29.44 19.78 7.59
C2 EDO G . -31.09 20.46 9.20
O2 EDO G . -31.30 19.13 9.67
CA CA H . 14.80 -11.06 -12.68
C1 EDO I . 17.09 -11.91 -10.15
O1 EDO I . 15.67 -11.95 -10.42
C2 EDO I . 17.55 -10.49 -10.41
O2 EDO I . 16.92 -10.11 -11.65
C1 EDO J . 18.42 -6.46 -12.10
O1 EDO J . 18.77 -6.22 -13.48
C2 EDO J . 18.18 -5.15 -11.39
O2 EDO J . 16.90 -4.70 -11.79
C1 EDO K . -1.24 -6.20 -28.69
O1 EDO K . -1.98 -5.80 -29.85
C2 EDO K . -0.68 -7.61 -28.85
O2 EDO K . -1.76 -8.55 -28.67
C1 EDO L . 31.56 -1.72 -20.64
O1 EDO L . 30.17 -1.73 -20.24
C2 EDO L . 31.95 -3.06 -21.28
O2 EDO L . 32.06 -4.07 -20.24
#